data_1WV9
# 
_entry.id   1WV9 
# 
_audit_conform.dict_name       mmcif_pdbx.dic 
_audit_conform.dict_version    5.398 
_audit_conform.dict_location   http://mmcif.pdb.org/dictionaries/ascii/mmcif_pdbx.dic 
# 
loop_
_database_2.database_id 
_database_2.database_code 
_database_2.pdbx_database_accession 
_database_2.pdbx_DOI 
PDB   1WV9         pdb_00001wv9 10.2210/pdb1wv9/pdb 
RCSB  RCSB024041   ?            ?                   
WWPDB D_1000024041 ?            ?                   
# 
loop_
_pdbx_audit_revision_history.ordinal 
_pdbx_audit_revision_history.data_content_type 
_pdbx_audit_revision_history.major_revision 
_pdbx_audit_revision_history.minor_revision 
_pdbx_audit_revision_history.revision_date 
1 'Structure model' 1 0 2005-06-19 
2 'Structure model' 1 1 2008-04-30 
3 'Structure model' 1 2 2011-07-13 
4 'Structure model' 1 3 2024-10-30 
# 
_pdbx_audit_revision_details.ordinal             1 
_pdbx_audit_revision_details.revision_ordinal    1 
_pdbx_audit_revision_details.data_content_type   'Structure model' 
_pdbx_audit_revision_details.provider            repository 
_pdbx_audit_revision_details.type                'Initial release' 
_pdbx_audit_revision_details.description         ? 
_pdbx_audit_revision_details.details             ? 
# 
loop_
_pdbx_audit_revision_group.ordinal 
_pdbx_audit_revision_group.revision_ordinal 
_pdbx_audit_revision_group.data_content_type 
_pdbx_audit_revision_group.group 
1 2 'Structure model' 'Version format compliance' 
2 3 'Structure model' 'Version format compliance' 
3 4 'Structure model' 'Data collection'           
4 4 'Structure model' 'Database references'       
5 4 'Structure model' 'Derived calculations'      
6 4 'Structure model' 'Structure summary'         
# 
loop_
_pdbx_audit_revision_category.ordinal 
_pdbx_audit_revision_category.revision_ordinal 
_pdbx_audit_revision_category.data_content_type 
_pdbx_audit_revision_category.category 
1 4 'Structure model' chem_comp_atom            
2 4 'Structure model' chem_comp_bond            
3 4 'Structure model' database_2                
4 4 'Structure model' pdbx_entry_details        
5 4 'Structure model' pdbx_modification_feature 
6 4 'Structure model' struct_conn               
7 4 'Structure model' struct_ref_seq_dif        
# 
loop_
_pdbx_audit_revision_item.ordinal 
_pdbx_audit_revision_item.revision_ordinal 
_pdbx_audit_revision_item.data_content_type 
_pdbx_audit_revision_item.item 
1 4 'Structure model' '_database_2.pdbx_DOI'                
2 4 'Structure model' '_database_2.pdbx_database_accession' 
3 4 'Structure model' '_struct_conn.pdbx_leaving_atom_flag' 
4 4 'Structure model' '_struct_ref_seq_dif.details'         
# 
_pdbx_database_status.status_code                     REL 
_pdbx_database_status.entry_id                        1WV9 
_pdbx_database_status.recvd_initial_deposition_date   2004-12-12 
_pdbx_database_status.deposit_site                    PDBJ 
_pdbx_database_status.process_site                    PDBJ 
_pdbx_database_status.SG_entry                        Y 
_pdbx_database_status.status_code_sf                  REL 
_pdbx_database_status.status_code_mr                  ? 
_pdbx_database_status.pdb_format_compatible           Y 
_pdbx_database_status.status_code_cs                  ? 
_pdbx_database_status.status_code_nmr_data            ? 
_pdbx_database_status.methods_development_category    ? 
# 
_pdbx_database_related.db_name        TargetDB 
_pdbx_database_related.db_id          ttk003001651.1 
_pdbx_database_related.details        . 
_pdbx_database_related.content_type   unspecified 
# 
loop_
_audit_author.name 
_audit_author.pdbx_ordinal 
'Mizohata, E.'                                           1 
'Hattori, M.'                                            2 
'Tatsuguchi, A.'                                         3 
'Terada, T.'                                             4 
'Kuramitsu, S.'                                          5 
'Shirouzu, M.'                                           6 
'Yokoyama, S.'                                           7 
'RIKEN Structural Genomics/Proteomics Initiative (RSGI)' 8 
# 
_citation.id                        primary 
_citation.title                     
'Crystal structure of the single-domain rhodanese homologue TTHA0613 from Thermus thermophilus HB8' 
_citation.journal_abbrev            Proteins 
_citation.journal_volume            64 
_citation.page_first                284 
_citation.page_last                 287 
_citation.year                      2006 
_citation.journal_id_ASTM           PSFGEY 
_citation.country                   US 
_citation.journal_id_ISSN           0887-3585 
_citation.journal_id_CSD            0867 
_citation.book_publisher            ? 
_citation.pdbx_database_id_PubMed   16680676 
_citation.pdbx_database_id_DOI      10.1002/prot.20937 
# 
loop_
_citation_author.citation_id 
_citation_author.name 
_citation_author.ordinal 
_citation_author.identifier_ORCID 
primary 'Hattori, M.'    1  ? 
primary 'Mizohata, E.'   2  ? 
primary 'Tatsuguchi, A.' 3  ? 
primary 'Shibata, R.'    4  ? 
primary 'Kishishita, S.' 5  ? 
primary 'Murayama, K.'   6  ? 
primary 'Terada, T.'     7  ? 
primary 'Kuramitsu, S.'  8  ? 
primary 'Shirouzu, M.'   9  ? 
primary 'Yokoyama, S.'   10 ? 
# 
loop_
_entity.id 
_entity.type 
_entity.src_method 
_entity.pdbx_description 
_entity.formula_weight 
_entity.pdbx_number_of_molecules 
_entity.pdbx_ec 
_entity.pdbx_mutation 
_entity.pdbx_fragment 
_entity.details 
1 polymer man 'Rhodanese Homolog TT1651' 10479.888 2   ? ? ? ? 
2 water   nat water                      18.015    132 ? ? ? ? 
# 
_entity_name_com.entity_id   1 
_entity_name_com.name        'hypothetical protein TTHA0613' 
# 
_entity_poly.entity_id                      1 
_entity_poly.type                           'polypeptide(L)' 
_entity_poly.nstd_linkage                   no 
_entity_poly.nstd_monomer                   yes 
_entity_poly.pdbx_seq_one_letter_code       
;(MSE)RKVRPEELPALLEEGVLVVDVRPADRRSTPLPFAAEWVPLEKIQKGEHGLPRRPLLLVCEKGLLSQVAALYLEAE
GYEA(MSE)SLEGGLQALTQGK
;
_entity_poly.pdbx_seq_one_letter_code_can   
;MRKVRPEELPALLEEGVLVVDVRPADRRSTPLPFAAEWVPLEKIQKGEHGLPRRPLLLVCEKGLLSQVAALYLEAEGYEA
MSLEGGLQALTQGK
;
_entity_poly.pdbx_strand_id                 A,B 
_entity_poly.pdbx_target_identifier         ttk003001651.1 
# 
_pdbx_entity_nonpoly.entity_id   2 
_pdbx_entity_nonpoly.name        water 
_pdbx_entity_nonpoly.comp_id     HOH 
# 
loop_
_entity_poly_seq.entity_id 
_entity_poly_seq.num 
_entity_poly_seq.mon_id 
_entity_poly_seq.hetero 
1 1  MSE n 
1 2  ARG n 
1 3  LYS n 
1 4  VAL n 
1 5  ARG n 
1 6  PRO n 
1 7  GLU n 
1 8  GLU n 
1 9  LEU n 
1 10 PRO n 
1 11 ALA n 
1 12 LEU n 
1 13 LEU n 
1 14 GLU n 
1 15 GLU n 
1 16 GLY n 
1 17 VAL n 
1 18 LEU n 
1 19 VAL n 
1 20 VAL n 
1 21 ASP n 
1 22 VAL n 
1 23 ARG n 
1 24 PRO n 
1 25 ALA n 
1 26 ASP n 
1 27 ARG n 
1 28 ARG n 
1 29 SER n 
1 30 THR n 
1 31 PRO n 
1 32 LEU n 
1 33 PRO n 
1 34 PHE n 
1 35 ALA n 
1 36 ALA n 
1 37 GLU n 
1 38 TRP n 
1 39 VAL n 
1 40 PRO n 
1 41 LEU n 
1 42 GLU n 
1 43 LYS n 
1 44 ILE n 
1 45 GLN n 
1 46 LYS n 
1 47 GLY n 
1 48 GLU n 
1 49 HIS n 
1 50 GLY n 
1 51 LEU n 
1 52 PRO n 
1 53 ARG n 
1 54 ARG n 
1 55 PRO n 
1 56 LEU n 
1 57 LEU n 
1 58 LEU n 
1 59 VAL n 
1 60 CYS n 
1 61 GLU n 
1 62 LYS n 
1 63 GLY n 
1 64 LEU n 
1 65 LEU n 
1 66 SER n 
1 67 GLN n 
1 68 VAL n 
1 69 ALA n 
1 70 ALA n 
1 71 LEU n 
1 72 TYR n 
1 73 LEU n 
1 74 GLU n 
1 75 ALA n 
1 76 GLU n 
1 77 GLY n 
1 78 TYR n 
1 79 GLU n 
1 80 ALA n 
1 81 MSE n 
1 82 SER n 
1 83 LEU n 
1 84 GLU n 
1 85 GLY n 
1 86 GLY n 
1 87 LEU n 
1 88 GLN n 
1 89 ALA n 
1 90 LEU n 
1 91 THR n 
1 92 GLN n 
1 93 GLY n 
1 94 LYS n 
# 
_entity_src_gen.entity_id                          1 
_entity_src_gen.pdbx_src_id                        1 
_entity_src_gen.pdbx_alt_source_flag               sample 
_entity_src_gen.pdbx_seq_type                      ? 
_entity_src_gen.pdbx_beg_seq_num                   ? 
_entity_src_gen.pdbx_end_seq_num                   ? 
_entity_src_gen.gene_src_common_name               ? 
_entity_src_gen.gene_src_genus                     Thermus 
_entity_src_gen.pdbx_gene_src_gene                 ? 
_entity_src_gen.gene_src_species                   ? 
_entity_src_gen.gene_src_strain                    ? 
_entity_src_gen.gene_src_tissue                    ? 
_entity_src_gen.gene_src_tissue_fraction           ? 
_entity_src_gen.gene_src_details                   ? 
_entity_src_gen.pdbx_gene_src_fragment             ? 
_entity_src_gen.pdbx_gene_src_scientific_name      'Thermus thermophilus' 
_entity_src_gen.pdbx_gene_src_ncbi_taxonomy_id     274 
_entity_src_gen.pdbx_gene_src_variant              ? 
_entity_src_gen.pdbx_gene_src_cell_line            ? 
_entity_src_gen.pdbx_gene_src_atcc                 ? 
_entity_src_gen.pdbx_gene_src_organ                ? 
_entity_src_gen.pdbx_gene_src_organelle            ? 
_entity_src_gen.pdbx_gene_src_cell                 ? 
_entity_src_gen.pdbx_gene_src_cellular_location    ? 
_entity_src_gen.host_org_common_name               ? 
_entity_src_gen.pdbx_host_org_scientific_name      'Escherichia coli' 
_entity_src_gen.pdbx_host_org_ncbi_taxonomy_id     562 
_entity_src_gen.host_org_genus                     Escherichia 
_entity_src_gen.pdbx_host_org_gene                 ? 
_entity_src_gen.pdbx_host_org_organ                ? 
_entity_src_gen.host_org_species                   ? 
_entity_src_gen.pdbx_host_org_tissue               ? 
_entity_src_gen.pdbx_host_org_tissue_fraction      ? 
_entity_src_gen.pdbx_host_org_strain               'B834(DE3)' 
_entity_src_gen.pdbx_host_org_variant              ? 
_entity_src_gen.pdbx_host_org_cell_line            ? 
_entity_src_gen.pdbx_host_org_atcc                 ? 
_entity_src_gen.pdbx_host_org_culture_collection   ? 
_entity_src_gen.pdbx_host_org_cell                 ? 
_entity_src_gen.pdbx_host_org_organelle            ? 
_entity_src_gen.pdbx_host_org_cellular_location    ? 
_entity_src_gen.pdbx_host_org_vector_type          Plasmid 
_entity_src_gen.pdbx_host_org_vector               ? 
_entity_src_gen.host_org_details                   ? 
_entity_src_gen.expression_system_id               ? 
_entity_src_gen.plasmid_name                       pET11a 
_entity_src_gen.plasmid_details                    ? 
_entity_src_gen.pdbx_description                   ? 
# 
loop_
_chem_comp.id 
_chem_comp.type 
_chem_comp.mon_nstd_flag 
_chem_comp.name 
_chem_comp.pdbx_synonyms 
_chem_comp.formula 
_chem_comp.formula_weight 
ALA 'L-peptide linking' y ALANINE          ? 'C3 H7 N O2'     89.093  
ARG 'L-peptide linking' y ARGININE         ? 'C6 H15 N4 O2 1' 175.209 
ASP 'L-peptide linking' y 'ASPARTIC ACID'  ? 'C4 H7 N O4'     133.103 
CYS 'L-peptide linking' y CYSTEINE         ? 'C3 H7 N O2 S'   121.158 
GLN 'L-peptide linking' y GLUTAMINE        ? 'C5 H10 N2 O3'   146.144 
GLU 'L-peptide linking' y 'GLUTAMIC ACID'  ? 'C5 H9 N O4'     147.129 
GLY 'peptide linking'   y GLYCINE          ? 'C2 H5 N O2'     75.067  
HIS 'L-peptide linking' y HISTIDINE        ? 'C6 H10 N3 O2 1' 156.162 
HOH non-polymer         . WATER            ? 'H2 O'           18.015  
ILE 'L-peptide linking' y ISOLEUCINE       ? 'C6 H13 N O2'    131.173 
LEU 'L-peptide linking' y LEUCINE          ? 'C6 H13 N O2'    131.173 
LYS 'L-peptide linking' y LYSINE           ? 'C6 H15 N2 O2 1' 147.195 
MET 'L-peptide linking' y METHIONINE       ? 'C5 H11 N O2 S'  149.211 
MSE 'L-peptide linking' n SELENOMETHIONINE ? 'C5 H11 N O2 Se' 196.106 
PHE 'L-peptide linking' y PHENYLALANINE    ? 'C9 H11 N O2'    165.189 
PRO 'L-peptide linking' y PROLINE          ? 'C5 H9 N O2'     115.130 
SER 'L-peptide linking' y SERINE           ? 'C3 H7 N O3'     105.093 
THR 'L-peptide linking' y THREONINE        ? 'C4 H9 N O3'     119.119 
TRP 'L-peptide linking' y TRYPTOPHAN       ? 'C11 H12 N2 O2'  204.225 
TYR 'L-peptide linking' y TYROSINE         ? 'C9 H11 N O3'    181.189 
VAL 'L-peptide linking' y VALINE           ? 'C5 H11 N O2'    117.146 
# 
loop_
_pdbx_poly_seq_scheme.asym_id 
_pdbx_poly_seq_scheme.entity_id 
_pdbx_poly_seq_scheme.seq_id 
_pdbx_poly_seq_scheme.mon_id 
_pdbx_poly_seq_scheme.ndb_seq_num 
_pdbx_poly_seq_scheme.pdb_seq_num 
_pdbx_poly_seq_scheme.auth_seq_num 
_pdbx_poly_seq_scheme.pdb_mon_id 
_pdbx_poly_seq_scheme.auth_mon_id 
_pdbx_poly_seq_scheme.pdb_strand_id 
_pdbx_poly_seq_scheme.pdb_ins_code 
_pdbx_poly_seq_scheme.hetero 
A 1 1  MSE 1  1  ?  ?   ?   A . n 
A 1 2  ARG 2  2  2  ARG ARG A . n 
A 1 3  LYS 3  3  3  LYS LYS A . n 
A 1 4  VAL 4  4  4  VAL VAL A . n 
A 1 5  ARG 5  5  5  ARG ARG A . n 
A 1 6  PRO 6  6  6  PRO PRO A . n 
A 1 7  GLU 7  7  7  GLU GLU A . n 
A 1 8  GLU 8  8  8  GLU GLU A . n 
A 1 9  LEU 9  9  9  LEU LEU A . n 
A 1 10 PRO 10 10 10 PRO PRO A . n 
A 1 11 ALA 11 11 11 ALA ALA A . n 
A 1 12 LEU 12 12 12 LEU LEU A . n 
A 1 13 LEU 13 13 13 LEU LEU A . n 
A 1 14 GLU 14 14 14 GLU GLU A . n 
A 1 15 GLU 15 15 15 GLU GLU A . n 
A 1 16 GLY 16 16 16 GLY GLY A . n 
A 1 17 VAL 17 17 17 VAL VAL A . n 
A 1 18 LEU 18 18 18 LEU LEU A . n 
A 1 19 VAL 19 19 19 VAL VAL A . n 
A 1 20 VAL 20 20 20 VAL VAL A . n 
A 1 21 ASP 21 21 21 ASP ASP A . n 
A 1 22 VAL 22 22 22 VAL VAL A . n 
A 1 23 ARG 23 23 23 ARG ARG A . n 
A 1 24 PRO 24 24 24 PRO PRO A . n 
A 1 25 ALA 25 25 25 ALA ALA A . n 
A 1 26 ASP 26 26 ?  ?   ?   A . n 
A 1 27 ARG 27 27 ?  ?   ?   A . n 
A 1 28 ARG 28 28 28 ARG ARG A . n 
A 1 29 SER 29 29 29 SER SER A . n 
A 1 30 THR 30 30 30 THR THR A . n 
A 1 31 PRO 31 31 31 PRO PRO A . n 
A 1 32 LEU 32 32 32 LEU LEU A . n 
A 1 33 PRO 33 33 33 PRO PRO A . n 
A 1 34 PHE 34 34 34 PHE PHE A . n 
A 1 35 ALA 35 35 35 ALA ALA A . n 
A 1 36 ALA 36 36 36 ALA ALA A . n 
A 1 37 GLU 37 37 37 GLU GLU A . n 
A 1 38 TRP 38 38 38 TRP TRP A . n 
A 1 39 VAL 39 39 39 VAL VAL A . n 
A 1 40 PRO 40 40 40 PRO PRO A . n 
A 1 41 LEU 41 41 41 LEU LEU A . n 
A 1 42 GLU 42 42 42 GLU GLU A . n 
A 1 43 LYS 43 43 43 LYS LYS A . n 
A 1 44 ILE 44 44 44 ILE ILE A . n 
A 1 45 GLN 45 45 45 GLN GLN A . n 
A 1 46 LYS 46 46 46 LYS LYS A . n 
A 1 47 GLY 47 47 47 GLY GLY A . n 
A 1 48 GLU 48 48 48 GLU GLU A . n 
A 1 49 HIS 49 49 49 HIS HIS A . n 
A 1 50 GLY 50 50 50 GLY GLY A . n 
A 1 51 LEU 51 51 51 LEU LEU A . n 
A 1 52 PRO 52 52 52 PRO PRO A . n 
A 1 53 ARG 53 53 53 ARG ARG A . n 
A 1 54 ARG 54 54 54 ARG ARG A . n 
A 1 55 PRO 55 55 55 PRO PRO A . n 
A 1 56 LEU 56 56 56 LEU LEU A . n 
A 1 57 LEU 57 57 57 LEU LEU A . n 
A 1 58 LEU 58 58 58 LEU LEU A . n 
A 1 59 VAL 59 59 59 VAL VAL A . n 
A 1 60 CYS 60 60 60 CYS CYS A . n 
A 1 61 GLU 61 61 61 GLU GLU A . n 
A 1 62 LYS 62 62 62 LYS LYS A . n 
A 1 63 GLY 63 63 63 GLY GLY A . n 
A 1 64 LEU 64 64 64 LEU LEU A . n 
A 1 65 LEU 65 65 65 LEU LEU A . n 
A 1 66 SER 66 66 66 SER SER A . n 
A 1 67 GLN 67 67 67 GLN GLN A . n 
A 1 68 VAL 68 68 68 VAL VAL A . n 
A 1 69 ALA 69 69 69 ALA ALA A . n 
A 1 70 ALA 70 70 70 ALA ALA A . n 
A 1 71 LEU 71 71 71 LEU LEU A . n 
A 1 72 TYR 72 72 72 TYR TYR A . n 
A 1 73 LEU 73 73 73 LEU LEU A . n 
A 1 74 GLU 74 74 74 GLU GLU A . n 
A 1 75 ALA 75 75 75 ALA ALA A . n 
A 1 76 GLU 76 76 76 GLU GLU A . n 
A 1 77 GLY 77 77 77 GLY GLY A . n 
A 1 78 TYR 78 78 78 TYR TYR A . n 
A 1 79 GLU 79 79 79 GLU GLU A . n 
A 1 80 ALA 80 80 80 ALA ALA A . n 
A 1 81 MSE 81 81 81 MSE MSE A . n 
A 1 82 SER 82 82 82 SER SER A . n 
A 1 83 LEU 83 83 83 LEU LEU A . n 
A 1 84 GLU 84 84 84 GLU GLU A . n 
A 1 85 GLY 85 85 85 GLY GLY A . n 
A 1 86 GLY 86 86 86 GLY GLY A . n 
A 1 87 LEU 87 87 87 LEU LEU A . n 
A 1 88 GLN 88 88 88 GLN GLN A . n 
A 1 89 ALA 89 89 89 ALA ALA A . n 
A 1 90 LEU 90 90 90 LEU LEU A . n 
A 1 91 THR 91 91 ?  ?   ?   A . n 
A 1 92 GLN 92 92 ?  ?   ?   A . n 
A 1 93 GLY 93 93 ?  ?   ?   A . n 
A 1 94 LYS 94 94 ?  ?   ?   A . n 
B 1 1  MSE 1  1  1  MSE MSE B . n 
B 1 2  ARG 2  2  2  ARG ARG B . n 
B 1 3  LYS 3  3  3  LYS LYS B . n 
B 1 4  VAL 4  4  4  VAL VAL B . n 
B 1 5  ARG 5  5  5  ARG ARG B . n 
B 1 6  PRO 6  6  6  PRO PRO B . n 
B 1 7  GLU 7  7  7  GLU GLU B . n 
B 1 8  GLU 8  8  8  GLU GLU B . n 
B 1 9  LEU 9  9  9  LEU LEU B . n 
B 1 10 PRO 10 10 10 PRO PRO B . n 
B 1 11 ALA 11 11 11 ALA ALA B . n 
B 1 12 LEU 12 12 12 LEU LEU B . n 
B 1 13 LEU 13 13 13 LEU LEU B . n 
B 1 14 GLU 14 14 14 GLU GLU B . n 
B 1 15 GLU 15 15 15 GLU GLU B . n 
B 1 16 GLY 16 16 16 GLY GLY B . n 
B 1 17 VAL 17 17 17 VAL VAL B . n 
B 1 18 LEU 18 18 18 LEU LEU B . n 
B 1 19 VAL 19 19 19 VAL VAL B . n 
B 1 20 VAL 20 20 20 VAL VAL B . n 
B 1 21 ASP 21 21 21 ASP ASP B . n 
B 1 22 VAL 22 22 22 VAL VAL B . n 
B 1 23 ARG 23 23 23 ARG ARG B . n 
B 1 24 PRO 24 24 24 PRO PRO B . n 
B 1 25 ALA 25 25 25 ALA ALA B . n 
B 1 26 ASP 26 26 ?  ?   ?   B . n 
B 1 27 ARG 27 27 ?  ?   ?   B . n 
B 1 28 ARG 28 28 ?  ?   ?   B . n 
B 1 29 SER 29 29 29 SER SER B . n 
B 1 30 THR 30 30 30 THR THR B . n 
B 1 31 PRO 31 31 31 PRO PRO B . n 
B 1 32 LEU 32 32 32 LEU LEU B . n 
B 1 33 PRO 33 33 33 PRO PRO B . n 
B 1 34 PHE 34 34 34 PHE PHE B . n 
B 1 35 ALA 35 35 35 ALA ALA B . n 
B 1 36 ALA 36 36 36 ALA ALA B . n 
B 1 37 GLU 37 37 37 GLU GLU B . n 
B 1 38 TRP 38 38 38 TRP TRP B . n 
B 1 39 VAL 39 39 39 VAL VAL B . n 
B 1 40 PRO 40 40 40 PRO PRO B . n 
B 1 41 LEU 41 41 41 LEU LEU B . n 
B 1 42 GLU 42 42 42 GLU GLU B . n 
B 1 43 LYS 43 43 43 LYS LYS B . n 
B 1 44 ILE 44 44 44 ILE ILE B . n 
B 1 45 GLN 45 45 45 GLN GLN B . n 
B 1 46 LYS 46 46 46 LYS LYS B . n 
B 1 47 GLY 47 47 47 GLY GLY B . n 
B 1 48 GLU 48 48 48 GLU GLU B . n 
B 1 49 HIS 49 49 49 HIS HIS B . n 
B 1 50 GLY 50 50 50 GLY GLY B . n 
B 1 51 LEU 51 51 51 LEU LEU B . n 
B 1 52 PRO 52 52 52 PRO PRO B . n 
B 1 53 ARG 53 53 53 ARG ARG B . n 
B 1 54 ARG 54 54 54 ARG ARG B . n 
B 1 55 PRO 55 55 55 PRO PRO B . n 
B 1 56 LEU 56 56 56 LEU LEU B . n 
B 1 57 LEU 57 57 57 LEU LEU B . n 
B 1 58 LEU 58 58 58 LEU LEU B . n 
B 1 59 VAL 59 59 59 VAL VAL B . n 
B 1 60 CYS 60 60 60 CYS CYS B . n 
B 1 61 GLU 61 61 61 GLU GLU B . n 
B 1 62 LYS 62 62 62 LYS LYS B . n 
B 1 63 GLY 63 63 63 GLY GLY B . n 
B 1 64 LEU 64 64 64 LEU LEU B . n 
B 1 65 LEU 65 65 65 LEU LEU B . n 
B 1 66 SER 66 66 66 SER SER B . n 
B 1 67 GLN 67 67 67 GLN GLN B . n 
B 1 68 VAL 68 68 68 VAL VAL B . n 
B 1 69 ALA 69 69 69 ALA ALA B . n 
B 1 70 ALA 70 70 70 ALA ALA B . n 
B 1 71 LEU 71 71 71 LEU LEU B . n 
B 1 72 TYR 72 72 72 TYR TYR B . n 
B 1 73 LEU 73 73 73 LEU LEU B . n 
B 1 74 GLU 74 74 74 GLU GLU B . n 
B 1 75 ALA 75 75 75 ALA ALA B . n 
B 1 76 GLU 76 76 76 GLU GLU B . n 
B 1 77 GLY 77 77 77 GLY GLY B . n 
B 1 78 TYR 78 78 78 TYR TYR B . n 
B 1 79 GLU 79 79 79 GLU GLU B . n 
B 1 80 ALA 80 80 80 ALA ALA B . n 
B 1 81 MSE 81 81 81 MSE MSE B . n 
B 1 82 SER 82 82 82 SER SER B . n 
B 1 83 LEU 83 83 83 LEU LEU B . n 
B 1 84 GLU 84 84 84 GLU GLU B . n 
B 1 85 GLY 85 85 85 GLY GLY B . n 
B 1 86 GLY 86 86 86 GLY GLY B . n 
B 1 87 LEU 87 87 87 LEU LEU B . n 
B 1 88 GLN 88 88 88 GLN GLN B . n 
B 1 89 ALA 89 89 89 ALA ALA B . n 
B 1 90 LEU 90 90 ?  ?   ?   B . n 
B 1 91 THR 91 91 ?  ?   ?   B . n 
B 1 92 GLN 92 92 ?  ?   ?   B . n 
B 1 93 GLY 93 93 ?  ?   ?   B . n 
B 1 94 LYS 94 94 ?  ?   ?   B . n 
# 
loop_
_pdbx_nonpoly_scheme.asym_id 
_pdbx_nonpoly_scheme.entity_id 
_pdbx_nonpoly_scheme.mon_id 
_pdbx_nonpoly_scheme.ndb_seq_num 
_pdbx_nonpoly_scheme.pdb_seq_num 
_pdbx_nonpoly_scheme.auth_seq_num 
_pdbx_nonpoly_scheme.pdb_mon_id 
_pdbx_nonpoly_scheme.auth_mon_id 
_pdbx_nonpoly_scheme.pdb_strand_id 
_pdbx_nonpoly_scheme.pdb_ins_code 
C 2 HOH 1  95  1   HOH WAT A . 
C 2 HOH 2  96  2   HOH WAT A . 
C 2 HOH 3  97  3   HOH WAT A . 
C 2 HOH 4  98  5   HOH WAT A . 
C 2 HOH 5  99  6   HOH WAT A . 
C 2 HOH 6  100 7   HOH WAT A . 
C 2 HOH 7  101 8   HOH WAT A . 
C 2 HOH 8  102 9   HOH WAT A . 
C 2 HOH 9  103 11  HOH WAT A . 
C 2 HOH 10 104 12  HOH WAT A . 
C 2 HOH 11 105 13  HOH WAT A . 
C 2 HOH 12 106 14  HOH WAT A . 
C 2 HOH 13 107 15  HOH WAT A . 
C 2 HOH 14 108 24  HOH WAT A . 
C 2 HOH 15 109 25  HOH WAT A . 
C 2 HOH 16 110 26  HOH WAT A . 
C 2 HOH 17 111 27  HOH WAT A . 
C 2 HOH 18 112 28  HOH WAT A . 
C 2 HOH 19 113 29  HOH WAT A . 
C 2 HOH 20 114 33  HOH WAT A . 
C 2 HOH 21 115 38  HOH WAT A . 
C 2 HOH 22 116 39  HOH WAT A . 
C 2 HOH 23 117 40  HOH WAT A . 
C 2 HOH 24 118 41  HOH WAT A . 
C 2 HOH 25 119 42  HOH WAT A . 
C 2 HOH 26 120 43  HOH WAT A . 
C 2 HOH 27 121 44  HOH WAT A . 
C 2 HOH 28 122 45  HOH WAT A . 
C 2 HOH 29 123 46  HOH WAT A . 
C 2 HOH 30 124 47  HOH WAT A . 
C 2 HOH 31 125 56  HOH WAT A . 
C 2 HOH 32 126 57  HOH WAT A . 
C 2 HOH 33 127 58  HOH WAT A . 
C 2 HOH 34 128 60  HOH WAT A . 
C 2 HOH 35 129 61  HOH WAT A . 
C 2 HOH 36 130 62  HOH WAT A . 
C 2 HOH 37 131 63  HOH WAT A . 
C 2 HOH 38 132 64  HOH WAT A . 
C 2 HOH 39 133 65  HOH WAT A . 
C 2 HOH 40 134 66  HOH WAT A . 
C 2 HOH 41 135 67  HOH WAT A . 
C 2 HOH 42 136 68  HOH WAT A . 
C 2 HOH 43 137 69  HOH WAT A . 
C 2 HOH 44 138 74  HOH WAT A . 
C 2 HOH 45 139 80  HOH WAT A . 
C 2 HOH 46 140 81  HOH WAT A . 
C 2 HOH 47 141 82  HOH WAT A . 
C 2 HOH 48 142 83  HOH WAT A . 
C 2 HOH 49 143 84  HOH WAT A . 
C 2 HOH 50 144 85  HOH WAT A . 
C 2 HOH 51 145 86  HOH WAT A . 
C 2 HOH 52 146 87  HOH WAT A . 
C 2 HOH 53 147 88  HOH WAT A . 
C 2 HOH 54 148 90  HOH WAT A . 
C 2 HOH 55 149 94  HOH WAT A . 
C 2 HOH 56 150 95  HOH WAT A . 
C 2 HOH 57 151 96  HOH WAT A . 
C 2 HOH 58 152 99  HOH WAT A . 
C 2 HOH 59 153 100 HOH WAT A . 
C 2 HOH 60 154 101 HOH WAT A . 
C 2 HOH 61 155 102 HOH WAT A . 
C 2 HOH 62 156 103 HOH WAT A . 
C 2 HOH 63 157 106 HOH WAT A . 
C 2 HOH 64 158 107 HOH WAT A . 
C 2 HOH 65 159 109 HOH WAT A . 
C 2 HOH 66 160 110 HOH WAT A . 
C 2 HOH 67 161 111 HOH WAT A . 
C 2 HOH 68 162 112 HOH WAT A . 
C 2 HOH 69 163 113 HOH WAT A . 
C 2 HOH 70 164 114 HOH WAT A . 
C 2 HOH 71 165 117 HOH WAT A . 
C 2 HOH 72 166 118 HOH WAT A . 
C 2 HOH 73 167 119 HOH WAT A . 
C 2 HOH 74 168 120 HOH WAT A . 
C 2 HOH 75 169 127 HOH WAT A . 
C 2 HOH 76 170 128 HOH WAT A . 
C 2 HOH 77 171 130 HOH WAT A . 
D 2 HOH 1  95  4   HOH WAT B . 
D 2 HOH 2  96  10  HOH WAT B . 
D 2 HOH 3  97  16  HOH WAT B . 
D 2 HOH 4  98  17  HOH WAT B . 
D 2 HOH 5  99  18  HOH WAT B . 
D 2 HOH 6  100 19  HOH WAT B . 
D 2 HOH 7  101 20  HOH WAT B . 
D 2 HOH 8  102 21  HOH WAT B . 
D 2 HOH 9  103 22  HOH WAT B . 
D 2 HOH 10 104 23  HOH WAT B . 
D 2 HOH 11 105 30  HOH WAT B . 
D 2 HOH 12 106 31  HOH WAT B . 
D 2 HOH 13 107 32  HOH WAT B . 
D 2 HOH 14 108 34  HOH WAT B . 
D 2 HOH 15 109 35  HOH WAT B . 
D 2 HOH 16 110 36  HOH WAT B . 
D 2 HOH 17 111 37  HOH WAT B . 
D 2 HOH 18 112 48  HOH WAT B . 
D 2 HOH 19 113 49  HOH WAT B . 
D 2 HOH 20 114 50  HOH WAT B . 
D 2 HOH 21 115 51  HOH WAT B . 
D 2 HOH 22 116 52  HOH WAT B . 
D 2 HOH 23 117 53  HOH WAT B . 
D 2 HOH 24 118 54  HOH WAT B . 
D 2 HOH 25 119 55  HOH WAT B . 
D 2 HOH 26 120 59  HOH WAT B . 
D 2 HOH 27 121 70  HOH WAT B . 
D 2 HOH 28 122 71  HOH WAT B . 
D 2 HOH 29 123 72  HOH WAT B . 
D 2 HOH 30 124 73  HOH WAT B . 
D 2 HOH 31 125 75  HOH WAT B . 
D 2 HOH 32 126 76  HOH WAT B . 
D 2 HOH 33 127 77  HOH WAT B . 
D 2 HOH 34 128 78  HOH WAT B . 
D 2 HOH 35 129 79  HOH WAT B . 
D 2 HOH 36 130 89  HOH WAT B . 
D 2 HOH 37 131 91  HOH WAT B . 
D 2 HOH 38 132 92  HOH WAT B . 
D 2 HOH 39 133 93  HOH WAT B . 
D 2 HOH 40 134 97  HOH WAT B . 
D 2 HOH 41 135 98  HOH WAT B . 
D 2 HOH 42 136 104 HOH WAT B . 
D 2 HOH 43 137 105 HOH WAT B . 
D 2 HOH 44 138 108 HOH WAT B . 
D 2 HOH 45 139 115 HOH WAT B . 
D 2 HOH 46 140 116 HOH WAT B . 
D 2 HOH 47 141 121 HOH WAT B . 
D 2 HOH 48 142 122 HOH WAT B . 
D 2 HOH 49 143 123 HOH WAT B . 
D 2 HOH 50 144 124 HOH WAT B . 
D 2 HOH 51 145 125 HOH WAT B . 
D 2 HOH 52 146 126 HOH WAT B . 
D 2 HOH 53 147 129 HOH WAT B . 
D 2 HOH 54 148 131 HOH WAT B . 
D 2 HOH 55 149 132 HOH WAT B . 
# 
loop_
_software.name 
_software.classification 
_software.version 
_software.citation_id 
_software.pdbx_ordinal 
CNS       refinement       1.1 ? 1 
HKL-2000  'data reduction' .   ? 2 
SCALEPACK 'data scaling'   .   ? 3 
SOLVE     phasing          .   ? 4 
# 
_cell.entry_id           1WV9 
_cell.length_a           45.218 
_cell.length_b           45.218 
_cell.length_c           79.510 
_cell.angle_alpha        90.00 
_cell.angle_beta         90.00 
_cell.angle_gamma        120.00 
_cell.Z_PDB              6 
_cell.pdbx_unique_axis   ? 
_cell.length_a_esd       ? 
_cell.length_b_esd       ? 
_cell.length_c_esd       ? 
_cell.angle_alpha_esd    ? 
_cell.angle_beta_esd     ? 
_cell.angle_gamma_esd    ? 
# 
_symmetry.entry_id                         1WV9 
_symmetry.space_group_name_H-M             'P 31' 
_symmetry.pdbx_full_space_group_name_H-M   ? 
_symmetry.cell_setting                     ? 
_symmetry.Int_Tables_number                144 
_symmetry.space_group_name_Hall            ? 
# 
_exptl.entry_id          1WV9 
_exptl.method            'X-RAY DIFFRACTION' 
_exptl.crystals_number   1 
# 
_exptl_crystal.id                    1 
_exptl_crystal.density_meas          ? 
_exptl_crystal.density_Matthews      2.27 
_exptl_crystal.density_percent_sol   44 
_exptl_crystal.description           ? 
_exptl_crystal.F_000                 ? 
_exptl_crystal.preparation           ? 
# 
_exptl_crystal_grow.crystal_id      1 
_exptl_crystal_grow.method          'oil microbatch' 
_exptl_crystal_grow.temp            293 
_exptl_crystal_grow.temp_details    ? 
_exptl_crystal_grow.pH              6.3 
_exptl_crystal_grow.pdbx_details    'PEG4000, MES, Sodium chloride, Tris-HCl, pH 6.3, oil microbatch, temperature 293K' 
_exptl_crystal_grow.pdbx_pH_range   . 
# 
_diffrn.id                     1 
_diffrn.ambient_temp           100 
_diffrn.ambient_temp_details   ? 
_diffrn.crystal_id             1 
# 
_diffrn_detector.diffrn_id              1 
_diffrn_detector.detector               'IMAGE PLATE' 
_diffrn_detector.type                   RIGAKU 
_diffrn_detector.pdbx_collection_date   2004-12-08 
_diffrn_detector.details                ? 
# 
_diffrn_radiation.diffrn_id                        1 
_diffrn_radiation.wavelength_id                    1 
_diffrn_radiation.pdbx_monochromatic_or_laue_m_l   M 
_diffrn_radiation.monochromator                    ? 
_diffrn_radiation.pdbx_diffrn_protocol             MAD 
_diffrn_radiation.pdbx_scattering_type             x-ray 
# 
loop_
_diffrn_radiation_wavelength.id 
_diffrn_radiation_wavelength.wavelength 
_diffrn_radiation_wavelength.wt 
1 0.96200 1.0 
2 0.97906 1.0 
3 0.97938 1.0 
# 
_diffrn_source.diffrn_id                   1 
_diffrn_source.source                      SYNCHROTRON 
_diffrn_source.type                        'SPRING-8 BEAMLINE BL26B1' 
_diffrn_source.pdbx_synchrotron_site       SPring-8 
_diffrn_source.pdbx_synchrotron_beamline   BL26B1 
_diffrn_source.pdbx_wavelength             ? 
_diffrn_source.pdbx_wavelength_list        '0.96200, 0.97906, 0.97938' 
# 
_reflns.entry_id                     1WV9 
_reflns.observed_criterion_sigma_I   ? 
_reflns.observed_criterion_sigma_F   ? 
_reflns.d_resolution_low             50 
_reflns.d_resolution_high            2.0 
_reflns.number_obs                   ? 
_reflns.number_all                   ? 
_reflns.percent_possible_obs         ? 
_reflns.pdbx_Rmerge_I_obs            ? 
_reflns.pdbx_Rsym_value              ? 
_reflns.pdbx_netI_over_sigmaI        ? 
_reflns.B_iso_Wilson_estimate        30.1 
_reflns.pdbx_redundancy              ? 
_reflns.R_free_details               ? 
_reflns.limit_h_max                  ? 
_reflns.limit_h_min                  ? 
_reflns.limit_k_max                  ? 
_reflns.limit_k_min                  ? 
_reflns.limit_l_max                  ? 
_reflns.limit_l_min                  ? 
_reflns.observed_criterion_F_max     ? 
_reflns.observed_criterion_F_min     ? 
_reflns.pdbx_chi_squared             ? 
_reflns.pdbx_scaling_rejects         ? 
_reflns.pdbx_diffrn_id               1 
_reflns.pdbx_ordinal                 1 
# 
_refine.entry_id                                 1WV9 
_refine.ls_number_reflns_obs                     23817 
_refine.ls_number_reflns_all                     ? 
_refine.pdbx_ls_sigma_I                          ? 
_refine.pdbx_ls_sigma_F                          0.0 
_refine.pdbx_data_cutoff_high_absF               660564.38 
_refine.pdbx_data_cutoff_low_absF                0.000000 
_refine.pdbx_data_cutoff_high_rms_absF           ? 
_refine.ls_d_res_low                             27.90 
_refine.ls_d_res_high                            2.00 
_refine.ls_percent_reflns_obs                    97.3 
_refine.ls_R_factor_obs                          0.215 
_refine.ls_R_factor_all                          ? 
_refine.ls_R_factor_R_work                       0.215 
_refine.ls_R_factor_R_free                       0.258 
_refine.ls_R_factor_R_free_error                 0.012 
_refine.ls_R_factor_R_free_error_details         ? 
_refine.ls_percent_reflns_R_free                 5.1 
_refine.ls_number_reflns_R_free                  610 
_refine.ls_number_parameters                     ? 
_refine.ls_number_restraints                     ? 
_refine.occupancy_min                            ? 
_refine.occupancy_max                            ? 
_refine.correlation_coeff_Fo_to_Fc               ? 
_refine.correlation_coeff_Fo_to_Fc_free          ? 
_refine.B_iso_mean                               49.7 
_refine.aniso_B[1][1]                            0.79 
_refine.aniso_B[2][2]                            0.79 
_refine.aniso_B[3][3]                            -1.58 
_refine.aniso_B[1][2]                            2.38 
_refine.aniso_B[1][3]                            0.00 
_refine.aniso_B[2][3]                            0.00 
_refine.solvent_model_details                    'FLAT MODEL' 
_refine.solvent_model_param_ksol                 0.376933 
_refine.solvent_model_param_bsol                 64.543 
_refine.pdbx_solvent_vdw_probe_radii             ? 
_refine.pdbx_solvent_ion_probe_radii             ? 
_refine.pdbx_solvent_shrinkage_radii             ? 
_refine.pdbx_ls_cross_valid_method               THROUGHOUT 
_refine.details                                  
;This is a twinned structure. The twinning operator is (H,K,L) -> (H,-H-K,-L) and the twinning fraction is 0.5. The R-FACTOR is 0.215 and the R-FREE is 0.258 when this twinning operator is used.
;
_refine.pdbx_starting_model                      ? 
_refine.pdbx_method_to_determine_struct          MAD 
_refine.pdbx_isotropic_thermal_model             RESTRAINED 
_refine.pdbx_stereochemistry_target_values       ? 
_refine.pdbx_stereochem_target_val_spec_case     ? 
_refine.pdbx_R_Free_selection_details            RANDOM 
_refine.pdbx_overall_ESU_R                       ? 
_refine.pdbx_overall_ESU_R_Free                  ? 
_refine.overall_SU_ML                            ? 
_refine.overall_SU_B                             ? 
_refine.ls_redundancy_reflns_obs                 ? 
_refine.B_iso_min                                ? 
_refine.B_iso_max                                ? 
_refine.overall_SU_R_Cruickshank_DPI             ? 
_refine.overall_SU_R_free                        ? 
_refine.ls_wR_factor_R_free                      ? 
_refine.ls_wR_factor_R_work                      ? 
_refine.overall_FOM_free_R_set                   ? 
_refine.overall_FOM_work_R_set                   ? 
_refine.pdbx_refine_id                           'X-RAY DIFFRACTION' 
_refine.pdbx_diffrn_id                           1 
_refine.pdbx_TLS_residual_ADP_flag               ? 
_refine.pdbx_overall_phase_error                 ? 
_refine.pdbx_overall_SU_R_free_Cruickshank_DPI   ? 
_refine.pdbx_overall_SU_R_Blow_DPI               ? 
_refine.pdbx_overall_SU_R_free_Blow_DPI          ? 
# 
_refine_analyze.entry_id                        1WV9 
_refine_analyze.Luzzati_coordinate_error_obs    0.32 
_refine_analyze.Luzzati_sigma_a_obs             0.38 
_refine_analyze.Luzzati_d_res_low_obs           5.00 
_refine_analyze.Luzzati_coordinate_error_free   0.51 
_refine_analyze.Luzzati_sigma_a_free            0.36 
_refine_analyze.Luzzati_d_res_low_free          ? 
_refine_analyze.number_disordered_residues      ? 
_refine_analyze.occupancy_sum_hydrogen          ? 
_refine_analyze.occupancy_sum_non_hydrogen      ? 
_refine_analyze.pdbx_Luzzati_d_res_high_obs     ? 
_refine_analyze.pdbx_refine_id                  'X-RAY DIFFRACTION' 
# 
_refine_hist.pdbx_refine_id                   'X-RAY DIFFRACTION' 
_refine_hist.cycle_id                         LAST 
_refine_hist.pdbx_number_atoms_protein        1333 
_refine_hist.pdbx_number_atoms_nucleic_acid   0 
_refine_hist.pdbx_number_atoms_ligand         0 
_refine_hist.number_atoms_solvent             132 
_refine_hist.number_atoms_total               1465 
_refine_hist.d_res_high                       2.00 
_refine_hist.d_res_low                        27.90 
# 
loop_
_refine_ls_restr.type 
_refine_ls_restr.dev_ideal 
_refine_ls_restr.dev_ideal_target 
_refine_ls_restr.weight 
_refine_ls_restr.number 
_refine_ls_restr.pdbx_refine_id 
_refine_ls_restr.pdbx_restraint_function 
c_bond_d                0.006 ? ? ? 'X-RAY DIFFRACTION' ? 
c_bond_d_na             ?     ? ? ? 'X-RAY DIFFRACTION' ? 
c_bond_d_prot           ?     ? ? ? 'X-RAY DIFFRACTION' ? 
c_angle_d               ?     ? ? ? 'X-RAY DIFFRACTION' ? 
c_angle_d_na            ?     ? ? ? 'X-RAY DIFFRACTION' ? 
c_angle_d_prot          ?     ? ? ? 'X-RAY DIFFRACTION' ? 
c_angle_deg             1.19  ? ? ? 'X-RAY DIFFRACTION' ? 
c_angle_deg_na          ?     ? ? ? 'X-RAY DIFFRACTION' ? 
c_angle_deg_prot        ?     ? ? ? 'X-RAY DIFFRACTION' ? 
c_dihedral_angle_d      23.2  ? ? ? 'X-RAY DIFFRACTION' ? 
c_dihedral_angle_d_na   ?     ? ? ? 'X-RAY DIFFRACTION' ? 
c_dihedral_angle_d_prot ?     ? ? ? 'X-RAY DIFFRACTION' ? 
c_improper_angle_d      0.79  ? ? ? 'X-RAY DIFFRACTION' ? 
c_improper_angle_d_na   ?     ? ? ? 'X-RAY DIFFRACTION' ? 
c_improper_angle_d_prot ?     ? ? ? 'X-RAY DIFFRACTION' ? 
c_mcbond_it             ?     ? ? ? 'X-RAY DIFFRACTION' ? 
c_mcangle_it            ?     ? ? ? 'X-RAY DIFFRACTION' ? 
c_scbond_it             ?     ? ? ? 'X-RAY DIFFRACTION' ? 
c_scangle_it            ?     ? ? ? 'X-RAY DIFFRACTION' ? 
# 
_refine_ls_shell.pdbx_total_number_of_bins_used   10 
_refine_ls_shell.d_res_high                       2.00 
_refine_ls_shell.d_res_low                        2.07 
_refine_ls_shell.number_reflns_R_work             1876 
_refine_ls_shell.R_factor_R_work                  0.349 
_refine_ls_shell.percent_reflns_obs               86.1 
_refine_ls_shell.R_factor_R_free                  0.384 
_refine_ls_shell.R_factor_R_free_error            0.043 
_refine_ls_shell.percent_reflns_R_free            5.0 
_refine_ls_shell.number_reflns_R_free             98 
_refine_ls_shell.number_reflns_obs                ? 
_refine_ls_shell.redundancy_reflns_obs            ? 
_refine_ls_shell.number_reflns_all                ? 
_refine_ls_shell.R_factor_all                     ? 
_refine_ls_shell.pdbx_refine_id                   'X-RAY DIFFRACTION' 
# 
_struct.entry_id                  1WV9 
_struct.title                     
'Crystal Structure of Rhodanese Homolog TT1651 from an Extremely Thermophilic Bacterium Thermus thermophilus HB8' 
_struct.pdbx_model_details        ? 
_struct.pdbx_CASP_flag            ? 
_struct.pdbx_model_type_details   ? 
# 
_struct_keywords.entry_id        1WV9 
_struct_keywords.pdbx_keywords   'STRUCTURAL GENOMICS, UNKNOWN FUNCTION' 
_struct_keywords.text            
;Rhodanese, Cdc25, Phosphatase, sulfurtransferase, RHOD, STRUCTURAL GENOMICS, NPPSFA, National Project on Protein Structural and Functional Analyses, RIKEN Structural Genomics/Proteomics Initiative, RSGI, UNKNOWN FUNCTION
;
# 
loop_
_struct_asym.id 
_struct_asym.pdbx_blank_PDB_chainid_flag 
_struct_asym.pdbx_modified 
_struct_asym.entity_id 
_struct_asym.details 
A N N 1 ? 
B N N 1 ? 
C N N 2 ? 
D N N 2 ? 
# 
_struct_ref.id                         1 
_struct_ref.db_name                    UNP 
_struct_ref.db_code                    Q5SKN0_THET8 
_struct_ref.pdbx_db_accession          Q5SKN0 
_struct_ref.entity_id                  1 
_struct_ref.pdbx_seq_one_letter_code   
;MRKVRPEELPALLEEGVLVVDVRPADRRSTPLPFAAEWVPLEKIQKGEHGLPRRPLLLVCEKGLLSQVAALYLEAEGYEA
MSLEGGLQALTQGK
;
_struct_ref.pdbx_align_begin           1 
_struct_ref.pdbx_db_isoform            ? 
# 
loop_
_struct_ref_seq.align_id 
_struct_ref_seq.ref_id 
_struct_ref_seq.pdbx_PDB_id_code 
_struct_ref_seq.pdbx_strand_id 
_struct_ref_seq.seq_align_beg 
_struct_ref_seq.pdbx_seq_align_beg_ins_code 
_struct_ref_seq.seq_align_end 
_struct_ref_seq.pdbx_seq_align_end_ins_code 
_struct_ref_seq.pdbx_db_accession 
_struct_ref_seq.db_align_beg 
_struct_ref_seq.pdbx_db_align_beg_ins_code 
_struct_ref_seq.db_align_end 
_struct_ref_seq.pdbx_db_align_end_ins_code 
_struct_ref_seq.pdbx_auth_seq_align_beg 
_struct_ref_seq.pdbx_auth_seq_align_end 
1 1 1WV9 A 1 ? 94 ? Q5SKN0 1 ? 94 ? 1 94 
2 1 1WV9 B 1 ? 94 ? Q5SKN0 1 ? 94 ? 1 94 
# 
loop_
_struct_ref_seq_dif.align_id 
_struct_ref_seq_dif.pdbx_pdb_id_code 
_struct_ref_seq_dif.mon_id 
_struct_ref_seq_dif.pdbx_pdb_strand_id 
_struct_ref_seq_dif.seq_num 
_struct_ref_seq_dif.pdbx_pdb_ins_code 
_struct_ref_seq_dif.pdbx_seq_db_name 
_struct_ref_seq_dif.pdbx_seq_db_accession_code 
_struct_ref_seq_dif.db_mon_id 
_struct_ref_seq_dif.pdbx_seq_db_seq_num 
_struct_ref_seq_dif.details 
_struct_ref_seq_dif.pdbx_auth_seq_num 
_struct_ref_seq_dif.pdbx_ordinal 
1 1WV9 MSE A 1  ? UNP Q5SKN0 MET 1  'modified residue' 1  1 
1 1WV9 MSE A 81 ? UNP Q5SKN0 MET 81 'modified residue' 81 2 
2 1WV9 MSE B 1  ? UNP Q5SKN0 MET 1  'modified residue' 1  3 
2 1WV9 MSE B 81 ? UNP Q5SKN0 MET 81 'modified residue' 81 4 
# 
_pdbx_struct_assembly.id                   1 
_pdbx_struct_assembly.details              author_defined_assembly 
_pdbx_struct_assembly.method_details       ? 
_pdbx_struct_assembly.oligomeric_details   dimeric 
_pdbx_struct_assembly.oligomeric_count     2 
# 
_pdbx_struct_assembly_gen.assembly_id       1 
_pdbx_struct_assembly_gen.oper_expression   1 
_pdbx_struct_assembly_gen.asym_id_list      A,B,C,D 
# 
_pdbx_struct_oper_list.id                   1 
_pdbx_struct_oper_list.type                 'identity operation' 
_pdbx_struct_oper_list.name                 1_555 
_pdbx_struct_oper_list.symmetry_operation   x,y,z 
_pdbx_struct_oper_list.matrix[1][1]         1.0000000000 
_pdbx_struct_oper_list.matrix[1][2]         0.0000000000 
_pdbx_struct_oper_list.matrix[1][3]         0.0000000000 
_pdbx_struct_oper_list.vector[1]            0.0000000000 
_pdbx_struct_oper_list.matrix[2][1]         0.0000000000 
_pdbx_struct_oper_list.matrix[2][2]         1.0000000000 
_pdbx_struct_oper_list.matrix[2][3]         0.0000000000 
_pdbx_struct_oper_list.vector[2]            0.0000000000 
_pdbx_struct_oper_list.matrix[3][1]         0.0000000000 
_pdbx_struct_oper_list.matrix[3][2]         0.0000000000 
_pdbx_struct_oper_list.matrix[3][3]         1.0000000000 
_pdbx_struct_oper_list.vector[3]            0.0000000000 
# 
_struct_biol.id                    1 
_struct_biol.pdbx_parent_biol_id   ? 
_struct_biol.details               ? 
# 
loop_
_struct_conf.conf_type_id 
_struct_conf.id 
_struct_conf.pdbx_PDB_helix_id 
_struct_conf.beg_label_comp_id 
_struct_conf.beg_label_asym_id 
_struct_conf.beg_label_seq_id 
_struct_conf.pdbx_beg_PDB_ins_code 
_struct_conf.end_label_comp_id 
_struct_conf.end_label_asym_id 
_struct_conf.end_label_seq_id 
_struct_conf.pdbx_end_PDB_ins_code 
_struct_conf.beg_auth_comp_id 
_struct_conf.beg_auth_asym_id 
_struct_conf.beg_auth_seq_id 
_struct_conf.end_auth_comp_id 
_struct_conf.end_auth_asym_id 
_struct_conf.end_auth_seq_id 
_struct_conf.pdbx_PDB_helix_class 
_struct_conf.details 
_struct_conf.pdbx_PDB_helix_length 
HELX_P HELX_P1 1 ARG A 5  ? GLU A 7  ? ARG A 5  GLU A 7  5 ? 3  
HELX_P HELX_P2 2 GLU A 8  ? GLU A 15 ? GLU A 8  GLU A 15 1 ? 8  
HELX_P HELX_P3 3 PRO A 40 ? GLN A 45 ? PRO A 40 GLN A 45 1 ? 6  
HELX_P HELX_P4 4 GLY A 63 ? GLY A 77 ? GLY A 63 GLY A 77 1 ? 15 
HELX_P HELX_P5 5 GLY A 85 ? ALA A 89 ? GLY A 85 ALA A 89 5 ? 5  
HELX_P HELX_P6 6 GLU B 8  ? GLY B 16 ? GLU B 8  GLY B 16 1 ? 9  
HELX_P HELX_P7 7 PRO B 40 ? LYS B 46 ? PRO B 40 LYS B 46 1 ? 7  
HELX_P HELX_P8 8 LEU B 64 ? GLU B 76 ? LEU B 64 GLU B 76 1 ? 13 
# 
_struct_conf_type.id          HELX_P 
_struct_conf_type.criteria    ? 
_struct_conf_type.reference   ? 
# 
loop_
_struct_conn.id 
_struct_conn.conn_type_id 
_struct_conn.pdbx_leaving_atom_flag 
_struct_conn.pdbx_PDB_id 
_struct_conn.ptnr1_label_asym_id 
_struct_conn.ptnr1_label_comp_id 
_struct_conn.ptnr1_label_seq_id 
_struct_conn.ptnr1_label_atom_id 
_struct_conn.pdbx_ptnr1_label_alt_id 
_struct_conn.pdbx_ptnr1_PDB_ins_code 
_struct_conn.pdbx_ptnr1_standard_comp_id 
_struct_conn.ptnr1_symmetry 
_struct_conn.ptnr2_label_asym_id 
_struct_conn.ptnr2_label_comp_id 
_struct_conn.ptnr2_label_seq_id 
_struct_conn.ptnr2_label_atom_id 
_struct_conn.pdbx_ptnr2_label_alt_id 
_struct_conn.pdbx_ptnr2_PDB_ins_code 
_struct_conn.ptnr1_auth_asym_id 
_struct_conn.ptnr1_auth_comp_id 
_struct_conn.ptnr1_auth_seq_id 
_struct_conn.ptnr2_auth_asym_id 
_struct_conn.ptnr2_auth_comp_id 
_struct_conn.ptnr2_auth_seq_id 
_struct_conn.ptnr2_symmetry 
_struct_conn.pdbx_ptnr3_label_atom_id 
_struct_conn.pdbx_ptnr3_label_seq_id 
_struct_conn.pdbx_ptnr3_label_comp_id 
_struct_conn.pdbx_ptnr3_label_asym_id 
_struct_conn.pdbx_ptnr3_label_alt_id 
_struct_conn.pdbx_ptnr3_PDB_ins_code 
_struct_conn.details 
_struct_conn.pdbx_dist_value 
_struct_conn.pdbx_value_order 
_struct_conn.pdbx_role 
covale1 covale both ? A ALA 80 C ? ? ? 1_555 A MSE 81 N ? ? A ALA 80 A MSE 81 1_555 ? ? ? ? ? ? ? 1.332 ? ? 
covale2 covale both ? A MSE 81 C ? ? ? 1_555 A SER 82 N ? ? A MSE 81 A SER 82 1_555 ? ? ? ? ? ? ? 1.327 ? ? 
covale3 covale both ? B MSE 1  C ? ? ? 1_555 B ARG 2  N ? ? B MSE 1  B ARG 2  1_555 ? ? ? ? ? ? ? 1.329 ? ? 
covale4 covale both ? B ALA 80 C ? ? ? 1_555 B MSE 81 N ? ? B ALA 80 B MSE 81 1_555 ? ? ? ? ? ? ? 1.327 ? ? 
covale5 covale both ? B MSE 81 C ? ? ? 1_555 B SER 82 N ? ? B MSE 81 B SER 82 1_555 ? ? ? ? ? ? ? 1.327 ? ? 
# 
_struct_conn_type.id          covale 
_struct_conn_type.criteria    ? 
_struct_conn_type.reference   ? 
# 
loop_
_pdbx_modification_feature.ordinal 
_pdbx_modification_feature.label_comp_id 
_pdbx_modification_feature.label_asym_id 
_pdbx_modification_feature.label_seq_id 
_pdbx_modification_feature.label_alt_id 
_pdbx_modification_feature.modified_residue_label_comp_id 
_pdbx_modification_feature.modified_residue_label_asym_id 
_pdbx_modification_feature.modified_residue_label_seq_id 
_pdbx_modification_feature.modified_residue_label_alt_id 
_pdbx_modification_feature.auth_comp_id 
_pdbx_modification_feature.auth_asym_id 
_pdbx_modification_feature.auth_seq_id 
_pdbx_modification_feature.PDB_ins_code 
_pdbx_modification_feature.symmetry 
_pdbx_modification_feature.modified_residue_auth_comp_id 
_pdbx_modification_feature.modified_residue_auth_asym_id 
_pdbx_modification_feature.modified_residue_auth_seq_id 
_pdbx_modification_feature.modified_residue_PDB_ins_code 
_pdbx_modification_feature.modified_residue_symmetry 
_pdbx_modification_feature.comp_id_linking_atom 
_pdbx_modification_feature.modified_residue_id_linking_atom 
_pdbx_modification_feature.modified_residue_id 
_pdbx_modification_feature.ref_pcm_id 
_pdbx_modification_feature.ref_comp_id 
_pdbx_modification_feature.type 
_pdbx_modification_feature.category 
1 MSE A 81 ? . . . . MSE A 81 ? 1_555 . . . . . . . MET 1 MSE Selenomethionine 'Named protein modification' 
2 MSE B 1  ? . . . . MSE B 1  ? 1_555 . . . . . . . MET 1 MSE Selenomethionine 'Named protein modification' 
3 MSE B 81 ? . . . . MSE B 81 ? 1_555 . . . . . . . MET 1 MSE Selenomethionine 'Named protein modification' 
# 
loop_
_struct_sheet.id 
_struct_sheet.type 
_struct_sheet.number_strands 
_struct_sheet.details 
A ? 5 ? 
B ? 5 ? 
# 
loop_
_struct_sheet_order.sheet_id 
_struct_sheet_order.range_id_1 
_struct_sheet_order.range_id_2 
_struct_sheet_order.offset 
_struct_sheet_order.sense 
A 1 2 ? parallel 
A 2 3 ? parallel 
A 3 4 ? parallel 
A 4 5 ? parallel 
B 1 2 ? parallel 
B 2 3 ? parallel 
B 3 4 ? parallel 
B 4 5 ? parallel 
# 
loop_
_struct_sheet_range.sheet_id 
_struct_sheet_range.id 
_struct_sheet_range.beg_label_comp_id 
_struct_sheet_range.beg_label_asym_id 
_struct_sheet_range.beg_label_seq_id 
_struct_sheet_range.pdbx_beg_PDB_ins_code 
_struct_sheet_range.end_label_comp_id 
_struct_sheet_range.end_label_asym_id 
_struct_sheet_range.end_label_seq_id 
_struct_sheet_range.pdbx_end_PDB_ins_code 
_struct_sheet_range.beg_auth_comp_id 
_struct_sheet_range.beg_auth_asym_id 
_struct_sheet_range.beg_auth_seq_id 
_struct_sheet_range.end_auth_comp_id 
_struct_sheet_range.end_auth_asym_id 
_struct_sheet_range.end_auth_seq_id 
A 1 LYS A 3  ? VAL A 4  ? LYS A 3  VAL A 4  
A 2 ALA A 80 ? LEU A 83 ? ALA A 80 LEU A 83 
A 3 LEU A 56 ? VAL A 59 ? LEU A 56 VAL A 59 
A 4 LEU A 18 ? ASP A 21 ? LEU A 18 ASP A 21 
A 5 GLU A 37 ? TRP A 38 ? GLU A 37 TRP A 38 
B 1 LYS B 3  ? VAL B 4  ? LYS B 3  VAL B 4  
B 2 ALA B 80 ? LEU B 83 ? ALA B 80 LEU B 83 
B 3 LEU B 56 ? VAL B 59 ? LEU B 56 VAL B 59 
B 4 LEU B 18 ? ASP B 21 ? LEU B 18 ASP B 21 
B 5 GLU B 37 ? TRP B 38 ? GLU B 37 TRP B 38 
# 
loop_
_pdbx_struct_sheet_hbond.sheet_id 
_pdbx_struct_sheet_hbond.range_id_1 
_pdbx_struct_sheet_hbond.range_id_2 
_pdbx_struct_sheet_hbond.range_1_label_atom_id 
_pdbx_struct_sheet_hbond.range_1_label_comp_id 
_pdbx_struct_sheet_hbond.range_1_label_asym_id 
_pdbx_struct_sheet_hbond.range_1_label_seq_id 
_pdbx_struct_sheet_hbond.range_1_PDB_ins_code 
_pdbx_struct_sheet_hbond.range_1_auth_atom_id 
_pdbx_struct_sheet_hbond.range_1_auth_comp_id 
_pdbx_struct_sheet_hbond.range_1_auth_asym_id 
_pdbx_struct_sheet_hbond.range_1_auth_seq_id 
_pdbx_struct_sheet_hbond.range_2_label_atom_id 
_pdbx_struct_sheet_hbond.range_2_label_comp_id 
_pdbx_struct_sheet_hbond.range_2_label_asym_id 
_pdbx_struct_sheet_hbond.range_2_label_seq_id 
_pdbx_struct_sheet_hbond.range_2_PDB_ins_code 
_pdbx_struct_sheet_hbond.range_2_auth_atom_id 
_pdbx_struct_sheet_hbond.range_2_auth_comp_id 
_pdbx_struct_sheet_hbond.range_2_auth_asym_id 
_pdbx_struct_sheet_hbond.range_2_auth_seq_id 
A 1 2 N VAL A 4  ? N VAL A 4  O SER A 82 ? O SER A 82 
A 2 3 O MSE A 81 ? O MSE A 81 N LEU A 58 ? N LEU A 58 
A 3 4 O LEU A 57 ? O LEU A 57 N VAL A 20 ? N VAL A 20 
A 4 5 N ASP A 21 ? N ASP A 21 O GLU A 37 ? O GLU A 37 
B 1 2 N VAL B 4  ? N VAL B 4  O SER B 82 ? O SER B 82 
B 2 3 O MSE B 81 ? O MSE B 81 N LEU B 58 ? N LEU B 58 
B 3 4 O LEU B 57 ? O LEU B 57 N VAL B 20 ? N VAL B 20 
B 4 5 N VAL B 19 ? N VAL B 19 O GLU B 37 ? O GLU B 37 
# 
_pdbx_entry_details.entry_id                   1WV9 
_pdbx_entry_details.compound_details           ? 
_pdbx_entry_details.source_details             ? 
_pdbx_entry_details.nonpolymer_details         ? 
_pdbx_entry_details.sequence_details           ? 
_pdbx_entry_details.has_ligand_of_interest     ? 
_pdbx_entry_details.has_protein_modification   Y 
# 
loop_
_pdbx_validate_torsion.id 
_pdbx_validate_torsion.PDB_model_num 
_pdbx_validate_torsion.auth_comp_id 
_pdbx_validate_torsion.auth_asym_id 
_pdbx_validate_torsion.auth_seq_id 
_pdbx_validate_torsion.PDB_ins_code 
_pdbx_validate_torsion.label_alt_id 
_pdbx_validate_torsion.phi 
_pdbx_validate_torsion.psi 
1 1 PRO A 6  ? ? -35.14  -37.73  
2 1 PRO A 24 ? ? -75.25  -169.63 
3 1 SER A 29 ? ? -73.68  -85.97  
4 1 PRO A 31 ? ? -54.76  170.21  
5 1 GLU A 79 ? ? -105.12 79.97   
6 1 PRO B 33 ? ? -71.82  26.82   
7 1 GLU B 48 ? ? -85.14  40.63   
8 1 GLU B 61 ? ? -53.58  -74.69  
9 1 GLU B 79 ? ? -100.27 77.70   
# 
_pdbx_SG_project.id                    1 
_pdbx_SG_project.project_name          'NPPSFA, National Project on Protein Structural and Functional Analyses' 
_pdbx_SG_project.full_name_of_center   'RIKEN Structural Genomics/Proteomics Initiative' 
_pdbx_SG_project.initial_of_center     RSGI 
# 
loop_
_pdbx_struct_mod_residue.id 
_pdbx_struct_mod_residue.label_asym_id 
_pdbx_struct_mod_residue.label_comp_id 
_pdbx_struct_mod_residue.label_seq_id 
_pdbx_struct_mod_residue.auth_asym_id 
_pdbx_struct_mod_residue.auth_comp_id 
_pdbx_struct_mod_residue.auth_seq_id 
_pdbx_struct_mod_residue.PDB_ins_code 
_pdbx_struct_mod_residue.parent_comp_id 
_pdbx_struct_mod_residue.details 
1 A MSE 81 A MSE 81 ? MET SELENOMETHIONINE 
2 B MSE 1  B MSE 1  ? MET SELENOMETHIONINE 
3 B MSE 81 B MSE 81 ? MET SELENOMETHIONINE 
# 
loop_
_pdbx_unobs_or_zero_occ_residues.id 
_pdbx_unobs_or_zero_occ_residues.PDB_model_num 
_pdbx_unobs_or_zero_occ_residues.polymer_flag 
_pdbx_unobs_or_zero_occ_residues.occupancy_flag 
_pdbx_unobs_or_zero_occ_residues.auth_asym_id 
_pdbx_unobs_or_zero_occ_residues.auth_comp_id 
_pdbx_unobs_or_zero_occ_residues.auth_seq_id 
_pdbx_unobs_or_zero_occ_residues.PDB_ins_code 
_pdbx_unobs_or_zero_occ_residues.label_asym_id 
_pdbx_unobs_or_zero_occ_residues.label_comp_id 
_pdbx_unobs_or_zero_occ_residues.label_seq_id 
1  1 Y 1 A MSE 1  ? A MSE 1  
2  1 Y 1 A ASP 26 ? A ASP 26 
3  1 Y 1 A ARG 27 ? A ARG 27 
4  1 Y 1 A THR 91 ? A THR 91 
5  1 Y 1 A GLN 92 ? A GLN 92 
6  1 Y 1 A GLY 93 ? A GLY 93 
7  1 Y 1 A LYS 94 ? A LYS 94 
8  1 Y 1 B ASP 26 ? B ASP 26 
9  1 Y 1 B ARG 27 ? B ARG 27 
10 1 Y 1 B ARG 28 ? B ARG 28 
11 1 Y 1 B LEU 90 ? B LEU 90 
12 1 Y 1 B THR 91 ? B THR 91 
13 1 Y 1 B GLN 92 ? B GLN 92 
14 1 Y 1 B GLY 93 ? B GLY 93 
15 1 Y 1 B LYS 94 ? B LYS 94 
# 
loop_
_chem_comp_atom.comp_id 
_chem_comp_atom.atom_id 
_chem_comp_atom.type_symbol 
_chem_comp_atom.pdbx_aromatic_flag 
_chem_comp_atom.pdbx_stereo_config 
_chem_comp_atom.pdbx_ordinal 
ALA N    N  N N 1   
ALA CA   C  N S 2   
ALA C    C  N N 3   
ALA O    O  N N 4   
ALA CB   C  N N 5   
ALA OXT  O  N N 6   
ALA H    H  N N 7   
ALA H2   H  N N 8   
ALA HA   H  N N 9   
ALA HB1  H  N N 10  
ALA HB2  H  N N 11  
ALA HB3  H  N N 12  
ALA HXT  H  N N 13  
ARG N    N  N N 14  
ARG CA   C  N S 15  
ARG C    C  N N 16  
ARG O    O  N N 17  
ARG CB   C  N N 18  
ARG CG   C  N N 19  
ARG CD   C  N N 20  
ARG NE   N  N N 21  
ARG CZ   C  N N 22  
ARG NH1  N  N N 23  
ARG NH2  N  N N 24  
ARG OXT  O  N N 25  
ARG H    H  N N 26  
ARG H2   H  N N 27  
ARG HA   H  N N 28  
ARG HB2  H  N N 29  
ARG HB3  H  N N 30  
ARG HG2  H  N N 31  
ARG HG3  H  N N 32  
ARG HD2  H  N N 33  
ARG HD3  H  N N 34  
ARG HE   H  N N 35  
ARG HH11 H  N N 36  
ARG HH12 H  N N 37  
ARG HH21 H  N N 38  
ARG HH22 H  N N 39  
ARG HXT  H  N N 40  
ASP N    N  N N 41  
ASP CA   C  N S 42  
ASP C    C  N N 43  
ASP O    O  N N 44  
ASP CB   C  N N 45  
ASP CG   C  N N 46  
ASP OD1  O  N N 47  
ASP OD2  O  N N 48  
ASP OXT  O  N N 49  
ASP H    H  N N 50  
ASP H2   H  N N 51  
ASP HA   H  N N 52  
ASP HB2  H  N N 53  
ASP HB3  H  N N 54  
ASP HD2  H  N N 55  
ASP HXT  H  N N 56  
CYS N    N  N N 57  
CYS CA   C  N R 58  
CYS C    C  N N 59  
CYS O    O  N N 60  
CYS CB   C  N N 61  
CYS SG   S  N N 62  
CYS OXT  O  N N 63  
CYS H    H  N N 64  
CYS H2   H  N N 65  
CYS HA   H  N N 66  
CYS HB2  H  N N 67  
CYS HB3  H  N N 68  
CYS HG   H  N N 69  
CYS HXT  H  N N 70  
GLN N    N  N N 71  
GLN CA   C  N S 72  
GLN C    C  N N 73  
GLN O    O  N N 74  
GLN CB   C  N N 75  
GLN CG   C  N N 76  
GLN CD   C  N N 77  
GLN OE1  O  N N 78  
GLN NE2  N  N N 79  
GLN OXT  O  N N 80  
GLN H    H  N N 81  
GLN H2   H  N N 82  
GLN HA   H  N N 83  
GLN HB2  H  N N 84  
GLN HB3  H  N N 85  
GLN HG2  H  N N 86  
GLN HG3  H  N N 87  
GLN HE21 H  N N 88  
GLN HE22 H  N N 89  
GLN HXT  H  N N 90  
GLU N    N  N N 91  
GLU CA   C  N S 92  
GLU C    C  N N 93  
GLU O    O  N N 94  
GLU CB   C  N N 95  
GLU CG   C  N N 96  
GLU CD   C  N N 97  
GLU OE1  O  N N 98  
GLU OE2  O  N N 99  
GLU OXT  O  N N 100 
GLU H    H  N N 101 
GLU H2   H  N N 102 
GLU HA   H  N N 103 
GLU HB2  H  N N 104 
GLU HB3  H  N N 105 
GLU HG2  H  N N 106 
GLU HG3  H  N N 107 
GLU HE2  H  N N 108 
GLU HXT  H  N N 109 
GLY N    N  N N 110 
GLY CA   C  N N 111 
GLY C    C  N N 112 
GLY O    O  N N 113 
GLY OXT  O  N N 114 
GLY H    H  N N 115 
GLY H2   H  N N 116 
GLY HA2  H  N N 117 
GLY HA3  H  N N 118 
GLY HXT  H  N N 119 
HIS N    N  N N 120 
HIS CA   C  N S 121 
HIS C    C  N N 122 
HIS O    O  N N 123 
HIS CB   C  N N 124 
HIS CG   C  Y N 125 
HIS ND1  N  Y N 126 
HIS CD2  C  Y N 127 
HIS CE1  C  Y N 128 
HIS NE2  N  Y N 129 
HIS OXT  O  N N 130 
HIS H    H  N N 131 
HIS H2   H  N N 132 
HIS HA   H  N N 133 
HIS HB2  H  N N 134 
HIS HB3  H  N N 135 
HIS HD1  H  N N 136 
HIS HD2  H  N N 137 
HIS HE1  H  N N 138 
HIS HE2  H  N N 139 
HIS HXT  H  N N 140 
HOH O    O  N N 141 
HOH H1   H  N N 142 
HOH H2   H  N N 143 
ILE N    N  N N 144 
ILE CA   C  N S 145 
ILE C    C  N N 146 
ILE O    O  N N 147 
ILE CB   C  N S 148 
ILE CG1  C  N N 149 
ILE CG2  C  N N 150 
ILE CD1  C  N N 151 
ILE OXT  O  N N 152 
ILE H    H  N N 153 
ILE H2   H  N N 154 
ILE HA   H  N N 155 
ILE HB   H  N N 156 
ILE HG12 H  N N 157 
ILE HG13 H  N N 158 
ILE HG21 H  N N 159 
ILE HG22 H  N N 160 
ILE HG23 H  N N 161 
ILE HD11 H  N N 162 
ILE HD12 H  N N 163 
ILE HD13 H  N N 164 
ILE HXT  H  N N 165 
LEU N    N  N N 166 
LEU CA   C  N S 167 
LEU C    C  N N 168 
LEU O    O  N N 169 
LEU CB   C  N N 170 
LEU CG   C  N N 171 
LEU CD1  C  N N 172 
LEU CD2  C  N N 173 
LEU OXT  O  N N 174 
LEU H    H  N N 175 
LEU H2   H  N N 176 
LEU HA   H  N N 177 
LEU HB2  H  N N 178 
LEU HB3  H  N N 179 
LEU HG   H  N N 180 
LEU HD11 H  N N 181 
LEU HD12 H  N N 182 
LEU HD13 H  N N 183 
LEU HD21 H  N N 184 
LEU HD22 H  N N 185 
LEU HD23 H  N N 186 
LEU HXT  H  N N 187 
LYS N    N  N N 188 
LYS CA   C  N S 189 
LYS C    C  N N 190 
LYS O    O  N N 191 
LYS CB   C  N N 192 
LYS CG   C  N N 193 
LYS CD   C  N N 194 
LYS CE   C  N N 195 
LYS NZ   N  N N 196 
LYS OXT  O  N N 197 
LYS H    H  N N 198 
LYS H2   H  N N 199 
LYS HA   H  N N 200 
LYS HB2  H  N N 201 
LYS HB3  H  N N 202 
LYS HG2  H  N N 203 
LYS HG3  H  N N 204 
LYS HD2  H  N N 205 
LYS HD3  H  N N 206 
LYS HE2  H  N N 207 
LYS HE3  H  N N 208 
LYS HZ1  H  N N 209 
LYS HZ2  H  N N 210 
LYS HZ3  H  N N 211 
LYS HXT  H  N N 212 
MET N    N  N N 213 
MET CA   C  N S 214 
MET C    C  N N 215 
MET O    O  N N 216 
MET CB   C  N N 217 
MET CG   C  N N 218 
MET SD   S  N N 219 
MET CE   C  N N 220 
MET OXT  O  N N 221 
MET H    H  N N 222 
MET H2   H  N N 223 
MET HA   H  N N 224 
MET HB2  H  N N 225 
MET HB3  H  N N 226 
MET HG2  H  N N 227 
MET HG3  H  N N 228 
MET HE1  H  N N 229 
MET HE2  H  N N 230 
MET HE3  H  N N 231 
MET HXT  H  N N 232 
MSE N    N  N N 233 
MSE CA   C  N S 234 
MSE C    C  N N 235 
MSE O    O  N N 236 
MSE OXT  O  N N 237 
MSE CB   C  N N 238 
MSE CG   C  N N 239 
MSE SE   SE N N 240 
MSE CE   C  N N 241 
MSE H    H  N N 242 
MSE H2   H  N N 243 
MSE HA   H  N N 244 
MSE HXT  H  N N 245 
MSE HB2  H  N N 246 
MSE HB3  H  N N 247 
MSE HG2  H  N N 248 
MSE HG3  H  N N 249 
MSE HE1  H  N N 250 
MSE HE2  H  N N 251 
MSE HE3  H  N N 252 
PHE N    N  N N 253 
PHE CA   C  N S 254 
PHE C    C  N N 255 
PHE O    O  N N 256 
PHE CB   C  N N 257 
PHE CG   C  Y N 258 
PHE CD1  C  Y N 259 
PHE CD2  C  Y N 260 
PHE CE1  C  Y N 261 
PHE CE2  C  Y N 262 
PHE CZ   C  Y N 263 
PHE OXT  O  N N 264 
PHE H    H  N N 265 
PHE H2   H  N N 266 
PHE HA   H  N N 267 
PHE HB2  H  N N 268 
PHE HB3  H  N N 269 
PHE HD1  H  N N 270 
PHE HD2  H  N N 271 
PHE HE1  H  N N 272 
PHE HE2  H  N N 273 
PHE HZ   H  N N 274 
PHE HXT  H  N N 275 
PRO N    N  N N 276 
PRO CA   C  N S 277 
PRO C    C  N N 278 
PRO O    O  N N 279 
PRO CB   C  N N 280 
PRO CG   C  N N 281 
PRO CD   C  N N 282 
PRO OXT  O  N N 283 
PRO H    H  N N 284 
PRO HA   H  N N 285 
PRO HB2  H  N N 286 
PRO HB3  H  N N 287 
PRO HG2  H  N N 288 
PRO HG3  H  N N 289 
PRO HD2  H  N N 290 
PRO HD3  H  N N 291 
PRO HXT  H  N N 292 
SER N    N  N N 293 
SER CA   C  N S 294 
SER C    C  N N 295 
SER O    O  N N 296 
SER CB   C  N N 297 
SER OG   O  N N 298 
SER OXT  O  N N 299 
SER H    H  N N 300 
SER H2   H  N N 301 
SER HA   H  N N 302 
SER HB2  H  N N 303 
SER HB3  H  N N 304 
SER HG   H  N N 305 
SER HXT  H  N N 306 
THR N    N  N N 307 
THR CA   C  N S 308 
THR C    C  N N 309 
THR O    O  N N 310 
THR CB   C  N R 311 
THR OG1  O  N N 312 
THR CG2  C  N N 313 
THR OXT  O  N N 314 
THR H    H  N N 315 
THR H2   H  N N 316 
THR HA   H  N N 317 
THR HB   H  N N 318 
THR HG1  H  N N 319 
THR HG21 H  N N 320 
THR HG22 H  N N 321 
THR HG23 H  N N 322 
THR HXT  H  N N 323 
TRP N    N  N N 324 
TRP CA   C  N S 325 
TRP C    C  N N 326 
TRP O    O  N N 327 
TRP CB   C  N N 328 
TRP CG   C  Y N 329 
TRP CD1  C  Y N 330 
TRP CD2  C  Y N 331 
TRP NE1  N  Y N 332 
TRP CE2  C  Y N 333 
TRP CE3  C  Y N 334 
TRP CZ2  C  Y N 335 
TRP CZ3  C  Y N 336 
TRP CH2  C  Y N 337 
TRP OXT  O  N N 338 
TRP H    H  N N 339 
TRP H2   H  N N 340 
TRP HA   H  N N 341 
TRP HB2  H  N N 342 
TRP HB3  H  N N 343 
TRP HD1  H  N N 344 
TRP HE1  H  N N 345 
TRP HE3  H  N N 346 
TRP HZ2  H  N N 347 
TRP HZ3  H  N N 348 
TRP HH2  H  N N 349 
TRP HXT  H  N N 350 
TYR N    N  N N 351 
TYR CA   C  N S 352 
TYR C    C  N N 353 
TYR O    O  N N 354 
TYR CB   C  N N 355 
TYR CG   C  Y N 356 
TYR CD1  C  Y N 357 
TYR CD2  C  Y N 358 
TYR CE1  C  Y N 359 
TYR CE2  C  Y N 360 
TYR CZ   C  Y N 361 
TYR OH   O  N N 362 
TYR OXT  O  N N 363 
TYR H    H  N N 364 
TYR H2   H  N N 365 
TYR HA   H  N N 366 
TYR HB2  H  N N 367 
TYR HB3  H  N N 368 
TYR HD1  H  N N 369 
TYR HD2  H  N N 370 
TYR HE1  H  N N 371 
TYR HE2  H  N N 372 
TYR HH   H  N N 373 
TYR HXT  H  N N 374 
VAL N    N  N N 375 
VAL CA   C  N S 376 
VAL C    C  N N 377 
VAL O    O  N N 378 
VAL CB   C  N N 379 
VAL CG1  C  N N 380 
VAL CG2  C  N N 381 
VAL OXT  O  N N 382 
VAL H    H  N N 383 
VAL H2   H  N N 384 
VAL HA   H  N N 385 
VAL HB   H  N N 386 
VAL HG11 H  N N 387 
VAL HG12 H  N N 388 
VAL HG13 H  N N 389 
VAL HG21 H  N N 390 
VAL HG22 H  N N 391 
VAL HG23 H  N N 392 
VAL HXT  H  N N 393 
# 
loop_
_chem_comp_bond.comp_id 
_chem_comp_bond.atom_id_1 
_chem_comp_bond.atom_id_2 
_chem_comp_bond.value_order 
_chem_comp_bond.pdbx_aromatic_flag 
_chem_comp_bond.pdbx_stereo_config 
_chem_comp_bond.pdbx_ordinal 
ALA N   CA   sing N N 1   
ALA N   H    sing N N 2   
ALA N   H2   sing N N 3   
ALA CA  C    sing N N 4   
ALA CA  CB   sing N N 5   
ALA CA  HA   sing N N 6   
ALA C   O    doub N N 7   
ALA C   OXT  sing N N 8   
ALA CB  HB1  sing N N 9   
ALA CB  HB2  sing N N 10  
ALA CB  HB3  sing N N 11  
ALA OXT HXT  sing N N 12  
ARG N   CA   sing N N 13  
ARG N   H    sing N N 14  
ARG N   H2   sing N N 15  
ARG CA  C    sing N N 16  
ARG CA  CB   sing N N 17  
ARG CA  HA   sing N N 18  
ARG C   O    doub N N 19  
ARG C   OXT  sing N N 20  
ARG CB  CG   sing N N 21  
ARG CB  HB2  sing N N 22  
ARG CB  HB3  sing N N 23  
ARG CG  CD   sing N N 24  
ARG CG  HG2  sing N N 25  
ARG CG  HG3  sing N N 26  
ARG CD  NE   sing N N 27  
ARG CD  HD2  sing N N 28  
ARG CD  HD3  sing N N 29  
ARG NE  CZ   sing N N 30  
ARG NE  HE   sing N N 31  
ARG CZ  NH1  sing N N 32  
ARG CZ  NH2  doub N N 33  
ARG NH1 HH11 sing N N 34  
ARG NH1 HH12 sing N N 35  
ARG NH2 HH21 sing N N 36  
ARG NH2 HH22 sing N N 37  
ARG OXT HXT  sing N N 38  
ASP N   CA   sing N N 39  
ASP N   H    sing N N 40  
ASP N   H2   sing N N 41  
ASP CA  C    sing N N 42  
ASP CA  CB   sing N N 43  
ASP CA  HA   sing N N 44  
ASP C   O    doub N N 45  
ASP C   OXT  sing N N 46  
ASP CB  CG   sing N N 47  
ASP CB  HB2  sing N N 48  
ASP CB  HB3  sing N N 49  
ASP CG  OD1  doub N N 50  
ASP CG  OD2  sing N N 51  
ASP OD2 HD2  sing N N 52  
ASP OXT HXT  sing N N 53  
CYS N   CA   sing N N 54  
CYS N   H    sing N N 55  
CYS N   H2   sing N N 56  
CYS CA  C    sing N N 57  
CYS CA  CB   sing N N 58  
CYS CA  HA   sing N N 59  
CYS C   O    doub N N 60  
CYS C   OXT  sing N N 61  
CYS CB  SG   sing N N 62  
CYS CB  HB2  sing N N 63  
CYS CB  HB3  sing N N 64  
CYS SG  HG   sing N N 65  
CYS OXT HXT  sing N N 66  
GLN N   CA   sing N N 67  
GLN N   H    sing N N 68  
GLN N   H2   sing N N 69  
GLN CA  C    sing N N 70  
GLN CA  CB   sing N N 71  
GLN CA  HA   sing N N 72  
GLN C   O    doub N N 73  
GLN C   OXT  sing N N 74  
GLN CB  CG   sing N N 75  
GLN CB  HB2  sing N N 76  
GLN CB  HB3  sing N N 77  
GLN CG  CD   sing N N 78  
GLN CG  HG2  sing N N 79  
GLN CG  HG3  sing N N 80  
GLN CD  OE1  doub N N 81  
GLN CD  NE2  sing N N 82  
GLN NE2 HE21 sing N N 83  
GLN NE2 HE22 sing N N 84  
GLN OXT HXT  sing N N 85  
GLU N   CA   sing N N 86  
GLU N   H    sing N N 87  
GLU N   H2   sing N N 88  
GLU CA  C    sing N N 89  
GLU CA  CB   sing N N 90  
GLU CA  HA   sing N N 91  
GLU C   O    doub N N 92  
GLU C   OXT  sing N N 93  
GLU CB  CG   sing N N 94  
GLU CB  HB2  sing N N 95  
GLU CB  HB3  sing N N 96  
GLU CG  CD   sing N N 97  
GLU CG  HG2  sing N N 98  
GLU CG  HG3  sing N N 99  
GLU CD  OE1  doub N N 100 
GLU CD  OE2  sing N N 101 
GLU OE2 HE2  sing N N 102 
GLU OXT HXT  sing N N 103 
GLY N   CA   sing N N 104 
GLY N   H    sing N N 105 
GLY N   H2   sing N N 106 
GLY CA  C    sing N N 107 
GLY CA  HA2  sing N N 108 
GLY CA  HA3  sing N N 109 
GLY C   O    doub N N 110 
GLY C   OXT  sing N N 111 
GLY OXT HXT  sing N N 112 
HIS N   CA   sing N N 113 
HIS N   H    sing N N 114 
HIS N   H2   sing N N 115 
HIS CA  C    sing N N 116 
HIS CA  CB   sing N N 117 
HIS CA  HA   sing N N 118 
HIS C   O    doub N N 119 
HIS C   OXT  sing N N 120 
HIS CB  CG   sing N N 121 
HIS CB  HB2  sing N N 122 
HIS CB  HB3  sing N N 123 
HIS CG  ND1  sing Y N 124 
HIS CG  CD2  doub Y N 125 
HIS ND1 CE1  doub Y N 126 
HIS ND1 HD1  sing N N 127 
HIS CD2 NE2  sing Y N 128 
HIS CD2 HD2  sing N N 129 
HIS CE1 NE2  sing Y N 130 
HIS CE1 HE1  sing N N 131 
HIS NE2 HE2  sing N N 132 
HIS OXT HXT  sing N N 133 
HOH O   H1   sing N N 134 
HOH O   H2   sing N N 135 
ILE N   CA   sing N N 136 
ILE N   H    sing N N 137 
ILE N   H2   sing N N 138 
ILE CA  C    sing N N 139 
ILE CA  CB   sing N N 140 
ILE CA  HA   sing N N 141 
ILE C   O    doub N N 142 
ILE C   OXT  sing N N 143 
ILE CB  CG1  sing N N 144 
ILE CB  CG2  sing N N 145 
ILE CB  HB   sing N N 146 
ILE CG1 CD1  sing N N 147 
ILE CG1 HG12 sing N N 148 
ILE CG1 HG13 sing N N 149 
ILE CG2 HG21 sing N N 150 
ILE CG2 HG22 sing N N 151 
ILE CG2 HG23 sing N N 152 
ILE CD1 HD11 sing N N 153 
ILE CD1 HD12 sing N N 154 
ILE CD1 HD13 sing N N 155 
ILE OXT HXT  sing N N 156 
LEU N   CA   sing N N 157 
LEU N   H    sing N N 158 
LEU N   H2   sing N N 159 
LEU CA  C    sing N N 160 
LEU CA  CB   sing N N 161 
LEU CA  HA   sing N N 162 
LEU C   O    doub N N 163 
LEU C   OXT  sing N N 164 
LEU CB  CG   sing N N 165 
LEU CB  HB2  sing N N 166 
LEU CB  HB3  sing N N 167 
LEU CG  CD1  sing N N 168 
LEU CG  CD2  sing N N 169 
LEU CG  HG   sing N N 170 
LEU CD1 HD11 sing N N 171 
LEU CD1 HD12 sing N N 172 
LEU CD1 HD13 sing N N 173 
LEU CD2 HD21 sing N N 174 
LEU CD2 HD22 sing N N 175 
LEU CD2 HD23 sing N N 176 
LEU OXT HXT  sing N N 177 
LYS N   CA   sing N N 178 
LYS N   H    sing N N 179 
LYS N   H2   sing N N 180 
LYS CA  C    sing N N 181 
LYS CA  CB   sing N N 182 
LYS CA  HA   sing N N 183 
LYS C   O    doub N N 184 
LYS C   OXT  sing N N 185 
LYS CB  CG   sing N N 186 
LYS CB  HB2  sing N N 187 
LYS CB  HB3  sing N N 188 
LYS CG  CD   sing N N 189 
LYS CG  HG2  sing N N 190 
LYS CG  HG3  sing N N 191 
LYS CD  CE   sing N N 192 
LYS CD  HD2  sing N N 193 
LYS CD  HD3  sing N N 194 
LYS CE  NZ   sing N N 195 
LYS CE  HE2  sing N N 196 
LYS CE  HE3  sing N N 197 
LYS NZ  HZ1  sing N N 198 
LYS NZ  HZ2  sing N N 199 
LYS NZ  HZ3  sing N N 200 
LYS OXT HXT  sing N N 201 
MET N   CA   sing N N 202 
MET N   H    sing N N 203 
MET N   H2   sing N N 204 
MET CA  C    sing N N 205 
MET CA  CB   sing N N 206 
MET CA  HA   sing N N 207 
MET C   O    doub N N 208 
MET C   OXT  sing N N 209 
MET CB  CG   sing N N 210 
MET CB  HB2  sing N N 211 
MET CB  HB3  sing N N 212 
MET CG  SD   sing N N 213 
MET CG  HG2  sing N N 214 
MET CG  HG3  sing N N 215 
MET SD  CE   sing N N 216 
MET CE  HE1  sing N N 217 
MET CE  HE2  sing N N 218 
MET CE  HE3  sing N N 219 
MET OXT HXT  sing N N 220 
MSE N   CA   sing N N 221 
MSE N   H    sing N N 222 
MSE N   H2   sing N N 223 
MSE CA  C    sing N N 224 
MSE CA  CB   sing N N 225 
MSE CA  HA   sing N N 226 
MSE C   O    doub N N 227 
MSE C   OXT  sing N N 228 
MSE OXT HXT  sing N N 229 
MSE CB  CG   sing N N 230 
MSE CB  HB2  sing N N 231 
MSE CB  HB3  sing N N 232 
MSE CG  SE   sing N N 233 
MSE CG  HG2  sing N N 234 
MSE CG  HG3  sing N N 235 
MSE SE  CE   sing N N 236 
MSE CE  HE1  sing N N 237 
MSE CE  HE2  sing N N 238 
MSE CE  HE3  sing N N 239 
PHE N   CA   sing N N 240 
PHE N   H    sing N N 241 
PHE N   H2   sing N N 242 
PHE CA  C    sing N N 243 
PHE CA  CB   sing N N 244 
PHE CA  HA   sing N N 245 
PHE C   O    doub N N 246 
PHE C   OXT  sing N N 247 
PHE CB  CG   sing N N 248 
PHE CB  HB2  sing N N 249 
PHE CB  HB3  sing N N 250 
PHE CG  CD1  doub Y N 251 
PHE CG  CD2  sing Y N 252 
PHE CD1 CE1  sing Y N 253 
PHE CD1 HD1  sing N N 254 
PHE CD2 CE2  doub Y N 255 
PHE CD2 HD2  sing N N 256 
PHE CE1 CZ   doub Y N 257 
PHE CE1 HE1  sing N N 258 
PHE CE2 CZ   sing Y N 259 
PHE CE2 HE2  sing N N 260 
PHE CZ  HZ   sing N N 261 
PHE OXT HXT  sing N N 262 
PRO N   CA   sing N N 263 
PRO N   CD   sing N N 264 
PRO N   H    sing N N 265 
PRO CA  C    sing N N 266 
PRO CA  CB   sing N N 267 
PRO CA  HA   sing N N 268 
PRO C   O    doub N N 269 
PRO C   OXT  sing N N 270 
PRO CB  CG   sing N N 271 
PRO CB  HB2  sing N N 272 
PRO CB  HB3  sing N N 273 
PRO CG  CD   sing N N 274 
PRO CG  HG2  sing N N 275 
PRO CG  HG3  sing N N 276 
PRO CD  HD2  sing N N 277 
PRO CD  HD3  sing N N 278 
PRO OXT HXT  sing N N 279 
SER N   CA   sing N N 280 
SER N   H    sing N N 281 
SER N   H2   sing N N 282 
SER CA  C    sing N N 283 
SER CA  CB   sing N N 284 
SER CA  HA   sing N N 285 
SER C   O    doub N N 286 
SER C   OXT  sing N N 287 
SER CB  OG   sing N N 288 
SER CB  HB2  sing N N 289 
SER CB  HB3  sing N N 290 
SER OG  HG   sing N N 291 
SER OXT HXT  sing N N 292 
THR N   CA   sing N N 293 
THR N   H    sing N N 294 
THR N   H2   sing N N 295 
THR CA  C    sing N N 296 
THR CA  CB   sing N N 297 
THR CA  HA   sing N N 298 
THR C   O    doub N N 299 
THR C   OXT  sing N N 300 
THR CB  OG1  sing N N 301 
THR CB  CG2  sing N N 302 
THR CB  HB   sing N N 303 
THR OG1 HG1  sing N N 304 
THR CG2 HG21 sing N N 305 
THR CG2 HG22 sing N N 306 
THR CG2 HG23 sing N N 307 
THR OXT HXT  sing N N 308 
TRP N   CA   sing N N 309 
TRP N   H    sing N N 310 
TRP N   H2   sing N N 311 
TRP CA  C    sing N N 312 
TRP CA  CB   sing N N 313 
TRP CA  HA   sing N N 314 
TRP C   O    doub N N 315 
TRP C   OXT  sing N N 316 
TRP CB  CG   sing N N 317 
TRP CB  HB2  sing N N 318 
TRP CB  HB3  sing N N 319 
TRP CG  CD1  doub Y N 320 
TRP CG  CD2  sing Y N 321 
TRP CD1 NE1  sing Y N 322 
TRP CD1 HD1  sing N N 323 
TRP CD2 CE2  doub Y N 324 
TRP CD2 CE3  sing Y N 325 
TRP NE1 CE2  sing Y N 326 
TRP NE1 HE1  sing N N 327 
TRP CE2 CZ2  sing Y N 328 
TRP CE3 CZ3  doub Y N 329 
TRP CE3 HE3  sing N N 330 
TRP CZ2 CH2  doub Y N 331 
TRP CZ2 HZ2  sing N N 332 
TRP CZ3 CH2  sing Y N 333 
TRP CZ3 HZ3  sing N N 334 
TRP CH2 HH2  sing N N 335 
TRP OXT HXT  sing N N 336 
TYR N   CA   sing N N 337 
TYR N   H    sing N N 338 
TYR N   H2   sing N N 339 
TYR CA  C    sing N N 340 
TYR CA  CB   sing N N 341 
TYR CA  HA   sing N N 342 
TYR C   O    doub N N 343 
TYR C   OXT  sing N N 344 
TYR CB  CG   sing N N 345 
TYR CB  HB2  sing N N 346 
TYR CB  HB3  sing N N 347 
TYR CG  CD1  doub Y N 348 
TYR CG  CD2  sing Y N 349 
TYR CD1 CE1  sing Y N 350 
TYR CD1 HD1  sing N N 351 
TYR CD2 CE2  doub Y N 352 
TYR CD2 HD2  sing N N 353 
TYR CE1 CZ   doub Y N 354 
TYR CE1 HE1  sing N N 355 
TYR CE2 CZ   sing Y N 356 
TYR CE2 HE2  sing N N 357 
TYR CZ  OH   sing N N 358 
TYR OH  HH   sing N N 359 
TYR OXT HXT  sing N N 360 
VAL N   CA   sing N N 361 
VAL N   H    sing N N 362 
VAL N   H2   sing N N 363 
VAL CA  C    sing N N 364 
VAL CA  CB   sing N N 365 
VAL CA  HA   sing N N 366 
VAL C   O    doub N N 367 
VAL C   OXT  sing N N 368 
VAL CB  CG1  sing N N 369 
VAL CB  CG2  sing N N 370 
VAL CB  HB   sing N N 371 
VAL CG1 HG11 sing N N 372 
VAL CG1 HG12 sing N N 373 
VAL CG1 HG13 sing N N 374 
VAL CG2 HG21 sing N N 375 
VAL CG2 HG22 sing N N 376 
VAL CG2 HG23 sing N N 377 
VAL OXT HXT  sing N N 378 
# 
_atom_sites.entry_id                    1WV9 
_atom_sites.fract_transf_matrix[1][1]   0.02542046 
_atom_sites.fract_transf_matrix[1][2]   -0.00128829 
_atom_sites.fract_transf_matrix[1][3]   0.00205799 
_atom_sites.fract_transf_matrix[2][1]   0.01193017 
_atom_sites.fract_transf_matrix[2][2]   0.01243102 
_atom_sites.fract_transf_matrix[2][3]   0.01884750 
_atom_sites.fract_transf_matrix[3][1]   -0.00111052 
_atom_sites.fract_transf_matrix[3][2]   -0.01012345 
_atom_sites.fract_transf_matrix[3][3]   0.00737994 
_atom_sites.fract_transf_vector[1]      0.297521 
_atom_sites.fract_transf_vector[2]      0.968871 
_atom_sites.fract_transf_vector[3]      0.103984 
# 
loop_
_atom_type.symbol 
C  
N  
O  
S  
SE 
# 
loop_
_atom_site.group_PDB 
_atom_site.id 
_atom_site.type_symbol 
_atom_site.label_atom_id 
_atom_site.label_alt_id 
_atom_site.label_comp_id 
_atom_site.label_asym_id 
_atom_site.label_entity_id 
_atom_site.label_seq_id 
_atom_site.pdbx_PDB_ins_code 
_atom_site.Cartn_x 
_atom_site.Cartn_y 
_atom_site.Cartn_z 
_atom_site.occupancy 
_atom_site.B_iso_or_equiv 
_atom_site.pdbx_formal_charge 
_atom_site.auth_seq_id 
_atom_site.auth_comp_id 
_atom_site.auth_asym_id 
_atom_site.auth_atom_id 
_atom_site.pdbx_PDB_model_num 
ATOM   1    N  N   . ARG A 1 2  ? 4.918   -4.889  -17.700 1.00 57.14 ? 2   ARG A N   1 
ATOM   2    C  CA  . ARG A 1 2  ? 3.900   -4.345  -18.637 1.00 57.42 ? 2   ARG A CA  1 
ATOM   3    C  C   . ARG A 1 2  ? 3.612   -2.876  -18.380 1.00 57.49 ? 2   ARG A C   1 
ATOM   4    O  O   . ARG A 1 2  ? 3.418   -2.456  -17.240 1.00 56.85 ? 2   ARG A O   1 
ATOM   5    C  CB  . ARG A 1 2  ? 2.590   -5.124  -18.525 1.00 58.68 ? 2   ARG A CB  1 
ATOM   6    C  CG  . ARG A 1 2  ? 1.503   -4.592  -19.455 1.00 60.74 ? 2   ARG A CG  1 
ATOM   7    C  CD  . ARG A 1 2  ? 0.122   -5.120  -19.097 1.00 62.08 ? 2   ARG A CD  1 
ATOM   8    N  NE  . ARG A 1 2  ? -0.274  -4.760  -17.735 1.00 61.64 ? 2   ARG A NE  1 
ATOM   9    C  CZ  . ARG A 1 2  ? -1.480  -4.989  -17.220 1.00 62.28 ? 2   ARG A CZ  1 
ATOM   10   N  NH1 . ARG A 1 2  ? -2.419  -5.573  -17.951 1.00 63.26 ? 2   ARG A NH1 1 
ATOM   11   N  NH2 . ARG A 1 2  ? -1.745  -4.645  -15.967 1.00 62.26 ? 2   ARG A NH2 1 
ATOM   12   N  N   . LYS A 1 3  ? 3.570   -2.101  -19.455 1.00 58.87 ? 3   LYS A N   1 
ATOM   13   C  CA  . LYS A 1 3  ? 3.293   -0.674  -19.365 1.00 60.02 ? 3   LYS A CA  1 
ATOM   14   C  C   . LYS A 1 3  ? 1.772   -0.462  -19.350 1.00 59.83 ? 3   LYS A C   1 
ATOM   15   O  O   . LYS A 1 3  ? 1.007   -1.293  -19.853 1.00 60.17 ? 3   LYS A O   1 
ATOM   16   C  CB  . LYS A 1 3  ? 3.927   0.058   -20.558 1.00 60.65 ? 3   LYS A CB  1 
ATOM   17   C  CG  . LYS A 1 3  ? 5.362   -0.382  -20.876 1.00 60.89 ? 3   LYS A CG  1 
ATOM   18   C  CD  . LYS A 1 3  ? 6.308   -0.132  -19.706 1.00 61.79 ? 3   LYS A CD  1 
ATOM   19   C  CE  . LYS A 1 3  ? 7.401   -1.204  -19.612 1.00 61.30 ? 3   LYS A CE  1 
ATOM   20   N  NZ  . LYS A 1 3  ? 8.304   -1.277  -20.796 1.00 60.81 ? 3   LYS A NZ  1 
ATOM   21   N  N   . VAL A 1 4  ? 1.343   0.652   -18.762 1.00 58.67 ? 4   VAL A N   1 
ATOM   22   C  CA  . VAL A 1 4  ? -0.076  0.984   -18.658 1.00 56.80 ? 4   VAL A CA  1 
ATOM   23   C  C   . VAL A 1 4  ? -0.360  2.317   -19.335 1.00 56.23 ? 4   VAL A C   1 
ATOM   24   O  O   . VAL A 1 4  ? 0.164   3.347   -18.913 1.00 55.61 ? 4   VAL A O   1 
ATOM   25   C  CB  . VAL A 1 4  ? -0.499  1.104   -17.181 1.00 56.70 ? 4   VAL A CB  1 
ATOM   26   C  CG1 . VAL A 1 4  ? -1.975  1.436   -17.083 1.00 54.67 ? 4   VAL A CG1 1 
ATOM   27   C  CG2 . VAL A 1 4  ? -0.179  -0.183  -16.449 1.00 55.94 ? 4   VAL A CG2 1 
ATOM   28   N  N   . ARG A 1 5  ? -1.175  2.302   -20.385 1.00 55.55 ? 5   ARG A N   1 
ATOM   29   C  CA  . ARG A 1 5  ? -1.516  3.546   -21.068 1.00 55.57 ? 5   ARG A CA  1 
ATOM   30   C  C   . ARG A 1 5  ? -2.646  4.216   -20.294 1.00 54.96 ? 5   ARG A C   1 
ATOM   31   O  O   . ARG A 1 5  ? -3.544  3.542   -19.791 1.00 54.30 ? 5   ARG A O   1 
ATOM   32   C  CB  . ARG A 1 5  ? -1.928  3.284   -22.522 1.00 55.41 ? 5   ARG A CB  1 
ATOM   33   C  CG  . ARG A 1 5  ? -2.938  2.167   -22.718 1.00 56.14 ? 5   ARG A CG  1 
ATOM   34   C  CD  . ARG A 1 5  ? -3.008  1.750   -24.184 1.00 57.01 ? 5   ARG A CD  1 
ATOM   35   N  NE  . ARG A 1 5  ? -3.488  0.375   -24.355 1.00 57.49 ? 5   ARG A NE  1 
ATOM   36   C  CZ  . ARG A 1 5  ? -4.689  0.044   -24.824 1.00 59.13 ? 5   ARG A CZ  1 
ATOM   37   N  NH1 . ARG A 1 5  ? -5.559  0.982   -25.185 1.00 59.09 ? 5   ARG A NH1 1 
ATOM   38   N  NH2 . ARG A 1 5  ? -5.024  -1.232  -24.936 1.00 60.27 ? 5   ARG A NH2 1 
ATOM   39   N  N   . PRO A 1 6  ? -2.608  5.557   -20.189 1.00 55.31 ? 6   PRO A N   1 
ATOM   40   C  CA  . PRO A 1 6  ? -3.584  6.389   -19.483 1.00 56.24 ? 6   PRO A CA  1 
ATOM   41   C  C   . PRO A 1 6  ? -5.029  5.903   -19.550 1.00 58.16 ? 6   PRO A C   1 
ATOM   42   O  O   . PRO A 1 6  ? -5.775  6.005   -18.575 1.00 59.69 ? 6   PRO A O   1 
ATOM   43   C  CB  . PRO A 1 6  ? -3.405  7.748   -20.144 1.00 56.21 ? 6   PRO A CB  1 
ATOM   44   C  CG  . PRO A 1 6  ? -1.949  7.777   -20.422 1.00 55.09 ? 6   PRO A CG  1 
ATOM   45   C  CD  . PRO A 1 6  ? -1.692  6.401   -20.979 1.00 55.62 ? 6   PRO A CD  1 
ATOM   46   N  N   . GLU A 1 7  ? -5.425  5.371   -20.699 1.00 59.26 ? 7   GLU A N   1 
ATOM   47   C  CA  . GLU A 1 7  ? -6.788  4.896   -20.889 1.00 59.98 ? 7   GLU A CA  1 
ATOM   48   C  C   . GLU A 1 7  ? -7.113  3.604   -20.147 1.00 59.49 ? 7   GLU A C   1 
ATOM   49   O  O   . GLU A 1 7  ? -8.286  3.264   -19.984 1.00 60.05 ? 7   GLU A O   1 
ATOM   50   C  CB  . GLU A 1 7  ? -7.045  4.715   -22.375 1.00 62.19 ? 7   GLU A CB  1 
ATOM   51   C  CG  . GLU A 1 7  ? -6.092  3.732   -23.019 1.00 66.90 ? 7   GLU A CG  1 
ATOM   52   C  CD  . GLU A 1 7  ? -5.599  4.207   -24.371 1.00 69.56 ? 7   GLU A CD  1 
ATOM   53   O  OE1 . GLU A 1 7  ? -4.937  5.270   -24.419 1.00 69.88 ? 7   GLU A OE1 1 
ATOM   54   O  OE2 . GLU A 1 7  ? -5.872  3.518   -25.382 1.00 71.76 ? 7   GLU A OE2 1 
ATOM   55   N  N   . GLU A 1 8  ? -6.084  2.884   -19.700 1.00 58.36 ? 8   GLU A N   1 
ATOM   56   C  CA  . GLU A 1 8  ? -6.293  1.629   -18.975 1.00 56.39 ? 8   GLU A CA  1 
ATOM   57   C  C   . GLU A 1 8  ? -6.316  1.837   -17.470 1.00 54.40 ? 8   GLU A C   1 
ATOM   58   O  O   . GLU A 1 8  ? -6.677  0.934   -16.721 1.00 53.39 ? 8   GLU A O   1 
ATOM   59   C  CB  . GLU A 1 8  ? -5.186  0.627   -19.289 1.00 57.26 ? 8   GLU A CB  1 
ATOM   60   C  CG  . GLU A 1 8  ? -5.011  0.263   -20.744 1.00 58.51 ? 8   GLU A CG  1 
ATOM   61   C  CD  . GLU A 1 8  ? -4.012  -0.867  -20.918 1.00 59.83 ? 8   GLU A CD  1 
ATOM   62   O  OE1 . GLU A 1 8  ? -4.423  -2.046  -20.836 1.00 60.02 ? 8   GLU A OE1 1 
ATOM   63   O  OE2 . GLU A 1 8  ? -2.809  -0.576  -21.115 1.00 61.44 ? 8   GLU A OE2 1 
ATOM   64   N  N   . LEU A 1 9  ? -5.908  3.023   -17.037 1.00 52.45 ? 9   LEU A N   1 
ATOM   65   C  CA  . LEU A 1 9  ? -5.865  3.356   -15.623 1.00 51.86 ? 9   LEU A CA  1 
ATOM   66   C  C   . LEU A 1 9  ? -7.204  3.219   -14.901 1.00 53.40 ? 9   LEU A C   1 
ATOM   67   O  O   . LEU A 1 9  ? -7.293  2.549   -13.869 1.00 52.85 ? 9   LEU A O   1 
ATOM   68   C  CB  . LEU A 1 9  ? -5.352  4.783   -15.434 1.00 49.81 ? 9   LEU A CB  1 
ATOM   69   C  CG  . LEU A 1 9  ? -3.863  5.048   -15.571 1.00 48.28 ? 9   LEU A CG  1 
ATOM   70   C  CD1 . LEU A 1 9  ? -3.605  6.533   -15.375 1.00 46.21 ? 9   LEU A CD1 1 
ATOM   71   C  CD2 . LEU A 1 9  ? -3.097  4.226   -14.539 1.00 48.69 ? 9   LEU A CD2 1 
ATOM   72   N  N   . PRO A 1 10 ? -8.259  3.866   -15.429 1.00 55.07 ? 10  PRO A N   1 
ATOM   73   C  CA  . PRO A 1 10 ? -9.588  3.812   -14.818 1.00 56.18 ? 10  PRO A CA  1 
ATOM   74   C  C   . PRO A 1 10 ? -10.000 2.408   -14.392 1.00 56.95 ? 10  PRO A C   1 
ATOM   75   O  O   . PRO A 1 10 ? -10.646 2.226   -13.361 1.00 57.36 ? 10  PRO A O   1 
ATOM   76   C  CB  . PRO A 1 10 ? -10.480 4.386   -15.911 1.00 55.94 ? 10  PRO A CB  1 
ATOM   77   C  CG  . PRO A 1 10 ? -9.591  5.417   -16.527 1.00 55.71 ? 10  PRO A CG  1 
ATOM   78   C  CD  . PRO A 1 10 ? -8.298  4.658   -16.672 1.00 55.04 ? 10  PRO A CD  1 
ATOM   79   N  N   . ALA A 1 11 ? -9.620  1.417   -15.188 1.00 57.54 ? 11  ALA A N   1 
ATOM   80   C  CA  . ALA A 1 11 ? -9.956  0.032   -14.892 1.00 58.55 ? 11  ALA A CA  1 
ATOM   81   C  C   . ALA A 1 11 ? -9.158  -0.492  -13.705 1.00 59.30 ? 11  ALA A C   1 
ATOM   82   O  O   . ALA A 1 11 ? -9.712  -1.121  -12.801 1.00 59.36 ? 11  ALA A O   1 
ATOM   83   C  CB  . ALA A 1 11 ? -9.697  -0.827  -16.111 1.00 60.04 ? 11  ALA A CB  1 
ATOM   84   N  N   . LEU A 1 12 ? -7.856  -0.232  -13.717 1.00 59.61 ? 12  LEU A N   1 
ATOM   85   C  CA  . LEU A 1 12 ? -6.975  -0.678  -12.646 1.00 60.30 ? 12  LEU A CA  1 
ATOM   86   C  C   . LEU A 1 12 ? -7.298  0.005   -11.328 1.00 60.83 ? 12  LEU A C   1 
ATOM   87   O  O   . LEU A 1 12 ? -7.367  -0.643  -10.286 1.00 60.53 ? 12  LEU A O   1 
ATOM   88   C  CB  . LEU A 1 12 ? -5.521  -0.394  -13.011 1.00 60.57 ? 12  LEU A CB  1 
ATOM   89   C  CG  . LEU A 1 12 ? -4.979  -1.137  -14.226 1.00 59.56 ? 12  LEU A CG  1 
ATOM   90   C  CD1 . LEU A 1 12 ? -3.533  -0.748  -14.437 1.00 58.48 ? 12  LEU A CD1 1 
ATOM   91   C  CD2 . LEU A 1 12 ? -5.111  -2.634  -14.016 1.00 59.06 ? 12  LEU A CD2 1 
ATOM   92   N  N   . LEU A 1 13 ? -7.484  1.317   -11.381 1.00 61.95 ? 13  LEU A N   1 
ATOM   93   C  CA  . LEU A 1 13 ? -7.798  2.097   -10.190 1.00 62.52 ? 13  LEU A CA  1 
ATOM   94   C  C   . LEU A 1 13 ? -8.976  1.494   -9.429  1.00 62.72 ? 13  LEU A C   1 
ATOM   95   O  O   . LEU A 1 13 ? -8.869  1.214   -8.233  1.00 62.56 ? 13  LEU A O   1 
ATOM   96   C  CB  . LEU A 1 13 ? -8.121  3.538   -10.591 1.00 63.47 ? 13  LEU A CB  1 
ATOM   97   C  CG  . LEU A 1 13 ? -7.022  4.292   -11.350 1.00 64.07 ? 13  LEU A CG  1 
ATOM   98   C  CD1 . LEU A 1 13 ? -7.511  5.685   -11.722 1.00 63.28 ? 13  LEU A CD1 1 
ATOM   99   C  CD2 . LEU A 1 13 ? -5.770  4.378   -10.490 1.00 64.01 ? 13  LEU A CD2 1 
ATOM   100  N  N   . GLU A 1 14 ? -10.092 1.295   -10.131 1.00 63.38 ? 14  GLU A N   1 
ATOM   101  C  CA  . GLU A 1 14 ? -11.305 0.728   -9.536  1.00 64.10 ? 14  GLU A CA  1 
ATOM   102  C  C   . GLU A 1 14 ? -11.048 -0.632  -8.889  1.00 62.44 ? 14  GLU A C   1 
ATOM   103  O  O   . GLU A 1 14 ? -11.682 -0.986  -7.889  1.00 62.04 ? 14  GLU A O   1 
ATOM   104  C  CB  . GLU A 1 14 ? -12.412 0.584   -10.593 1.00 66.72 ? 14  GLU A CB  1 
ATOM   105  C  CG  . GLU A 1 14 ? -12.809 1.888   -11.292 1.00 70.37 ? 14  GLU A CG  1 
ATOM   106  C  CD  . GLU A 1 14 ? -14.032 1.739   -12.192 1.00 72.37 ? 14  GLU A CD  1 
ATOM   107  O  OE1 . GLU A 1 14 ? -15.168 1.670   -11.668 1.00 73.86 ? 14  GLU A OE1 1 
ATOM   108  O  OE2 . GLU A 1 14 ? -13.854 1.680   -13.427 1.00 74.12 ? 14  GLU A OE2 1 
ATOM   109  N  N   . GLU A 1 15 ? -10.123 -1.391  -9.471  1.00 59.78 ? 15  GLU A N   1 
ATOM   110  C  CA  . GLU A 1 15 ? -9.770  -2.707  -8.953  1.00 56.87 ? 15  GLU A CA  1 
ATOM   111  C  C   . GLU A 1 15 ? -8.928  -2.552  -7.683  1.00 53.69 ? 15  GLU A C   1 
ATOM   112  O  O   . GLU A 1 15 ? -8.571  -3.533  -7.029  1.00 51.86 ? 15  GLU A O   1 
ATOM   113  C  CB  . GLU A 1 15 ? -8.981  -3.489  -10.002 1.00 59.29 ? 15  GLU A CB  1 
ATOM   114  C  CG  . GLU A 1 15 ? -9.639  -3.560  -11.369 1.00 62.17 ? 15  GLU A CG  1 
ATOM   115  C  CD  . GLU A 1 15 ? -8.781  -4.307  -12.380 1.00 65.63 ? 15  GLU A CD  1 
ATOM   116  O  OE1 . GLU A 1 15 ? -9.051  -4.202  -13.598 1.00 67.91 ? 15  GLU A OE1 1 
ATOM   117  O  OE2 . GLU A 1 15 ? -7.836  -5.009  -11.952 1.00 66.90 ? 15  GLU A OE2 1 
ATOM   118  N  N   . GLY A 1 16 ? -8.609  -1.306  -7.348  1.00 50.98 ? 16  GLY A N   1 
ATOM   119  C  CA  . GLY A 1 16 ? -7.829  -1.027  -6.157  1.00 46.51 ? 16  GLY A CA  1 
ATOM   120  C  C   . GLY A 1 16 ? -6.332  -1.276  -6.262  1.00 43.95 ? 16  GLY A C   1 
ATOM   121  O  O   . GLY A 1 16 ? -5.691  -1.599  -5.258  1.00 43.18 ? 16  GLY A O   1 
ATOM   122  N  N   . VAL A 1 17 ? -5.762  -1.122  -7.455  1.00 40.56 ? 17  VAL A N   1 
ATOM   123  C  CA  . VAL A 1 17 ? -4.330  -1.335  -7.630  1.00 36.88 ? 17  VAL A CA  1 
ATOM   124  C  C   . VAL A 1 17 ? -3.560  -0.392  -6.719  1.00 33.86 ? 17  VAL A C   1 
ATOM   125  O  O   . VAL A 1 17 ? -3.964  0.756   -6.508  1.00 30.47 ? 17  VAL A O   1 
ATOM   126  C  CB  . VAL A 1 17 ? -3.861  -1.069  -9.094  1.00 39.17 ? 17  VAL A CB  1 
ATOM   127  C  CG1 . VAL A 1 17 ? -4.667  -1.901  -10.068 1.00 43.39 ? 17  VAL A CG1 1 
ATOM   128  C  CG2 . VAL A 1 17 ? -3.982  0.413   -9.437  1.00 38.98 ? 17  VAL A CG2 1 
ATOM   129  N  N   . LEU A 1 18 ? -2.457  -0.886  -6.172  1.00 30.14 ? 18  LEU A N   1 
ATOM   130  C  CA  . LEU A 1 18 ? -1.639  -0.068  -5.304  1.00 28.23 ? 18  LEU A CA  1 
ATOM   131  C  C   . LEU A 1 18 ? -0.732  0.728   -6.230  1.00 29.09 ? 18  LEU A C   1 
ATOM   132  O  O   . LEU A 1 18 ? -0.016  0.153   -7.052  1.00 29.81 ? 18  LEU A O   1 
ATOM   133  C  CB  . LEU A 1 18 ? -0.799  -0.938  -4.373  1.00 25.17 ? 18  LEU A CB  1 
ATOM   134  C  CG  . LEU A 1 18 ? -0.443  -0.415  -2.977  1.00 26.50 ? 18  LEU A CG  1 
ATOM   135  C  CD1 . LEU A 1 18 ? 0.963   -0.914  -2.644  1.00 25.75 ? 18  LEU A CD1 1 
ATOM   136  C  CD2 . LEU A 1 18 ? -0.495  1.105   -2.898  1.00 26.92 ? 18  LEU A CD2 1 
ATOM   137  N  N   . VAL A 1 19 ? -0.789  2.050   -6.107  1.00 28.37 ? 19  VAL A N   1 
ATOM   138  C  CA  . VAL A 1 19 ? 0.009   2.949   -6.918  1.00 25.48 ? 19  VAL A CA  1 
ATOM   139  C  C   . VAL A 1 19 ? 1.225   3.298   -6.087  1.00 28.19 ? 19  VAL A C   1 
ATOM   140  O  O   . VAL A 1 19 ? 1.094   3.639   -4.912  1.00 30.03 ? 19  VAL A O   1 
ATOM   141  C  CB  . VAL A 1 19 ? -0.784  4.242   -7.265  1.00 24.70 ? 19  VAL A CB  1 
ATOM   142  C  CG1 . VAL A 1 19 ? 0.100   5.238   -8.025  1.00 23.15 ? 19  VAL A CG1 1 
ATOM   143  C  CG2 . VAL A 1 19 ? -2.006  3.886   -8.098  1.00 21.45 ? 19  VAL A CG2 1 
ATOM   144  N  N   . VAL A 1 20 ? 2.406   3.180   -6.687  1.00 29.21 ? 20  VAL A N   1 
ATOM   145  C  CA  . VAL A 1 20 ? 3.655   3.484   -6.004  1.00 31.48 ? 20  VAL A CA  1 
ATOM   146  C  C   . VAL A 1 20 ? 4.451   4.541   -6.760  1.00 32.43 ? 20  VAL A C   1 
ATOM   147  O  O   . VAL A 1 20 ? 4.785   4.375   -7.929  1.00 30.07 ? 20  VAL A O   1 
ATOM   148  C  CB  . VAL A 1 20 ? 4.539   2.215   -5.828  1.00 32.84 ? 20  VAL A CB  1 
ATOM   149  C  CG1 . VAL A 1 20 ? 5.945   2.601   -5.318  1.00 32.10 ? 20  VAL A CG1 1 
ATOM   150  C  CG2 . VAL A 1 20 ? 3.879   1.263   -4.842  1.00 34.32 ? 20  VAL A CG2 1 
ATOM   151  N  N   . ASP A 1 21 ? 4.752   5.628   -6.061  1.00 35.12 ? 21  ASP A N   1 
ATOM   152  C  CA  . ASP A 1 21 ? 5.506   6.733   -6.615  1.00 35.35 ? 21  ASP A CA  1 
ATOM   153  C  C   . ASP A 1 21 ? 6.989   6.505   -6.352  1.00 36.20 ? 21  ASP A C   1 
ATOM   154  O  O   . ASP A 1 21 ? 7.422   6.488   -5.204  1.00 36.01 ? 21  ASP A O   1 
ATOM   155  C  CB  . ASP A 1 21 ? 5.044   8.041   -5.975  1.00 33.91 ? 21  ASP A CB  1 
ATOM   156  C  CG  . ASP A 1 21 ? 5.761   9.243   -6.538  1.00 37.12 ? 21  ASP A CG  1 
ATOM   157  O  OD1 . ASP A 1 21 ? 6.171   9.204   -7.723  1.00 36.83 ? 21  ASP A OD1 1 
ATOM   158  O  OD2 . ASP A 1 21 ? 5.898   10.247  -5.809  1.00 39.43 ? 21  ASP A OD2 1 
ATOM   159  N  N   . VAL A 1 22 ? 7.761   6.332   -7.421  1.00 36.84 ? 22  VAL A N   1 
ATOM   160  C  CA  . VAL A 1 22 ? 9.190   6.091   -7.296  1.00 37.87 ? 22  VAL A CA  1 
ATOM   161  C  C   . VAL A 1 22 ? 10.071  7.330   -7.422  1.00 39.23 ? 22  VAL A C   1 
ATOM   162  O  O   . VAL A 1 22 ? 11.290  7.234   -7.324  1.00 39.28 ? 22  VAL A O   1 
ATOM   163  C  CB  . VAL A 1 22 ? 9.638   5.069   -8.326  1.00 37.07 ? 22  VAL A CB  1 
ATOM   164  C  CG1 . VAL A 1 22 ? 9.030   3.709   -7.996  1.00 35.66 ? 22  VAL A CG1 1 
ATOM   165  C  CG2 . VAL A 1 22 ? 9.216   5.530   -9.721  1.00 37.67 ? 22  VAL A CG2 1 
ATOM   166  N  N   . ARG A 1 23 ? 9.460   8.490   -7.627  1.00 42.19 ? 23  ARG A N   1 
ATOM   167  C  CA  . ARG A 1 23 ? 10.208  9.738   -7.758  1.00 45.87 ? 23  ARG A CA  1 
ATOM   168  C  C   . ARG A 1 23 ? 11.085  10.010  -6.542  1.00 47.87 ? 23  ARG A C   1 
ATOM   169  O  O   . ARG A 1 23 ? 10.875  9.433   -5.485  1.00 48.44 ? 23  ARG A O   1 
ATOM   170  C  CB  . ARG A 1 23 ? 9.240   10.913  -7.963  1.00 46.85 ? 23  ARG A CB  1 
ATOM   171  C  CG  . ARG A 1 23 ? 8.859   11.174  -9.417  1.00 49.30 ? 23  ARG A CG  1 
ATOM   172  C  CD  . ARG A 1 23 ? 7.384   11.532  -9.574  1.00 51.00 ? 23  ARG A CD  1 
ATOM   173  N  NE  . ARG A 1 23 ? 6.947   12.576  -8.648  1.00 51.98 ? 23  ARG A NE  1 
ATOM   174  C  CZ  . ARG A 1 23 ? 5.678   12.940  -8.495  1.00 52.29 ? 23  ARG A CZ  1 
ATOM   175  N  NH1 . ARG A 1 23 ? 4.731   12.349  -9.205  1.00 52.75 ? 23  ARG A NH1 1 
ATOM   176  N  NH2 . ARG A 1 23 ? 5.354   13.877  -7.618  1.00 52.50 ? 23  ARG A NH2 1 
ATOM   177  N  N   . PRO A 1 24 ? 12.103  10.882  -6.691  1.00 51.04 ? 24  PRO A N   1 
ATOM   178  C  CA  . PRO A 1 24 ? 13.012  11.237  -5.593  1.00 51.99 ? 24  PRO A CA  1 
ATOM   179  C  C   . PRO A 1 24 ? 12.310  12.187  -4.618  1.00 52.85 ? 24  PRO A C   1 
ATOM   180  O  O   . PRO A 1 24 ? 11.103  12.386  -4.714  1.00 54.04 ? 24  PRO A O   1 
ATOM   181  C  CB  . PRO A 1 24 ? 14.183  11.908  -6.314  1.00 52.49 ? 24  PRO A CB  1 
ATOM   182  C  CG  . PRO A 1 24 ? 13.523  12.554  -7.482  1.00 52.49 ? 24  PRO A CG  1 
ATOM   183  C  CD  . PRO A 1 24 ? 12.583  11.460  -7.961  1.00 51.30 ? 24  PRO A CD  1 
ATOM   184  N  N   . ALA A 1 25 ? 13.058  12.770  -3.685  1.00 53.57 ? 25  ALA A N   1 
ATOM   185  C  CA  . ALA A 1 25 ? 12.470  13.684  -2.710  1.00 54.02 ? 25  ALA A CA  1 
ATOM   186  C  C   . ALA A 1 25 ? 11.845  14.929  -3.357  1.00 55.36 ? 25  ALA A C   1 
ATOM   187  O  O   . ALA A 1 25 ? 10.688  15.247  -3.002  1.00 55.66 ? 25  ALA A O   1 
ATOM   188  C  CB  . ALA A 1 25 ? 13.517  14.088  -1.683  1.00 53.29 ? 25  ALA A CB  1 
ATOM   189  N  N   . ARG A 1 28 ? 9.681   15.444  -7.754  1.00 60.52 ? 28  ARG A N   1 
ATOM   190  C  CA  . ARG A 1 28 ? 8.231   15.342  -7.400  1.00 61.81 ? 28  ARG A CA  1 
ATOM   191  C  C   . ARG A 1 28 ? 7.442   16.577  -7.834  1.00 61.96 ? 28  ARG A C   1 
ATOM   192  O  O   . ARG A 1 28 ? 6.736   17.190  -7.030  1.00 61.83 ? 28  ARG A O   1 
ATOM   193  C  CB  . ARG A 1 28 ? 8.062   15.152  -5.888  1.00 61.37 ? 28  ARG A CB  1 
ATOM   194  C  CG  . ARG A 1 28 ? 8.462   13.785  -5.359  1.00 62.32 ? 28  ARG A CG  1 
ATOM   195  C  CD  . ARG A 1 28 ? 8.131   13.670  -3.872  1.00 64.25 ? 28  ARG A CD  1 
ATOM   196  N  NE  . ARG A 1 28 ? 7.052   12.724  -3.583  1.00 65.42 ? 28  ARG A NE  1 
ATOM   197  C  CZ  . ARG A 1 28 ? 5.839   12.759  -4.133  1.00 66.64 ? 28  ARG A CZ  1 
ATOM   198  N  NH1 . ARG A 1 28 ? 5.532   13.699  -5.019  1.00 67.68 ? 28  ARG A NH1 1 
ATOM   199  N  NH2 . ARG A 1 28 ? 4.923   11.860  -3.784  1.00 65.95 ? 28  ARG A NH2 1 
ATOM   200  N  N   . SER A 1 29 ? 7.550   16.929  -9.110  1.00 62.39 ? 29  SER A N   1 
ATOM   201  C  CA  . SER A 1 29 ? 6.862   18.106  -9.639  1.00 63.16 ? 29  SER A CA  1 
ATOM   202  C  C   . SER A 1 29 ? 5.363   17.893  -9.796  1.00 64.23 ? 29  SER A C   1 
ATOM   203  O  O   . SER A 1 29 ? 4.583   18.233  -8.906  1.00 64.75 ? 29  SER A O   1 
ATOM   204  C  CB  . SER A 1 29 ? 7.453   18.487  -10.996 1.00 62.32 ? 29  SER A CB  1 
ATOM   205  O  OG  . SER A 1 29 ? 8.863   18.498  -10.939 1.00 62.13 ? 29  SER A OG  1 
ATOM   206  N  N   . THR A 1 30 ? 4.978   17.333  -10.942 1.00 64.88 ? 30  THR A N   1 
ATOM   207  C  CA  . THR A 1 30 ? 3.580   17.068  -11.260 1.00 65.54 ? 30  THR A CA  1 
ATOM   208  C  C   . THR A 1 30 ? 2.816   16.401  -10.117 1.00 65.77 ? 30  THR A C   1 
ATOM   209  O  O   . THR A 1 30 ? 3.334   15.506  -9.442  1.00 65.60 ? 30  THR A O   1 
ATOM   210  C  CB  . THR A 1 30 ? 3.460   16.179  -12.503 1.00 65.61 ? 30  THR A CB  1 
ATOM   211  O  OG1 . THR A 1 30 ? 3.974   14.874  -12.211 1.00 66.78 ? 30  THR A OG1 1 
ATOM   212  C  CG2 . THR A 1 30 ? 4.241   16.783  -13.658 1.00 65.43 ? 30  THR A CG2 1 
ATOM   213  N  N   . PRO A 1 31 ? 1.565   16.839  -9.887  1.00 65.59 ? 31  PRO A N   1 
ATOM   214  C  CA  . PRO A 1 31 ? 0.683   16.319  -8.835  1.00 65.37 ? 31  PRO A CA  1 
ATOM   215  C  C   . PRO A 1 31 ? 0.499   14.802  -8.915  1.00 63.93 ? 31  PRO A C   1 
ATOM   216  O  O   . PRO A 1 31 ? 0.906   14.176  -9.889  1.00 65.43 ? 31  PRO A O   1 
ATOM   217  C  CB  . PRO A 1 31 ? -0.625  17.069  -9.086  1.00 66.39 ? 31  PRO A CB  1 
ATOM   218  C  CG  . PRO A 1 31 ? -0.151  18.385  -9.642  1.00 66.49 ? 31  PRO A CG  1 
ATOM   219  C  CD  . PRO A 1 31 ? 0.914   17.944  -10.615 1.00 65.65 ? 31  PRO A CD  1 
ATOM   220  N  N   . LEU A 1 32 ? -0.115  14.219  -7.893  1.00 62.07 ? 32  LEU A N   1 
ATOM   221  C  CA  . LEU A 1 32 ? -0.345  12.779  -7.872  1.00 60.11 ? 32  LEU A CA  1 
ATOM   222  C  C   . LEU A 1 32 ? -1.835  12.458  -7.891  1.00 58.90 ? 32  LEU A C   1 
ATOM   223  O  O   . LEU A 1 32 ? -2.512  12.530  -6.868  1.00 59.35 ? 32  LEU A O   1 
ATOM   224  C  CB  . LEU A 1 32 ? 0.292   12.160  -6.628  1.00 59.65 ? 32  LEU A CB  1 
ATOM   225  C  CG  . LEU A 1 32 ? 1.330   11.080  -6.900  1.00 57.84 ? 32  LEU A CG  1 
ATOM   226  C  CD1 . LEU A 1 32 ? 1.898   10.604  -5.584  1.00 59.34 ? 32  LEU A CD1 1 
ATOM   227  C  CD2 . LEU A 1 32 ? 0.696   9.935   -7.669  1.00 57.80 ? 32  LEU A CD2 1 
ATOM   228  N  N   . PRO A 1 33 ? -2.365  12.092  -9.067  1.00 58.10 ? 33  PRO A N   1 
ATOM   229  C  CA  . PRO A 1 33 ? -3.784  11.758  -9.223  1.00 56.44 ? 33  PRO A CA  1 
ATOM   230  C  C   . PRO A 1 33 ? -4.151  10.394  -8.637  1.00 54.03 ? 33  PRO A C   1 
ATOM   231  O  O   . PRO A 1 33 ? -5.211  9.839   -8.941  1.00 54.04 ? 33  PRO A O   1 
ATOM   232  C  CB  . PRO A 1 33 ? -3.975  11.805  -10.738 1.00 57.21 ? 33  PRO A CB  1 
ATOM   233  C  CG  . PRO A 1 33 ? -2.663  11.285  -11.245 1.00 57.01 ? 33  PRO A CG  1 
ATOM   234  C  CD  . PRO A 1 33 ? -1.660  12.011  -10.361 1.00 58.53 ? 33  PRO A CD  1 
ATOM   235  N  N   . PHE A 1 34 ? -3.272  9.863   -7.796  1.00 50.95 ? 34  PHE A N   1 
ATOM   236  C  CA  . PHE A 1 34 ? -3.501  8.563   -7.188  1.00 47.85 ? 34  PHE A CA  1 
ATOM   237  C  C   . PHE A 1 34 ? -3.099  8.592   -5.733  1.00 45.84 ? 34  PHE A C   1 
ATOM   238  O  O   . PHE A 1 34 ? -2.179  9.320   -5.352  1.00 46.88 ? 34  PHE A O   1 
ATOM   239  C  CB  . PHE A 1 34 ? -2.658  7.503   -7.880  1.00 49.54 ? 34  PHE A CB  1 
ATOM   240  C  CG  . PHE A 1 34 ? -2.719  7.554   -9.372  1.00 51.76 ? 34  PHE A CG  1 
ATOM   241  C  CD1 . PHE A 1 34 ? -3.898  7.244   -10.049 1.00 53.20 ? 34  PHE A CD1 1 
ATOM   242  C  CD2 . PHE A 1 34 ? -1.586  7.884   -10.109 1.00 51.63 ? 34  PHE A CD2 1 
ATOM   243  C  CE1 . PHE A 1 34 ? -3.944  7.255   -11.438 1.00 53.21 ? 34  PHE A CE1 1 
ATOM   244  C  CE2 . PHE A 1 34 ? -1.622  7.897   -11.497 1.00 52.57 ? 34  PHE A CE2 1 
ATOM   245  C  CZ  . PHE A 1 34 ? -2.803  7.581   -12.166 1.00 52.53 ? 34  PHE A CZ  1 
ATOM   246  N  N   . ALA A 1 35 ? -3.786  7.789   -4.928  1.00 40.71 ? 35  ALA A N   1 
ATOM   247  C  CA  . ALA A 1 35 ? -3.494  7.691   -3.514  1.00 38.49 ? 35  ALA A CA  1 
ATOM   248  C  C   . ALA A 1 35 ? -2.281  6.782   -3.451  1.00 37.98 ? 35  ALA A C   1 
ATOM   249  O  O   . ALA A 1 35 ? -2.377  5.635   -3.028  1.00 39.83 ? 35  ALA A O   1 
ATOM   250  C  CB  . ALA A 1 35 ? -4.653  7.066   -2.795  1.00 37.90 ? 35  ALA A CB  1 
ATOM   251  N  N   . ALA A 1 36 ? -1.136  7.310   -3.876  1.00 36.17 ? 36  ALA A N   1 
ATOM   252  C  CA  . ALA A 1 36 ? 0.096   6.542   -3.931  1.00 33.15 ? 36  ALA A CA  1 
ATOM   253  C  C   . ALA A 1 36 ? 0.979   6.566   -2.708  1.00 31.44 ? 36  ALA A C   1 
ATOM   254  O  O   . ALA A 1 36 ? 0.929   7.475   -1.895  1.00 31.16 ? 36  ALA A O   1 
ATOM   255  C  CB  . ALA A 1 36 ? 0.904   6.980   -5.137  1.00 33.45 ? 36  ALA A CB  1 
ATOM   256  N  N   . GLU A 1 37 ? 1.796   5.530   -2.604  1.00 32.57 ? 37  GLU A N   1 
ATOM   257  C  CA  . GLU A 1 37 ? 2.746   5.409   -1.523  1.00 33.35 ? 37  GLU A CA  1 
ATOM   258  C  C   . GLU A 1 37 ? 4.086   5.763   -2.158  1.00 34.44 ? 37  GLU A C   1 
ATOM   259  O  O   . GLU A 1 37 ? 4.443   5.225   -3.210  1.00 32.44 ? 37  GLU A O   1 
ATOM   260  C  CB  . GLU A 1 37 ? 2.779   3.980   -0.999  1.00 34.60 ? 37  GLU A CB  1 
ATOM   261  C  CG  . GLU A 1 37 ? 3.544   3.838   0.290   1.00 36.97 ? 37  GLU A CG  1 
ATOM   262  C  CD  . GLU A 1 37 ? 3.781   2.402   0.660   1.00 39.73 ? 37  GLU A CD  1 
ATOM   263  O  OE1 . GLU A 1 37 ? 2.807   1.624   0.621   1.00 41.63 ? 37  GLU A OE1 1 
ATOM   264  O  OE2 . GLU A 1 37 ? 4.937   2.052   0.992   1.00 40.66 ? 37  GLU A OE2 1 
ATOM   265  N  N   . TRP A 1 38 ? 4.818   6.675   -1.521  1.00 36.60 ? 38  TRP A N   1 
ATOM   266  C  CA  . TRP A 1 38 ? 6.110   7.119   -2.030  1.00 36.70 ? 38  TRP A CA  1 
ATOM   267  C  C   . TRP A 1 38 ? 7.301   6.259   -1.588  1.00 34.60 ? 38  TRP A C   1 
ATOM   268  O  O   . TRP A 1 38 ? 7.620   6.157   -0.407  1.00 32.81 ? 38  TRP A O   1 
ATOM   269  C  CB  . TRP A 1 38 ? 6.343   8.572   -1.616  1.00 42.14 ? 38  TRP A CB  1 
ATOM   270  C  CG  . TRP A 1 38 ? 7.611   9.174   -2.164  1.00 47.02 ? 38  TRP A CG  1 
ATOM   271  C  CD1 . TRP A 1 38 ? 7.921   9.396   -3.478  1.00 46.60 ? 38  TRP A CD1 1 
ATOM   272  C  CD2 . TRP A 1 38 ? 8.722   9.666   -1.401  1.00 50.48 ? 38  TRP A CD2 1 
ATOM   273  N  NE1 . TRP A 1 38 ? 9.150   9.998   -3.579  1.00 48.25 ? 38  TRP A NE1 1 
ATOM   274  C  CE2 . TRP A 1 38 ? 9.665   10.176  -2.325  1.00 50.91 ? 38  TRP A CE2 1 
ATOM   275  C  CE3 . TRP A 1 38 ? 9.013   9.719   -0.029  1.00 52.74 ? 38  TRP A CE3 1 
ATOM   276  C  CZ2 . TRP A 1 38 ? 10.880  10.746  -1.915  1.00 53.12 ? 38  TRP A CZ2 1 
ATOM   277  C  CZ3 . TRP A 1 38 ? 10.223  10.282  0.377   1.00 53.95 ? 38  TRP A CZ3 1 
ATOM   278  C  CH2 . TRP A 1 38 ? 11.142  10.787  -0.569  1.00 54.61 ? 38  TRP A CH2 1 
ATOM   279  N  N   . VAL A 1 39 ? 7.946   5.643   -2.567  1.00 34.29 ? 39  VAL A N   1 
ATOM   280  C  CA  . VAL A 1 39 ? 9.114   4.798   -2.350  1.00 32.96 ? 39  VAL A CA  1 
ATOM   281  C  C   . VAL A 1 39 ? 10.093  5.186   -3.453  1.00 32.30 ? 39  VAL A C   1 
ATOM   282  O  O   . VAL A 1 39 ? 9.977   4.723   -4.593  1.00 30.88 ? 39  VAL A O   1 
ATOM   283  C  CB  . VAL A 1 39 ? 8.790   3.287   -2.517  1.00 32.16 ? 39  VAL A CB  1 
ATOM   284  C  CG1 . VAL A 1 39 ? 9.873   2.455   -1.842  1.00 28.61 ? 39  VAL A CG1 1 
ATOM   285  C  CG2 . VAL A 1 39 ? 7.407   2.966   -1.963  1.00 31.71 ? 39  VAL A CG2 1 
ATOM   286  N  N   . PRO A 1 40 ? 11.045  6.068   -3.138  1.00 33.16 ? 40  PRO A N   1 
ATOM   287  C  CA  . PRO A 1 40 ? 12.049  6.526   -4.099  1.00 34.67 ? 40  PRO A CA  1 
ATOM   288  C  C   . PRO A 1 40 ? 12.821  5.357   -4.701  1.00 35.91 ? 40  PRO A C   1 
ATOM   289  O  O   . PRO A 1 40 ? 13.066  4.358   -4.029  1.00 35.93 ? 40  PRO A O   1 
ATOM   290  C  CB  . PRO A 1 40 ? 12.934  7.431   -3.259  1.00 34.69 ? 40  PRO A CB  1 
ATOM   291  C  CG  . PRO A 1 40 ? 11.996  7.974   -2.253  1.00 34.05 ? 40  PRO A CG  1 
ATOM   292  C  CD  . PRO A 1 40 ? 11.175  6.787   -1.861  1.00 33.27 ? 40  PRO A CD  1 
ATOM   293  N  N   . LEU A 1 41 ? 13.186  5.483   -5.970  1.00 37.26 ? 41  LEU A N   1 
ATOM   294  C  CA  . LEU A 1 41 ? 13.935  4.443   -6.661  1.00 40.60 ? 41  LEU A CA  1 
ATOM   295  C  C   . LEU A 1 41 ? 15.194  4.132   -5.856  1.00 42.91 ? 41  LEU A C   1 
ATOM   296  O  O   . LEU A 1 41 ? 15.524  2.972   -5.598  1.00 43.17 ? 41  LEU A O   1 
ATOM   297  C  CB  . LEU A 1 41 ? 14.341  4.929   -8.052  1.00 40.20 ? 41  LEU A CB  1 
ATOM   298  C  CG  . LEU A 1 41 ? 14.185  3.954   -9.220  1.00 42.24 ? 41  LEU A CG  1 
ATOM   299  C  CD1 . LEU A 1 41 ? 14.987  4.481   -10.417 1.00 42.54 ? 41  LEU A CD1 1 
ATOM   300  C  CD2 . LEU A 1 41 ? 14.669  2.569   -8.829  1.00 40.40 ? 41  LEU A CD2 1 
ATOM   301  N  N   . GLU A 1 42 ? 15.894  5.196   -5.480  1.00 45.23 ? 42  GLU A N   1 
ATOM   302  C  CA  . GLU A 1 42 ? 17.126  5.121   -4.701  1.00 46.47 ? 42  GLU A CA  1 
ATOM   303  C  C   . GLU A 1 42 ? 17.016  4.073   -3.593  1.00 46.97 ? 42  GLU A C   1 
ATOM   304  O  O   . GLU A 1 42 ? 17.942  3.291   -3.372  1.00 47.07 ? 42  GLU A O   1 
ATOM   305  C  CB  . GLU A 1 42 ? 17.393  6.493   -4.095  1.00 47.80 ? 42  GLU A CB  1 
ATOM   306  C  CG  . GLU A 1 42 ? 16.199  7.025   -3.294  1.00 53.10 ? 42  GLU A CG  1 
ATOM   307  C  CD  . GLU A 1 42 ? 15.800  8.460   -3.647  1.00 54.92 ? 42  GLU A CD  1 
ATOM   308  O  OE1 . GLU A 1 42 ? 15.450  8.721   -4.821  1.00 57.29 ? 42  GLU A OE1 1 
ATOM   309  O  OE2 . GLU A 1 42 ? 15.828  9.322   -2.743  1.00 55.58 ? 42  GLU A OE2 1 
ATOM   310  N  N   . LYS A 1 43 ? 15.870  4.074   -2.910  1.00 46.90 ? 43  LYS A N   1 
ATOM   311  C  CA  . LYS A 1 43 ? 15.583  3.152   -1.820  1.00 46.17 ? 43  LYS A CA  1 
ATOM   312  C  C   . LYS A 1 43 ? 15.189  1.778   -2.333  1.00 45.83 ? 43  LYS A C   1 
ATOM   313  O  O   . LYS A 1 43 ? 15.511  0.763   -1.721  1.00 45.37 ? 43  LYS A O   1 
ATOM   314  C  CB  . LYS A 1 43 ? 14.469  3.729   -0.937  1.00 48.89 ? 43  LYS A CB  1 
ATOM   315  C  CG  . LYS A 1 43 ? 14.888  4.988   -0.165  1.00 51.54 ? 43  LYS A CG  1 
ATOM   316  C  CD  . LYS A 1 43 ? 13.710  5.762   0.432   1.00 51.85 ? 43  LYS A CD  1 
ATOM   317  C  CE  . LYS A 1 43 ? 13.006  5.001   1.544   1.00 52.56 ? 43  LYS A CE  1 
ATOM   318  N  NZ  . LYS A 1 43 ? 11.964  5.846   2.212   1.00 53.43 ? 43  LYS A NZ  1 
ATOM   319  N  N   . ILE A 1 44 ? 14.479  1.737   -3.454  1.00 47.34 ? 44  ILE A N   1 
ATOM   320  C  CA  . ILE A 1 44 ? 14.070  0.457   -4.039  1.00 47.74 ? 44  ILE A CA  1 
ATOM   321  C  C   . ILE A 1 44 ? 15.297  -0.261  -4.582  1.00 48.96 ? 44  ILE A C   1 
ATOM   322  O  O   . ILE A 1 44 ? 15.315  -1.491  -4.669  1.00 47.52 ? 44  ILE A O   1 
ATOM   323  C  CB  . ILE A 1 44 ? 13.065  0.641   -5.208  1.00 46.34 ? 44  ILE A CB  1 
ATOM   324  C  CG1 . ILE A 1 44 ? 11.696  1.067   -4.668  1.00 44.83 ? 44  ILE A CG1 1 
ATOM   325  C  CG2 . ILE A 1 44 ? 12.919  -0.655  -5.979  1.00 45.16 ? 44  ILE A CG2 1 
ATOM   326  C  CD1 . ILE A 1 44 ? 10.630  1.197   -5.739  1.00 40.91 ? 44  ILE A CD1 1 
ATOM   327  N  N   . GLN A 1 45 ? 16.318  0.514   -4.954  1.00 50.92 ? 45  GLN A N   1 
ATOM   328  C  CA  . GLN A 1 45 ? 17.550  -0.058  -5.493  1.00 53.26 ? 45  GLN A CA  1 
ATOM   329  C  C   . GLN A 1 45 ? 18.324  -0.706  -4.358  1.00 54.91 ? 45  GLN A C   1 
ATOM   330  O  O   . GLN A 1 45 ? 19.127  -1.611  -4.581  1.00 56.70 ? 45  GLN A O   1 
ATOM   331  C  CB  . GLN A 1 45 ? 18.436  1.017   -6.146  1.00 52.36 ? 45  GLN A CB  1 
ATOM   332  C  CG  . GLN A 1 45 ? 17.726  1.968   -7.097  1.00 51.28 ? 45  GLN A CG  1 
ATOM   333  C  CD  . GLN A 1 45 ? 18.680  2.706   -8.021  1.00 50.32 ? 45  GLN A CD  1 
ATOM   334  O  OE1 . GLN A 1 45 ? 18.983  2.233   -9.120  1.00 50.44 ? 45  GLN A OE1 1 
ATOM   335  N  NE2 . GLN A 1 45 ? 19.166  3.866   -7.576  1.00 48.00 ? 45  GLN A NE2 1 
ATOM   336  N  N   . LYS A 1 46 ? 18.076  -0.230  -3.140  1.00 55.93 ? 46  LYS A N   1 
ATOM   337  C  CA  . LYS A 1 46 ? 18.748  -0.746  -1.953  1.00 56.57 ? 46  LYS A CA  1 
ATOM   338  C  C   . LYS A 1 46 ? 17.921  -1.825  -1.265  1.00 57.32 ? 46  LYS A C   1 
ATOM   339  O  O   . LYS A 1 46 ? 18.294  -2.309  -0.200  1.00 58.29 ? 46  LYS A O   1 
ATOM   340  C  CB  . LYS A 1 46 ? 19.018  0.395   -0.968  1.00 55.19 ? 46  LYS A CB  1 
ATOM   341  C  CG  . LYS A 1 46 ? 19.741  1.575   -1.584  1.00 55.12 ? 46  LYS A CG  1 
ATOM   342  C  CD  . LYS A 1 46 ? 19.804  2.753   -0.636  1.00 51.99 ? 46  LYS A CD  1 
ATOM   343  C  CE  . LYS A 1 46 ? 20.461  3.936   -1.316  1.00 51.82 ? 46  LYS A CE  1 
ATOM   344  N  NZ  . LYS A 1 46 ? 20.600  5.090   -0.396  1.00 52.59 ? 46  LYS A NZ  1 
ATOM   345  N  N   . GLY A 1 47 ? 16.798  -2.195  -1.872  1.00 58.46 ? 47  GLY A N   1 
ATOM   346  C  CA  . GLY A 1 47 ? 15.940  -3.211  -1.286  1.00 60.83 ? 47  GLY A CA  1 
ATOM   347  C  C   . GLY A 1 47 ? 15.365  -2.801  0.063   1.00 62.52 ? 47  GLY A C   1 
ATOM   348  O  O   . GLY A 1 47 ? 14.697  -3.599  0.731   1.00 61.93 ? 47  GLY A O   1 
ATOM   349  N  N   . GLU A 1 48 ? 15.627  -1.555  0.462   1.00 63.96 ? 48  GLU A N   1 
ATOM   350  C  CA  . GLU A 1 48 ? 15.145  -1.024  1.736   1.00 65.12 ? 48  GLU A CA  1 
ATOM   351  C  C   . GLU A 1 48 ? 13.741  -0.406  1.632   1.00 63.52 ? 48  GLU A C   1 
ATOM   352  O  O   . GLU A 1 48 ? 13.543  0.786   1.896   1.00 63.13 ? 48  GLU A O   1 
ATOM   353  C  CB  . GLU A 1 48 ? 16.134  0.018   2.309   1.00 68.30 ? 48  GLU A CB  1 
ATOM   354  C  CG  . GLU A 1 48 ? 16.381  1.255   1.431   1.00 71.71 ? 48  GLU A CG  1 
ATOM   355  C  CD  . GLU A 1 48 ? 17.178  2.351   2.133   1.00 73.42 ? 48  GLU A CD  1 
ATOM   356  O  OE1 . GLU A 1 48 ? 17.490  3.375   1.478   1.00 73.91 ? 48  GLU A OE1 1 
ATOM   357  O  OE2 . GLU A 1 48 ? 17.484  2.196   3.337   1.00 74.96 ? 48  GLU A OE2 1 
ATOM   358  N  N   . HIS A 1 49 ? 12.771  -1.227  1.239   1.00 60.47 ? 49  HIS A N   1 
ATOM   359  C  CA  . HIS A 1 49 ? 11.386  -0.788  1.127   1.00 56.98 ? 49  HIS A CA  1 
ATOM   360  C  C   . HIS A 1 49 ? 10.529  -1.877  1.751   1.00 54.71 ? 49  HIS A C   1 
ATOM   361  O  O   . HIS A 1 49 ? 11.056  -2.887  2.218   1.00 56.16 ? 49  HIS A O   1 
ATOM   362  C  CB  . HIS A 1 49 ? 10.978  -0.591  -0.338  1.00 55.00 ? 49  HIS A CB  1 
ATOM   363  C  CG  . HIS A 1 49 ? 10.799  -1.868  -1.094  1.00 51.99 ? 49  HIS A CG  1 
ATOM   364  N  ND1 . HIS A 1 49 ? 11.848  -2.537  -1.687  1.00 51.11 ? 49  HIS A ND1 1 
ATOM   365  C  CD2 . HIS A 1 49 ? 9.698   -2.617  -1.322  1.00 50.62 ? 49  HIS A CD2 1 
ATOM   366  C  CE1 . HIS A 1 49 ? 11.399  -3.644  -2.247  1.00 49.63 ? 49  HIS A CE1 1 
ATOM   367  N  NE2 . HIS A 1 49 ? 10.096  -3.717  -2.039  1.00 50.06 ? 49  HIS A NE2 1 
ATOM   368  N  N   . GLY A 1 50 ? 9.216   -1.683  1.752   1.00 51.33 ? 50  GLY A N   1 
ATOM   369  C  CA  . GLY A 1 50 ? 8.345   -2.688  2.331   1.00 46.88 ? 50  GLY A CA  1 
ATOM   370  C  C   . GLY A 1 50 ? 7.018   -2.761  1.626   1.00 43.42 ? 50  GLY A C   1 
ATOM   371  O  O   . GLY A 1 50 ? 5.971   -2.829  2.263   1.00 42.84 ? 50  GLY A O   1 
ATOM   372  N  N   . LEU A 1 51 ? 7.062   -2.745  0.302   1.00 40.20 ? 51  LEU A N   1 
ATOM   373  C  CA  . LEU A 1 51 ? 5.849   -2.809  -0.500  1.00 37.83 ? 51  LEU A CA  1 
ATOM   374  C  C   . LEU A 1 51 ? 5.141   -4.141  -0.289  1.00 36.39 ? 51  LEU A C   1 
ATOM   375  O  O   . LEU A 1 51 ? 5.783   -5.181  -0.139  1.00 36.26 ? 51  LEU A O   1 
ATOM   376  C  CB  . LEU A 1 51 ? 6.198   -2.604  -1.971  1.00 36.42 ? 51  LEU A CB  1 
ATOM   377  C  CG  . LEU A 1 51 ? 6.731   -1.197  -2.270  1.00 35.26 ? 51  LEU A CG  1 
ATOM   378  C  CD1 . LEU A 1 51 ? 7.446   -1.169  -3.617  1.00 33.36 ? 51  LEU A CD1 1 
ATOM   379  C  CD2 . LEU A 1 51 ? 5.567   -0.209  -2.233  1.00 34.82 ? 51  LEU A CD2 1 
ATOM   380  N  N   . PRO A 1 52 ? 3.802   -4.125  -0.257  1.00 33.70 ? 52  PRO A N   1 
ATOM   381  C  CA  . PRO A 1 52 ? 3.037   -5.354  -0.057  1.00 33.23 ? 52  PRO A CA  1 
ATOM   382  C  C   . PRO A 1 52 ? 3.196   -6.287  -1.240  1.00 33.80 ? 52  PRO A C   1 
ATOM   383  O  O   . PRO A 1 52 ? 3.486   -5.842  -2.349  1.00 33.78 ? 52  PRO A O   1 
ATOM   384  C  CB  . PRO A 1 52 ? 1.600   -4.845  0.091   1.00 31.62 ? 52  PRO A CB  1 
ATOM   385  C  CG  . PRO A 1 52 ? 1.578   -3.658  -0.795  1.00 31.22 ? 52  PRO A CG  1 
ATOM   386  C  CD  . PRO A 1 52 ? 2.901   -2.979  -0.478  1.00 33.67 ? 52  PRO A CD  1 
ATOM   387  N  N   . ARG A 1 53 ? 3.015   -7.582  -1.001  1.00 34.38 ? 53  ARG A N   1 
ATOM   388  C  CA  . ARG A 1 53 ? 3.122   -8.574  -2.069  1.00 33.56 ? 53  ARG A CA  1 
ATOM   389  C  C   . ARG A 1 53 ? 1.852   -8.563  -2.894  1.00 31.45 ? 53  ARG A C   1 
ATOM   390  O  O   . ARG A 1 53 ? 1.064   -9.497  -2.860  1.00 32.20 ? 53  ARG A O   1 
ATOM   391  C  CB  . ARG A 1 53 ? 3.362   -9.974  -1.485  1.00 33.47 ? 53  ARG A CB  1 
ATOM   392  C  CG  . ARG A 1 53 ? 4.777   -10.187 -1.008  1.00 36.23 ? 53  ARG A CG  1 
ATOM   393  C  CD  . ARG A 1 53 ? 5.727   -10.266 -2.179  1.00 40.14 ? 53  ARG A CD  1 
ATOM   394  N  NE  . ARG A 1 53 ? 7.098   -9.898  -1.828  1.00 45.59 ? 53  ARG A NE  1 
ATOM   395  C  CZ  . ARG A 1 53 ? 8.157   -10.214 -2.566  1.00 46.75 ? 53  ARG A CZ  1 
ATOM   396  N  NH1 . ARG A 1 53 ? 7.990   -10.907 -3.685  1.00 48.13 ? 53  ARG A NH1 1 
ATOM   397  N  NH2 . ARG A 1 53 ? 9.376   -9.832  -2.202  1.00 47.47 ? 53  ARG A NH2 1 
ATOM   398  N  N   . ARG A 1 54 ? 1.655   -7.481  -3.631  1.00 30.54 ? 54  ARG A N   1 
ATOM   399  C  CA  . ARG A 1 54 ? 0.479   -7.351  -4.472  1.00 28.46 ? 54  ARG A CA  1 
ATOM   400  C  C   . ARG A 1 54 ? 0.847   -6.523  -5.695  1.00 29.51 ? 54  ARG A C   1 
ATOM   401  O  O   . ARG A 1 54 ? 1.890   -5.855  -5.715  1.00 27.85 ? 54  ARG A O   1 
ATOM   402  C  CB  . ARG A 1 54 ? -0.665  -6.672  -3.707  1.00 24.05 ? 54  ARG A CB  1 
ATOM   403  C  CG  . ARG A 1 54 ? -0.322  -5.300  -3.147  1.00 20.96 ? 54  ARG A CG  1 
ATOM   404  C  CD  . ARG A 1 54 ? -1.468  -4.749  -2.302  1.00 18.13 ? 54  ARG A CD  1 
ATOM   405  N  NE  . ARG A 1 54 ? -2.584  -4.313  -3.127  1.00 17.12 ? 54  ARG A NE  1 
ATOM   406  C  CZ  . ARG A 1 54 ? -3.776  -3.961  -2.657  1.00 16.81 ? 54  ARG A CZ  1 
ATOM   407  N  NH1 . ARG A 1 54 ? -4.018  -3.989  -1.355  1.00 17.29 ? 54  ARG A NH1 1 
ATOM   408  N  NH2 . ARG A 1 54 ? -4.737  -3.578  -3.488  1.00 17.42 ? 54  ARG A NH2 1 
ATOM   409  N  N   . PRO A 1 55 ? 0.007   -6.576  -6.745  1.00 29.96 ? 55  PRO A N   1 
ATOM   410  C  CA  . PRO A 1 55 ? 0.287   -5.803  -7.955  1.00 31.01 ? 55  PRO A CA  1 
ATOM   411  C  C   . PRO A 1 55 ? 0.628   -4.362  -7.569  1.00 31.40 ? 55  PRO A C   1 
ATOM   412  O  O   . PRO A 1 55 ? 0.019   -3.782  -6.666  1.00 33.33 ? 55  PRO A O   1 
ATOM   413  C  CB  . PRO A 1 55 ? -1.012  -5.935  -8.738  1.00 31.21 ? 55  PRO A CB  1 
ATOM   414  C  CG  . PRO A 1 55 ? -1.418  -7.342  -8.419  1.00 30.48 ? 55  PRO A CG  1 
ATOM   415  C  CD  . PRO A 1 55 ? -1.196  -7.409  -6.924  1.00 29.50 ? 55  PRO A CD  1 
ATOM   416  N  N   . LEU A 1 56 ? 1.620   -3.798  -8.242  1.00 29.84 ? 56  LEU A N   1 
ATOM   417  C  CA  . LEU A 1 56 ? 2.065   -2.456  -7.940  1.00 30.91 ? 56  LEU A CA  1 
ATOM   418  C  C   . LEU A 1 56 ? 2.210   -1.630  -9.203  1.00 32.90 ? 56  LEU A C   1 
ATOM   419  O  O   . LEU A 1 56 ? 2.845   -2.054  -10.173 1.00 32.26 ? 56  LEU A O   1 
ATOM   420  C  CB  . LEU A 1 56 ? 3.418   -2.507  -7.213  1.00 29.33 ? 56  LEU A CB  1 
ATOM   421  C  CG  . LEU A 1 56 ? 3.519   -3.378  -5.945  1.00 32.40 ? 56  LEU A CG  1 
ATOM   422  C  CD1 . LEU A 1 56 ? 4.974   -3.685  -5.641  1.00 28.36 ? 56  LEU A CD1 1 
ATOM   423  C  CD2 . LEU A 1 56 ? 2.846   -2.677  -4.752  1.00 31.15 ? 56  LEU A CD2 1 
ATOM   424  N  N   . LEU A 1 57 ? 1.614   -0.447  -9.201  1.00 34.94 ? 57  LEU A N   1 
ATOM   425  C  CA  . LEU A 1 57 ? 1.739   0.448   -10.342 1.00 35.59 ? 57  LEU A CA  1 
ATOM   426  C  C   . LEU A 1 57 ? 2.718   1.537   -9.922  1.00 35.54 ? 57  LEU A C   1 
ATOM   427  O  O   . LEU A 1 57 ? 2.423   2.351   -9.049  1.00 33.58 ? 57  LEU A O   1 
ATOM   428  C  CB  . LEU A 1 57 ? 0.386   1.070   -10.711 1.00 38.04 ? 57  LEU A CB  1 
ATOM   429  C  CG  . LEU A 1 57 ? 0.452   2.079   -11.867 1.00 39.27 ? 57  LEU A CG  1 
ATOM   430  C  CD1 . LEU A 1 57 ? 0.995   1.400   -13.114 1.00 39.16 ? 57  LEU A CD1 1 
ATOM   431  C  CD2 . LEU A 1 57 ? -0.932  2.649   -12.121 1.00 41.55 ? 57  LEU A CD2 1 
ATOM   432  N  N   . LEU A 1 58 ? 3.896   1.537   -10.532 1.00 35.10 ? 58  LEU A N   1 
ATOM   433  C  CA  . LEU A 1 58 ? 4.890   2.532   -10.203 1.00 33.07 ? 58  LEU A CA  1 
ATOM   434  C  C   . LEU A 1 58 ? 4.743   3.680   -11.175 1.00 34.18 ? 58  LEU A C   1 
ATOM   435  O  O   . LEU A 1 58 ? 4.531   3.472   -12.372 1.00 34.30 ? 58  LEU A O   1 
ATOM   436  C  CB  . LEU A 1 58 ? 6.293   1.933   -10.272 1.00 32.60 ? 58  LEU A CB  1 
ATOM   437  C  CG  . LEU A 1 58 ? 6.503   0.736   -9.342  1.00 32.35 ? 58  LEU A CG  1 
ATOM   438  C  CD1 . LEU A 1 58 ? 6.029   -0.539  -9.999  1.00 30.04 ? 58  LEU A CD1 1 
ATOM   439  C  CD2 . LEU A 1 58 ? 7.964   0.618   -9.015  1.00 34.87 ? 58  LEU A CD2 1 
ATOM   440  N  N   . VAL A 1 59 ? 4.839   4.895   -10.647 1.00 35.04 ? 59  VAL A N   1 
ATOM   441  C  CA  . VAL A 1 59 ? 4.695   6.093   -11.457 1.00 36.80 ? 59  VAL A CA  1 
ATOM   442  C  C   . VAL A 1 59 ? 5.847   7.036   -11.207 1.00 39.08 ? 59  VAL A C   1 
ATOM   443  O  O   . VAL A 1 59 ? 6.562   6.920   -10.210 1.00 40.77 ? 59  VAL A O   1 
ATOM   444  C  CB  . VAL A 1 59 ? 3.360   6.844   -11.153 1.00 36.37 ? 59  VAL A CB  1 
ATOM   445  C  CG1 . VAL A 1 59 ? 2.165   5.950   -11.476 1.00 34.22 ? 59  VAL A CG1 1 
ATOM   446  C  CG2 . VAL A 1 59 ? 3.319   7.279   -9.696  1.00 35.94 ? 59  VAL A CG2 1 
ATOM   447  N  N   . CYS A 1 60 ? 6.028   7.962   -12.135 1.00 40.96 ? 60  CYS A N   1 
ATOM   448  C  CA  . CYS A 1 60 ? 7.083   8.946   -12.036 1.00 42.84 ? 60  CYS A CA  1 
ATOM   449  C  C   . CYS A 1 60 ? 6.785   10.104  -12.978 1.00 44.87 ? 60  CYS A C   1 
ATOM   450  O  O   . CYS A 1 60 ? 5.803   10.083  -13.729 1.00 43.95 ? 60  CYS A O   1 
ATOM   451  C  CB  . CYS A 1 60 ? 8.436   8.316   -12.367 1.00 43.41 ? 60  CYS A CB  1 
ATOM   452  S  SG  . CYS A 1 60 ? 8.411   7.202   -13.790 1.00 43.37 ? 60  CYS A SG  1 
ATOM   453  N  N   . GLU A 1 61 ? 7.641   11.114  -12.934 1.00 46.38 ? 61  GLU A N   1 
ATOM   454  C  CA  . GLU A 1 61 ? 7.464   12.295  -13.754 1.00 47.70 ? 61  GLU A CA  1 
ATOM   455  C  C   . GLU A 1 61 ? 7.299   12.044  -15.256 1.00 46.23 ? 61  GLU A C   1 
ATOM   456  O  O   . GLU A 1 61 ? 6.357   12.552  -15.857 1.00 45.46 ? 61  GLU A O   1 
ATOM   457  C  CB  . GLU A 1 61 ? 8.622   13.258  -13.501 1.00 50.61 ? 61  GLU A CB  1 
ATOM   458  C  CG  . GLU A 1 61 ? 8.366   14.621  -14.067 1.00 55.70 ? 61  GLU A CG  1 
ATOM   459  C  CD  . GLU A 1 61 ? 6.928   15.032  -13.871 1.00 57.82 ? 61  GLU A CD  1 
ATOM   460  O  OE1 . GLU A 1 61 ? 6.500   15.167  -12.701 1.00 60.44 ? 61  GLU A OE1 1 
ATOM   461  O  OE2 . GLU A 1 61 ? 6.226   15.203  -14.890 1.00 59.98 ? 61  GLU A OE2 1 
ATOM   462  N  N   . LYS A 1 62 ? 8.198   11.262  -15.854 1.00 45.45 ? 62  LYS A N   1 
ATOM   463  C  CA  . LYS A 1 62 ? 8.134   10.986  -17.289 1.00 44.16 ? 62  LYS A CA  1 
ATOM   464  C  C   . LYS A 1 62 ? 8.171   9.509   -17.680 1.00 43.25 ? 62  LYS A C   1 
ATOM   465  O  O   . LYS A 1 62 ? 8.097   9.179   -18.863 1.00 42.90 ? 62  LYS A O   1 
ATOM   466  C  CB  . LYS A 1 62 ? 9.274   11.715  -18.007 1.00 43.98 ? 62  LYS A CB  1 
ATOM   467  C  CG  . LYS A 1 62 ? 9.400   13.188  -17.646 1.00 45.77 ? 62  LYS A CG  1 
ATOM   468  C  CD  . LYS A 1 62 ? 10.579  13.837  -18.357 1.00 46.29 ? 62  LYS A CD  1 
ATOM   469  C  CE  . LYS A 1 62 ? 10.793  15.264  -17.883 1.00 47.44 ? 62  LYS A CE  1 
ATOM   470  N  NZ  . LYS A 1 62 ? 11.042  15.322  -16.416 1.00 47.19 ? 62  LYS A NZ  1 
ATOM   471  N  N   . GLY A 1 63 ? 8.302   8.620   -16.700 1.00 43.19 ? 63  GLY A N   1 
ATOM   472  C  CA  . GLY A 1 63 ? 8.344   7.192   -16.995 1.00 43.05 ? 63  GLY A CA  1 
ATOM   473  C  C   . GLY A 1 63 ? 9.740   6.584   -17.021 1.00 42.62 ? 63  GLY A C   1 
ATOM   474  O  O   . GLY A 1 63 ? 9.906   5.414   -17.373 1.00 41.63 ? 63  GLY A O   1 
ATOM   475  N  N   . LEU A 1 64 ? 10.736  7.374   -16.630 1.00 42.69 ? 64  LEU A N   1 
ATOM   476  C  CA  . LEU A 1 64 ? 12.131  6.937   -16.624 1.00 43.54 ? 64  LEU A CA  1 
ATOM   477  C  C   . LEU A 1 64 ? 12.520  6.125   -15.389 1.00 44.59 ? 64  LEU A C   1 
ATOM   478  O  O   . LEU A 1 64 ? 13.152  5.071   -15.498 1.00 45.51 ? 64  LEU A O   1 
ATOM   479  C  CB  . LEU A 1 64 ? 13.060  8.154   -16.744 1.00 42.79 ? 64  LEU A CB  1 
ATOM   480  C  CG  . LEU A 1 64 ? 12.866  9.048   -17.979 1.00 42.39 ? 64  LEU A CG  1 
ATOM   481  C  CD1 . LEU A 1 64 ? 13.790  10.258  -17.889 1.00 41.55 ? 64  LEU A CD1 1 
ATOM   482  C  CD2 . LEU A 1 64 ? 13.130  8.236   -19.248 1.00 40.07 ? 64  LEU A CD2 1 
ATOM   483  N  N   . LEU A 1 65 ? 12.145  6.622   -14.215 1.00 44.31 ? 65  LEU A N   1 
ATOM   484  C  CA  . LEU A 1 65 ? 12.469  5.957   -12.963 1.00 42.22 ? 65  LEU A CA  1 
ATOM   485  C  C   . LEU A 1 65 ? 11.571  4.764   -12.668 1.00 42.80 ? 65  LEU A C   1 
ATOM   486  O  O   . LEU A 1 65 ? 12.044  3.730   -12.203 1.00 42.30 ? 65  LEU A O   1 
ATOM   487  C  CB  . LEU A 1 65 ? 12.379  6.963   -11.827 1.00 40.39 ? 65  LEU A CB  1 
ATOM   488  C  CG  . LEU A 1 65 ? 13.157  8.248   -12.109 1.00 39.66 ? 65  LEU A CG  1 
ATOM   489  C  CD1 . LEU A 1 65 ? 13.001  9.206   -10.931 1.00 39.06 ? 65  LEU A CD1 1 
ATOM   490  C  CD2 . LEU A 1 65 ? 14.628  7.915   -12.356 1.00 39.07 ? 65  LEU A CD2 1 
ATOM   491  N  N   . SER A 1 66 ? 10.279  4.907   -12.948 1.00 43.33 ? 66  SER A N   1 
ATOM   492  C  CA  . SER A 1 66 ? 9.313   3.845   -12.694 1.00 43.99 ? 66  SER A CA  1 
ATOM   493  C  C   . SER A 1 66 ? 9.575   2.570   -13.473 1.00 45.00 ? 66  SER A C   1 
ATOM   494  O  O   . SER A 1 66 ? 9.295   1.472   -12.990 1.00 45.34 ? 66  SER A O   1 
ATOM   495  C  CB  . SER A 1 66 ? 7.904   4.315   -13.030 1.00 43.93 ? 66  SER A CB  1 
ATOM   496  O  OG  . SER A 1 66 ? 7.710   4.332   -14.430 1.00 41.41 ? 66  SER A OG  1 
ATOM   497  N  N   . GLN A 1 67 ? 10.084  2.713   -14.692 1.00 47.44 ? 67  GLN A N   1 
ATOM   498  C  CA  . GLN A 1 67 ? 10.358  1.553   -15.546 1.00 48.35 ? 67  GLN A CA  1 
ATOM   499  C  C   . GLN A 1 67 ? 11.551  0.749   -15.019 1.00 48.03 ? 67  GLN A C   1 
ATOM   500  O  O   . GLN A 1 67 ? 11.577  -0.484  -15.106 1.00 46.92 ? 67  GLN A O   1 
ATOM   501  C  CB  . GLN A 1 67 ? 10.617  2.021   -16.981 1.00 49.32 ? 67  GLN A CB  1 
ATOM   502  C  CG  . GLN A 1 67 ? 10.573  0.905   -18.000 1.00 51.03 ? 67  GLN A CG  1 
ATOM   503  C  CD  . GLN A 1 67 ? 10.516  1.419   -19.420 1.00 52.53 ? 67  GLN A CD  1 
ATOM   504  O  OE1 . GLN A 1 67 ? 10.357  0.643   -20.360 1.00 54.60 ? 67  GLN A OE1 1 
ATOM   505  N  NE2 . GLN A 1 67 ? 10.645  2.735   -19.586 1.00 52.30 ? 67  GLN A NE2 1 
ATOM   506  N  N   . VAL A 1 68 ? 12.529  1.466   -14.468 1.00 48.68 ? 68  VAL A N   1 
ATOM   507  C  CA  . VAL A 1 68 ? 13.722  0.854   -13.890 1.00 47.52 ? 68  VAL A CA  1 
ATOM   508  C  C   . VAL A 1 68 ? 13.309  0.157   -12.596 1.00 47.14 ? 68  VAL A C   1 
ATOM   509  O  O   . VAL A 1 68 ? 13.580  -1.034  -12.405 1.00 46.41 ? 68  VAL A O   1 
ATOM   510  C  CB  . VAL A 1 68 ? 14.797  1.916   -13.553 1.00 47.97 ? 68  VAL A CB  1 
ATOM   511  C  CG1 . VAL A 1 68 ? 15.937  1.278   -12.773 1.00 48.06 ? 68  VAL A CG1 1 
ATOM   512  C  CG2 . VAL A 1 68 ? 15.320  2.557   -14.835 1.00 47.91 ? 68  VAL A CG2 1 
ATOM   513  N  N   . ALA A 1 69 ? 12.655  0.908   -11.710 1.00 44.99 ? 69  ALA A N   1 
ATOM   514  C  CA  . ALA A 1 69 ? 12.198  0.359   -10.442 1.00 43.18 ? 69  ALA A CA  1 
ATOM   515  C  C   . ALA A 1 69 ? 11.250  -0.780  -10.738 1.00 42.73 ? 69  ALA A C   1 
ATOM   516  O  O   . ALA A 1 69 ? 11.198  -1.753  -10.007 1.00 43.93 ? 69  ALA A O   1 
ATOM   517  C  CB  . ALA A 1 69 ? 11.494  1.423   -9.630  1.00 41.27 ? 69  ALA A CB  1 
ATOM   518  N  N   . ALA A 1 70 ? 10.503  -0.658  -11.827 1.00 43.57 ? 70  ALA A N   1 
ATOM   519  C  CA  . ALA A 1 70 ? 9.559   -1.693  -12.205 1.00 44.80 ? 70  ALA A CA  1 
ATOM   520  C  C   . ALA A 1 70 ? 10.312  -2.983  -12.457 1.00 45.84 ? 70  ALA A C   1 
ATOM   521  O  O   . ALA A 1 70 ? 9.747   -4.074  -12.353 1.00 45.60 ? 70  ALA A O   1 
ATOM   522  C  CB  . ALA A 1 70 ? 8.793   -1.282  -13.452 1.00 45.47 ? 70  ALA A CB  1 
ATOM   523  N  N   . LEU A 1 71 ? 11.593  -2.847  -12.790 1.00 47.82 ? 71  LEU A N   1 
ATOM   524  C  CA  . LEU A 1 71 ? 12.454  -3.996  -13.062 1.00 50.13 ? 71  LEU A CA  1 
ATOM   525  C  C   . LEU A 1 71 ? 12.981  -4.600  -11.755 1.00 50.67 ? 71  LEU A C   1 
ATOM   526  O  O   . LEU A 1 71 ? 12.891  -5.809  -11.538 1.00 49.32 ? 71  LEU A O   1 
ATOM   527  C  CB  . LEU A 1 71 ? 13.623  -3.567  -13.967 1.00 50.27 ? 71  LEU A CB  1 
ATOM   528  C  CG  . LEU A 1 71 ? 14.707  -4.596  -14.340 1.00 49.98 ? 71  LEU A CG  1 
ATOM   529  C  CD1 . LEU A 1 71 ? 14.068  -5.828  -14.967 1.00 50.55 ? 71  LEU A CD1 1 
ATOM   530  C  CD2 . LEU A 1 71 ? 15.713  -3.954  -15.303 1.00 47.92 ? 71  LEU A CD2 1 
ATOM   531  N  N   . TYR A 1 72 ? 13.528  -3.743  -10.895 1.00 52.74 ? 72  TYR A N   1 
ATOM   532  C  CA  . TYR A 1 72 ? 14.059  -4.156  -9.604  1.00 55.52 ? 72  TYR A CA  1 
ATOM   533  C  C   . TYR A 1 72 ? 13.048  -5.000  -8.826  1.00 57.31 ? 72  TYR A C   1 
ATOM   534  O  O   . TYR A 1 72 ? 13.395  -6.039  -8.259  1.00 59.27 ? 72  TYR A O   1 
ATOM   535  C  CB  . TYR A 1 72 ? 14.433  -2.924  -8.772  1.00 58.33 ? 72  TYR A CB  1 
ATOM   536  C  CG  . TYR A 1 72 ? 15.799  -2.355  -9.079  1.00 61.65 ? 72  TYR A CG  1 
ATOM   537  C  CD1 . TYR A 1 72 ? 16.947  -3.123  -8.890  1.00 65.11 ? 72  TYR A CD1 1 
ATOM   538  C  CD2 . TYR A 1 72 ? 15.950  -1.052  -9.556  1.00 62.34 ? 72  TYR A CD2 1 
ATOM   539  C  CE1 . TYR A 1 72 ? 18.221  -2.613  -9.167  1.00 67.42 ? 72  TYR A CE1 1 
ATOM   540  C  CE2 . TYR A 1 72 ? 17.220  -0.525  -9.839  1.00 65.00 ? 72  TYR A CE2 1 
ATOM   541  C  CZ  . TYR A 1 72 ? 18.350  -1.314  -9.643  1.00 66.89 ? 72  TYR A CZ  1 
ATOM   542  O  OH  . TYR A 1 72 ? 19.605  -0.824  -9.922  1.00 67.09 ? 72  TYR A OH  1 
ATOM   543  N  N   . LEU A 1 73 ? 11.798  -4.544  -8.800  1.00 56.73 ? 73  LEU A N   1 
ATOM   544  C  CA  . LEU A 1 73 ? 10.735  -5.245  -8.089  1.00 55.96 ? 73  LEU A CA  1 
ATOM   545  C  C   . LEU A 1 73 ? 10.387  -6.570  -8.751  1.00 56.13 ? 73  LEU A C   1 
ATOM   546  O  O   . LEU A 1 73 ? 9.959   -7.506  -8.083  1.00 55.77 ? 73  LEU A O   1 
ATOM   547  C  CB  . LEU A 1 73 ? 9.489   -4.356  -8.003  1.00 53.76 ? 73  LEU A CB  1 
ATOM   548  C  CG  . LEU A 1 73 ? 9.662   -3.054  -7.213  1.00 52.56 ? 73  LEU A CG  1 
ATOM   549  C  CD1 . LEU A 1 73 ? 8.446   -2.178  -7.397  1.00 50.65 ? 73  LEU A CD1 1 
ATOM   550  C  CD2 . LEU A 1 73 ? 9.884   -3.358  -5.740  1.00 51.02 ? 73  LEU A CD2 1 
ATOM   551  N  N   . GLU A 1 74 ? 10.580  -6.646  -10.065 1.00 57.93 ? 74  GLU A N   1 
ATOM   552  C  CA  . GLU A 1 74 ? 10.287  -7.861  -10.830 1.00 60.32 ? 74  GLU A CA  1 
ATOM   553  C  C   . GLU A 1 74 ? 11.139  -9.049  -10.376 1.00 60.54 ? 74  GLU A C   1 
ATOM   554  O  O   . GLU A 1 74 ? 10.666  -10.195 -10.317 1.00 59.80 ? 74  GLU A O   1 
ATOM   555  C  CB  . GLU A 1 74 ? 10.530  -7.609  -12.323 1.00 62.15 ? 74  GLU A CB  1 
ATOM   556  C  CG  . GLU A 1 74 ? 9.271   -7.310  -13.116 1.00 65.02 ? 74  GLU A CG  1 
ATOM   557  C  CD  . GLU A 1 74 ? 8.913   -8.421  -14.098 1.00 66.26 ? 74  GLU A CD  1 
ATOM   558  O  OE1 . GLU A 1 74 ? 9.547   -8.504  -15.172 1.00 66.02 ? 74  GLU A OE1 1 
ATOM   559  O  OE2 . GLU A 1 74 ? 8.006   -9.224  -13.785 1.00 68.63 ? 74  GLU A OE2 1 
ATOM   560  N  N   . ALA A 1 75 ? 12.398  -8.758  -10.062 1.00 60.51 ? 75  ALA A N   1 
ATOM   561  C  CA  . ALA A 1 75 ? 13.350  -9.765  -9.619  1.00 60.17 ? 75  ALA A CA  1 
ATOM   562  C  C   . ALA A 1 75 ? 12.948  -10.349 -8.270  1.00 59.60 ? 75  ALA A C   1 
ATOM   563  O  O   . ALA A 1 75 ? 12.913  -11.568 -8.100  1.00 59.55 ? 75  ALA A O   1 
ATOM   564  C  CB  . ALA A 1 75 ? 14.742  -9.149  -9.533  1.00 60.07 ? 75  ALA A CB  1 
ATOM   565  N  N   . GLU A 1 76 ? 12.647  -9.467  -7.318  1.00 59.39 ? 76  GLU A N   1 
ATOM   566  C  CA  . GLU A 1 76 ? 12.252  -9.875  -5.976  1.00 58.39 ? 76  GLU A CA  1 
ATOM   567  C  C   . GLU A 1 76 ? 10.994  -10.727 -5.990  1.00 57.37 ? 76  GLU A C   1 
ATOM   568  O  O   . GLU A 1 76 ? 10.651  -11.357 -4.987  1.00 58.83 ? 76  GLU A O   1 
ATOM   569  C  CB  . GLU A 1 76 ? 12.038  -8.651  -5.092  1.00 58.47 ? 76  GLU A CB  1 
ATOM   570  C  CG  . GLU A 1 76 ? 13.306  -7.854  -4.859  1.00 60.92 ? 76  GLU A CG  1 
ATOM   571  C  CD  . GLU A 1 76 ? 13.108  -6.705  -3.889  1.00 62.50 ? 76  GLU A CD  1 
ATOM   572  O  OE1 . GLU A 1 76 ? 12.684  -6.954  -2.738  1.00 63.09 ? 76  GLU A OE1 1 
ATOM   573  O  OE2 . GLU A 1 76 ? 13.386  -5.549  -4.280  1.00 64.71 ? 76  GLU A OE2 1 
ATOM   574  N  N   . GLY A 1 77 ? 10.311  -10.743 -7.128  1.00 55.28 ? 77  GLY A N   1 
ATOM   575  C  CA  . GLY A 1 77 ? 9.108   -11.544 -7.258  1.00 53.06 ? 77  GLY A CA  1 
ATOM   576  C  C   . GLY A 1 77 ? 7.833   -10.734 -7.347  1.00 50.62 ? 77  GLY A C   1 
ATOM   577  O  O   . GLY A 1 77 ? 6.746   -11.301 -7.436  1.00 50.66 ? 77  GLY A O   1 
ATOM   578  N  N   . TYR A 1 78 ? 7.967   -9.409  -7.328  1.00 48.26 ? 78  TYR A N   1 
ATOM   579  C  CA  . TYR A 1 78 ? 6.814   -8.515  -7.401  1.00 46.77 ? 78  TYR A CA  1 
ATOM   580  C  C   . TYR A 1 78 ? 6.163   -8.490  -8.775  1.00 47.17 ? 78  TYR A C   1 
ATOM   581  O  O   . TYR A 1 78 ? 6.805   -8.755  -9.791  1.00 47.89 ? 78  TYR A O   1 
ATOM   582  C  CB  . TYR A 1 78 ? 7.216   -7.085  -7.030  1.00 43.95 ? 78  TYR A CB  1 
ATOM   583  C  CG  . TYR A 1 78 ? 7.361   -6.832  -5.552  1.00 39.76 ? 78  TYR A CG  1 
ATOM   584  C  CD1 . TYR A 1 78 ? 6.252   -6.832  -4.714  1.00 39.54 ? 78  TYR A CD1 1 
ATOM   585  C  CD2 . TYR A 1 78 ? 8.604   -6.566  -4.997  1.00 39.57 ? 78  TYR A CD2 1 
ATOM   586  C  CE1 . TYR A 1 78 ? 6.378   -6.565  -3.356  1.00 41.16 ? 78  TYR A CE1 1 
ATOM   587  C  CE2 . TYR A 1 78 ? 8.746   -6.302  -3.644  1.00 41.44 ? 78  TYR A CE2 1 
ATOM   588  C  CZ  . TYR A 1 78 ? 7.627   -6.301  -2.826  1.00 41.48 ? 78  TYR A CZ  1 
ATOM   589  O  OH  . TYR A 1 78 ? 7.768   -6.026  -1.487  1.00 40.13 ? 78  TYR A OH  1 
ATOM   590  N  N   . GLU A 1 79 ? 4.871   -8.175  -8.793  1.00 47.26 ? 79  GLU A N   1 
ATOM   591  C  CA  . GLU A 1 79 ? 4.122   -8.077  -10.035 1.00 45.71 ? 79  GLU A CA  1 
ATOM   592  C  C   . GLU A 1 79 ? 3.950   -6.583  -10.252 1.00 44.90 ? 79  GLU A C   1 
ATOM   593  O  O   . GLU A 1 79 ? 2.903   -6.025  -9.949  1.00 43.56 ? 79  GLU A O   1 
ATOM   594  C  CB  . GLU A 1 79 ? 2.762   -8.753  -9.892  1.00 46.36 ? 79  GLU A CB  1 
ATOM   595  C  CG  . GLU A 1 79 ? 1.963   -8.826  -11.186 1.00 49.90 ? 79  GLU A CG  1 
ATOM   596  C  CD  . GLU A 1 79 ? 0.605   -9.487  -10.999 1.00 50.98 ? 79  GLU A CD  1 
ATOM   597  O  OE1 . GLU A 1 79 ? 0.556   -10.644 -10.521 1.00 51.68 ? 79  GLU A OE1 1 
ATOM   598  O  OE2 . GLU A 1 79 ? -0.412  -8.850  -11.337 1.00 52.94 ? 79  GLU A OE2 1 
ATOM   599  N  N   . ALA A 1 80 ? 4.998   -5.944  -10.766 1.00 45.03 ? 80  ALA A N   1 
ATOM   600  C  CA  . ALA A 1 80 ? 5.000   -4.510  -11.004 1.00 45.13 ? 80  ALA A CA  1 
ATOM   601  C  C   . ALA A 1 80 ? 4.684   -4.122  -12.444 1.00 46.31 ? 80  ALA A C   1 
ATOM   602  O  O   . ALA A 1 80 ? 4.744   -4.948  -13.354 1.00 47.54 ? 80  ALA A O   1 
ATOM   603  C  CB  . ALA A 1 80 ? 6.342   -3.927  -10.603 1.00 44.59 ? 80  ALA A CB  1 
HETATM 604  N  N   . MSE A 1 81 ? 4.355   -2.845  -12.630 1.00 46.78 ? 81  MSE A N   1 
HETATM 605  C  CA  . MSE A 1 81 ? 4.021   -2.267  -13.931 1.00 45.32 ? 81  MSE A CA  1 
HETATM 606  C  C   . MSE A 1 81 ? 4.213   -0.759  -13.820 1.00 44.07 ? 81  MSE A C   1 
HETATM 607  O  O   . MSE A 1 81 ? 4.310   -0.228  -12.717 1.00 44.77 ? 81  MSE A O   1 
HETATM 608  C  CB  . MSE A 1 81 ? 2.570   -2.590  -14.294 1.00 46.50 ? 81  MSE A CB  1 
HETATM 609  C  CG  . MSE A 1 81 ? 1.568   -2.186  -13.228 1.00 47.77 ? 81  MSE A CG  1 
HETATM 610  SE SE  . MSE A 1 81 ? -0.183  -2.930  -13.511 1.00 52.13 ? 81  MSE A SE  1 
HETATM 611  C  CE  . MSE A 1 81 ? -0.061  -4.510  -12.403 1.00 46.43 ? 81  MSE A CE  1 
ATOM   612  N  N   . SER A 1 82 ? 4.275   -0.065  -14.949 1.00 42.95 ? 82  SER A N   1 
ATOM   613  C  CA  . SER A 1 82 ? 4.463   1.379   -14.910 1.00 40.82 ? 82  SER A CA  1 
ATOM   614  C  C   . SER A 1 82 ? 3.503   2.116   -15.835 1.00 40.02 ? 82  SER A C   1 
ATOM   615  O  O   . SER A 1 82 ? 2.897   1.518   -16.722 1.00 39.48 ? 82  SER A O   1 
ATOM   616  C  CB  . SER A 1 82 ? 5.914   1.735   -15.268 1.00 40.70 ? 82  SER A CB  1 
ATOM   617  O  OG  . SER A 1 82 ? 6.252   1.268   -16.562 1.00 40.53 ? 82  SER A OG  1 
ATOM   618  N  N   . LEU A 1 83 ? 3.349   3.416   -15.597 1.00 39.49 ? 83  LEU A N   1 
ATOM   619  C  CA  . LEU A 1 83 ? 2.488   4.250   -16.422 1.00 38.75 ? 83  LEU A CA  1 
ATOM   620  C  C   . LEU A 1 83 ? 3.336   4.744   -17.582 1.00 39.20 ? 83  LEU A C   1 
ATOM   621  O  O   . LEU A 1 83 ? 4.297   5.495   -17.380 1.00 38.16 ? 83  LEU A O   1 
ATOM   622  C  CB  . LEU A 1 83 ? 1.972   5.457   -15.629 1.00 36.27 ? 83  LEU A CB  1 
ATOM   623  C  CG  . LEU A 1 83 ? 1.108   6.464   -16.404 1.00 32.26 ? 83  LEU A CG  1 
ATOM   624  C  CD1 . LEU A 1 83 ? -0.160  5.795   -16.869 1.00 29.41 ? 83  LEU A CD1 1 
ATOM   625  C  CD2 . LEU A 1 83 ? 0.769   7.633   -15.529 1.00 32.56 ? 83  LEU A CD2 1 
ATOM   626  N  N   . GLU A 1 84 ? 2.989   4.321   -18.791 1.00 40.38 ? 84  GLU A N   1 
ATOM   627  C  CA  . GLU A 1 84 ? 3.735   4.733   -19.974 1.00 42.30 ? 84  GLU A CA  1 
ATOM   628  C  C   . GLU A 1 84 ? 3.703   6.243   -20.149 1.00 41.82 ? 84  GLU A C   1 
ATOM   629  O  O   . GLU A 1 84 ? 2.628   6.839   -20.202 1.00 44.49 ? 84  GLU A O   1 
ATOM   630  C  CB  . GLU A 1 84 ? 3.162   4.066   -21.224 1.00 44.21 ? 84  GLU A CB  1 
ATOM   631  C  CG  . GLU A 1 84 ? 3.874   4.482   -22.508 1.00 46.74 ? 84  GLU A CG  1 
ATOM   632  C  CD  . GLU A 1 84 ? 4.193   3.302   -23.396 1.00 48.72 ? 84  GLU A CD  1 
ATOM   633  O  OE1 . GLU A 1 84 ? 3.250   2.540   -23.716 1.00 51.18 ? 84  GLU A OE1 1 
ATOM   634  O  OE2 . GLU A 1 84 ? 5.383   3.136   -23.769 1.00 47.75 ? 84  GLU A OE2 1 
ATOM   635  N  N   . GLY A 1 85 ? 4.878   6.855   -20.237 1.00 40.38 ? 85  GLY A N   1 
ATOM   636  C  CA  . GLY A 1 85 ? 4.948   8.292   -20.410 1.00 40.14 ? 85  GLY A CA  1 
ATOM   637  C  C   . GLY A 1 85 ? 5.013   9.053   -19.102 1.00 39.84 ? 85  GLY A C   1 
ATOM   638  O  O   . GLY A 1 85 ? 5.213   10.270  -19.085 1.00 39.47 ? 85  GLY A O   1 
ATOM   639  N  N   . GLY A 1 86 ? 4.850   8.339   -17.998 1.00 40.00 ? 86  GLY A N   1 
ATOM   640  C  CA  . GLY A 1 86 ? 4.892   8.987   -16.700 1.00 39.35 ? 86  GLY A CA  1 
ATOM   641  C  C   . GLY A 1 86 ? 3.593   9.721   -16.444 1.00 39.32 ? 86  GLY A C   1 
ATOM   642  O  O   . GLY A 1 86 ? 2.577   9.439   -17.077 1.00 38.09 ? 86  GLY A O   1 
ATOM   643  N  N   . LEU A 1 87 ? 3.625   10.663  -15.516 1.00 40.39 ? 87  LEU A N   1 
ATOM   644  C  CA  . LEU A 1 87 ? 2.437   11.430  -15.187 1.00 44.00 ? 87  LEU A CA  1 
ATOM   645  C  C   . LEU A 1 87 ? 2.182   12.529  -16.233 1.00 46.38 ? 87  LEU A C   1 
ATOM   646  O  O   . LEU A 1 87 ? 1.200   13.274  -16.151 1.00 46.61 ? 87  LEU A O   1 
ATOM   647  C  CB  . LEU A 1 87 ? 2.585   12.047  -13.791 1.00 43.27 ? 87  LEU A CB  1 
ATOM   648  C  CG  . LEU A 1 87 ? 2.772   11.110  -12.589 1.00 39.84 ? 87  LEU A CG  1 
ATOM   649  C  CD1 . LEU A 1 87 ? 3.059   11.937  -11.357 1.00 37.39 ? 87  LEU A CD1 1 
ATOM   650  C  CD2 . LEU A 1 87 ? 1.533   10.256  -12.380 1.00 38.98 ? 87  LEU A CD2 1 
ATOM   651  N  N   . GLN A 1 88 ? 3.061   12.622  -17.224 1.00 48.10 ? 88  GLN A N   1 
ATOM   652  C  CA  . GLN A 1 88 ? 2.907   13.629  -18.268 1.00 48.89 ? 88  GLN A CA  1 
ATOM   653  C  C   . GLN A 1 88 ? 2.013   13.146  -19.407 1.00 49.75 ? 88  GLN A C   1 
ATOM   654  O  O   . GLN A 1 88 ? 1.343   13.947  -20.062 1.00 50.86 ? 88  GLN A O   1 
ATOM   655  C  CB  . GLN A 1 88 ? 4.273   14.035  -18.804 1.00 48.80 ? 88  GLN A CB  1 
ATOM   656  C  CG  . GLN A 1 88 ? 5.044   14.933  -17.853 1.00 47.66 ? 88  GLN A CG  1 
ATOM   657  C  CD  . GLN A 1 88 ? 6.396   15.332  -18.396 1.00 47.48 ? 88  GLN A CD  1 
ATOM   658  O  OE1 . GLN A 1 88 ? 7.057   16.197  -17.835 1.00 48.51 ? 88  GLN A OE1 1 
ATOM   659  N  NE2 . GLN A 1 88 ? 6.819   14.697  -19.488 1.00 47.25 ? 88  GLN A NE2 1 
ATOM   660  N  N   . ALA A 1 89 ? 1.999   11.835  -19.634 1.00 49.79 ? 89  ALA A N   1 
ATOM   661  C  CA  . ALA A 1 89 ? 1.166   11.255  -20.683 1.00 50.16 ? 89  ALA A CA  1 
ATOM   662  C  C   . ALA A 1 89 ? -0.290  11.567  -20.360 1.00 50.29 ? 89  ALA A C   1 
ATOM   663  O  O   . ALA A 1 89 ? -1.184  11.376  -21.185 1.00 51.03 ? 89  ALA A O   1 
ATOM   664  C  CB  . ALA A 1 89 ? 1.387   9.754   -20.749 1.00 49.89 ? 89  ALA A CB  1 
ATOM   665  N  N   . LEU A 1 90 ? -0.510  12.055  -19.143 1.00 50.71 ? 90  LEU A N   1 
ATOM   666  C  CA  . LEU A 1 90 ? -1.837  12.423  -18.670 1.00 50.43 ? 90  LEU A CA  1 
ATOM   667  C  C   . LEU A 1 90 ? -2.012  13.935  -18.821 1.00 50.50 ? 90  LEU A C   1 
ATOM   668  O  O   . LEU A 1 90 ? -2.517  14.367  -19.876 1.00 51.05 ? 90  LEU A O   1 
ATOM   669  C  CB  . LEU A 1 90 ? -1.990  12.026  -17.196 1.00 48.79 ? 90  LEU A CB  1 
ATOM   670  C  CG  . LEU A 1 90 ? -2.130  10.543  -16.829 1.00 47.57 ? 90  LEU A CG  1 
ATOM   671  C  CD1 . LEU A 1 90 ? -1.108  9.713   -17.570 1.00 47.91 ? 90  LEU A CD1 1 
ATOM   672  C  CD2 . LEU A 1 90 ? -1.963  10.376  -15.327 1.00 46.27 ? 90  LEU A CD2 1 
HETATM 673  N  N   . MSE B 1 1  ? -13.154 2.307   16.383  1.00 59.81 ? 1   MSE B N   1 
HETATM 674  C  CA  . MSE B 1 1  ? -13.007 2.152   14.901  1.00 59.85 ? 1   MSE B CA  1 
HETATM 675  C  C   . MSE B 1 1  ? -13.691 0.896   14.383  1.00 58.60 ? 1   MSE B C   1 
HETATM 676  O  O   . MSE B 1 1  ? -13.893 -0.051  15.130  1.00 59.74 ? 1   MSE B O   1 
HETATM 677  C  CB  . MSE B 1 1  ? -11.529 2.095   14.515  1.00 60.05 ? 1   MSE B CB  1 
HETATM 678  C  CG  . MSE B 1 1  ? -10.932 3.412   14.122  1.00 61.65 ? 1   MSE B CG  1 
HETATM 679  SE SE  . MSE B 1 1  ? -11.002 4.711   15.526  1.00 64.92 ? 1   MSE B SE  1 
HETATM 680  C  CE  . MSE B 1 1  ? -12.651 5.548   14.984  1.00 64.23 ? 1   MSE B CE  1 
ATOM   681  N  N   . ARG B 1 2  ? -14.047 0.901   13.102  1.00 57.21 ? 2   ARG B N   1 
ATOM   682  C  CA  . ARG B 1 2  ? -14.696 -0.241  12.470  1.00 55.80 ? 2   ARG B CA  1 
ATOM   683  C  C   . ARG B 1 2  ? -14.021 -1.551  12.834  1.00 55.28 ? 2   ARG B C   1 
ATOM   684  O  O   . ARG B 1 2  ? -12.841 -1.754  12.544  1.00 55.24 ? 2   ARG B O   1 
ATOM   685  C  CB  . ARG B 1 2  ? -14.666 -0.087  10.957  1.00 56.33 ? 2   ARG B CB  1 
ATOM   686  C  CG  . ARG B 1 2  ? -14.722 -1.402  10.208  1.00 59.01 ? 2   ARG B CG  1 
ATOM   687  C  CD  . ARG B 1 2  ? -16.121 -1.744  9.734   1.00 63.48 ? 2   ARG B CD  1 
ATOM   688  N  NE  . ARG B 1 2  ? -16.076 -2.241  8.360   1.00 66.70 ? 2   ARG B NE  1 
ATOM   689  C  CZ  . ARG B 1 2  ? -17.143 -2.570  7.637   1.00 69.00 ? 2   ARG B CZ  1 
ATOM   690  N  NH1 . ARG B 1 2  ? -16.987 -3.007  6.392   1.00 68.58 ? 2   ARG B NH1 1 
ATOM   691  N  NH2 . ARG B 1 2  ? -18.363 -2.462  8.157   1.00 71.55 ? 2   ARG B NH2 1 
ATOM   692  N  N   . LYS B 1 3  ? -14.774 -2.442  13.465  1.00 55.09 ? 3   LYS B N   1 
ATOM   693  C  CA  . LYS B 1 3  ? -14.246 -3.741  13.859  1.00 55.84 ? 3   LYS B CA  1 
ATOM   694  C  C   . LYS B 1 3  ? -14.681 -4.754  12.801  1.00 54.92 ? 3   LYS B C   1 
ATOM   695  O  O   . LYS B 1 3  ? -15.809 -5.242  12.826  1.00 56.41 ? 3   LYS B O   1 
ATOM   696  C  CB  . LYS B 1 3  ? -14.806 -4.140  15.226  1.00 57.48 ? 3   LYS B CB  1 
ATOM   697  C  CG  . LYS B 1 3  ? -14.930 -2.991  16.230  1.00 60.40 ? 3   LYS B CG  1 
ATOM   698  C  CD  . LYS B 1 3  ? -13.583 -2.461  16.693  1.00 61.92 ? 3   LYS B CD  1 
ATOM   699  C  CE  . LYS B 1 3  ? -13.746 -1.232  17.595  1.00 62.78 ? 3   LYS B CE  1 
ATOM   700  N  NZ  . LYS B 1 3  ? -14.567 -1.506  18.809  1.00 64.42 ? 3   LYS B NZ  1 
ATOM   701  N  N   . VAL B 1 4  ? -13.786 -5.060  11.867  1.00 53.66 ? 4   VAL B N   1 
ATOM   702  C  CA  . VAL B 1 4  ? -14.079 -6.003  10.795  1.00 52.02 ? 4   VAL B CA  1 
ATOM   703  C  C   . VAL B 1 4  ? -14.245 -7.421  11.327  1.00 51.88 ? 4   VAL B C   1 
ATOM   704  O  O   . VAL B 1 4  ? -13.361 -7.963  11.994  1.00 51.08 ? 4   VAL B O   1 
ATOM   705  C  CB  . VAL B 1 4  ? -12.955 -6.012  9.731   1.00 51.19 ? 4   VAL B CB  1 
ATOM   706  C  CG1 . VAL B 1 4  ? -13.322 -6.943  8.586   1.00 49.21 ? 4   VAL B CG1 1 
ATOM   707  C  CG2 . VAL B 1 4  ? -12.719 -4.612  9.223   1.00 49.51 ? 4   VAL B CG2 1 
ATOM   708  N  N   . ARG B 1 5  ? -15.390 -8.017  11.037  1.00 51.37 ? 5   ARG B N   1 
ATOM   709  C  CA  . ARG B 1 5  ? -15.640 -9.375  11.468  1.00 52.91 ? 5   ARG B CA  1 
ATOM   710  C  C   . ARG B 1 5  ? -15.125 -10.314 10.387  1.00 52.56 ? 5   ARG B C   1 
ATOM   711  O  O   . ARG B 1 5  ? -15.323 -10.063 9.201   1.00 52.66 ? 5   ARG B O   1 
ATOM   712  C  CB  . ARG B 1 5  ? -17.135 -9.590  11.700  1.00 54.27 ? 5   ARG B CB  1 
ATOM   713  C  CG  . ARG B 1 5  ? -17.552 -9.373  13.140  1.00 57.25 ? 5   ARG B CG  1 
ATOM   714  C  CD  . ARG B 1 5  ? -19.066 -9.380  13.308  1.00 60.32 ? 5   ARG B CD  1 
ATOM   715  N  NE  . ARG B 1 5  ? -19.682 -8.157  12.790  1.00 63.01 ? 5   ARG B NE  1 
ATOM   716  C  CZ  . ARG B 1 5  ? -20.036 -7.960  11.521  1.00 63.57 ? 5   ARG B CZ  1 
ATOM   717  N  NH1 . ARG B 1 5  ? -19.845 -8.913  10.620  1.00 63.77 ? 5   ARG B NH1 1 
ATOM   718  N  NH2 . ARG B 1 5  ? -20.578 -6.803  11.152  1.00 63.04 ? 5   ARG B NH2 1 
ATOM   719  N  N   . PRO B 1 6  ? -14.452 -11.406 10.785  1.00 52.16 ? 6   PRO B N   1 
ATOM   720  C  CA  . PRO B 1 6  ? -13.914 -12.369 9.824   1.00 52.22 ? 6   PRO B CA  1 
ATOM   721  C  C   . PRO B 1 6  ? -14.894 -12.700 8.696   1.00 51.98 ? 6   PRO B C   1 
ATOM   722  O  O   . PRO B 1 6  ? -14.491 -13.092 7.605   1.00 52.87 ? 6   PRO B O   1 
ATOM   723  C  CB  . PRO B 1 6  ? -13.606 -13.578 10.701  1.00 52.83 ? 6   PRO B CB  1 
ATOM   724  C  CG  . PRO B 1 6  ? -13.207 -12.955 11.994  1.00 52.32 ? 6   PRO B CG  1 
ATOM   725  C  CD  . PRO B 1 6  ? -14.260 -11.887 12.166  1.00 51.97 ? 6   PRO B CD  1 
ATOM   726  N  N   . GLU B 1 7  ? -16.179 -12.519 8.970   1.00 52.11 ? 7   GLU B N   1 
ATOM   727  C  CA  . GLU B 1 7  ? -17.239 -12.811 8.015   1.00 52.07 ? 7   GLU B CA  1 
ATOM   728  C  C   . GLU B 1 7  ? -17.363 -11.774 6.904   1.00 49.17 ? 7   GLU B C   1 
ATOM   729  O  O   . GLU B 1 7  ? -17.807 -12.084 5.802   1.00 48.69 ? 7   GLU B O   1 
ATOM   730  C  CB  . GLU B 1 7  ? -18.561 -12.926 8.770   1.00 54.70 ? 7   GLU B CB  1 
ATOM   731  C  CG  . GLU B 1 7  ? -18.950 -11.635 9.469   1.00 61.06 ? 7   GLU B CG  1 
ATOM   732  C  CD  . GLU B 1 7  ? -19.655 -11.858 10.798  1.00 64.19 ? 7   GLU B CD  1 
ATOM   733  O  OE1 . GLU B 1 7  ? -18.986 -12.280 11.772  1.00 65.44 ? 7   GLU B OE1 1 
ATOM   734  O  OE2 . GLU B 1 7  ? -20.882 -11.610 10.866  1.00 66.16 ? 7   GLU B OE2 1 
ATOM   735  N  N   . GLU B 1 8  ? -16.976 -10.540 7.200   1.00 47.03 ? 8   GLU B N   1 
ATOM   736  C  CA  . GLU B 1 8  ? -17.049 -9.460  6.221   1.00 44.25 ? 8   GLU B CA  1 
ATOM   737  C  C   . GLU B 1 8  ? -15.721 -9.323  5.497   1.00 41.26 ? 8   GLU B C   1 
ATOM   738  O  O   . GLU B 1 8  ? -15.605 -8.553  4.552   1.00 40.98 ? 8   GLU B O   1 
ATOM   739  C  CB  . GLU B 1 8  ? -17.352 -8.136  6.914   1.00 46.31 ? 8   GLU B CB  1 
ATOM   740  C  CG  . GLU B 1 8  ? -18.209 -8.255  8.157   1.00 50.23 ? 8   GLU B CG  1 
ATOM   741  C  CD  . GLU B 1 8  ? -18.215 -6.975  8.987   1.00 51.41 ? 8   GLU B CD  1 
ATOM   742  O  OE1 . GLU B 1 8  ? -18.794 -5.970  8.518   1.00 53.08 ? 8   GLU B OE1 1 
ATOM   743  O  OE2 . GLU B 1 8  ? -17.631 -6.977  10.098  1.00 49.82 ? 8   GLU B OE2 1 
ATOM   744  N  N   . LEU B 1 9  ? -14.725 -10.069 5.962   1.00 38.57 ? 9   LEU B N   1 
ATOM   745  C  CA  . LEU B 1 9  ? -13.381 -10.047 5.399   1.00 38.37 ? 9   LEU B CA  1 
ATOM   746  C  C   . LEU B 1 9  ? -13.320 -10.174 3.871   1.00 41.07 ? 9   LEU B C   1 
ATOM   747  O  O   . LEU B 1 9  ? -12.771 -9.298  3.194   1.00 41.21 ? 9   LEU B O   1 
ATOM   748  C  CB  . LEU B 1 9  ? -12.538 -11.159 6.027   1.00 37.08 ? 9   LEU B CB  1 
ATOM   749  C  CG  . LEU B 1 9  ? -11.201 -10.817 6.678   1.00 34.67 ? 9   LEU B CG  1 
ATOM   750  C  CD1 . LEU B 1 9  ? -10.475 -12.103 6.989   1.00 32.69 ? 9   LEU B CD1 1 
ATOM   751  C  CD2 . LEU B 1 9  ? -10.360 -9.951  5.765   1.00 34.97 ? 9   LEU B CD2 1 
ATOM   752  N  N   . PRO B 1 10 ? -13.879 -11.264 3.307   1.00 42.08 ? 10  PRO B N   1 
ATOM   753  C  CA  . PRO B 1 10 ? -13.860 -11.467 1.854   1.00 42.45 ? 10  PRO B CA  1 
ATOM   754  C  C   . PRO B 1 10 ? -14.356 -10.254 1.067   1.00 43.61 ? 10  PRO B C   1 
ATOM   755  O  O   . PRO B 1 10 ? -13.796 -9.912  0.022   1.00 44.00 ? 10  PRO B O   1 
ATOM   756  C  CB  . PRO B 1 10 ? -14.772 -12.678 1.669   1.00 43.17 ? 10  PRO B CB  1 
ATOM   757  C  CG  . PRO B 1 10 ? -14.580 -13.444 2.943   1.00 42.38 ? 10  PRO B CG  1 
ATOM   758  C  CD  . PRO B 1 10 ? -14.628 -12.345 3.972   1.00 42.23 ? 10  PRO B CD  1 
ATOM   759  N  N   . ALA B 1 11 ? -15.410 -9.618  1.569   1.00 44.47 ? 11  ALA B N   1 
ATOM   760  C  CA  . ALA B 1 11 ? -15.995 -8.449  0.920   1.00 45.21 ? 11  ALA B CA  1 
ATOM   761  C  C   . ALA B 1 11 ? -14.996 -7.307  0.818   1.00 45.53 ? 11  ALA B C   1 
ATOM   762  O  O   . ALA B 1 11 ? -14.892 -6.654  -0.221  1.00 46.00 ? 11  ALA B O   1 
ATOM   763  C  CB  . ALA B 1 11 ? -17.228 -7.998  1.688   1.00 45.99 ? 11  ALA B CB  1 
ATOM   764  N  N   . LEU B 1 12 ? -14.273 -7.069  1.907   1.00 45.67 ? 12  LEU B N   1 
ATOM   765  C  CA  . LEU B 1 12 ? -13.268 -6.012  1.962   1.00 45.49 ? 12  LEU B CA  1 
ATOM   766  C  C   . LEU B 1 12 ? -12.091 -6.272  1.028   1.00 45.42 ? 12  LEU B C   1 
ATOM   767  O  O   . LEU B 1 12 ? -11.701 -5.403  0.246   1.00 43.83 ? 12  LEU B O   1 
ATOM   768  C  CB  . LEU B 1 12 ? -12.742 -5.867  3.389   1.00 44.11 ? 12  LEU B CB  1 
ATOM   769  C  CG  . LEU B 1 12 ? -13.683 -5.189  4.371   1.00 45.49 ? 12  LEU B CG  1 
ATOM   770  C  CD1 . LEU B 1 12 ? -13.079 -5.190  5.763   1.00 45.08 ? 12  LEU B CD1 1 
ATOM   771  C  CD2 . LEU B 1 12 ? -13.942 -3.776  3.898   1.00 46.15 ? 12  LEU B CD2 1 
ATOM   772  N  N   . LEU B 1 13 ? -11.524 -7.472  1.132   1.00 46.27 ? 13  LEU B N   1 
ATOM   773  C  CA  . LEU B 1 13 ? -10.379 -7.878  0.327   1.00 45.67 ? 13  LEU B CA  1 
ATOM   774  C  C   . LEU B 1 13 ? -10.700 -7.795  -1.157  1.00 47.14 ? 13  LEU B C   1 
ATOM   775  O  O   . LEU B 1 13 ? -9.827  -7.472  -1.962  1.00 47.36 ? 13  LEU B O   1 
ATOM   776  C  CB  . LEU B 1 13 ? -9.960  -9.305  0.696   1.00 44.59 ? 13  LEU B CB  1 
ATOM   777  C  CG  . LEU B 1 13 ? -9.385  -9.575  2.094   1.00 40.66 ? 13  LEU B CG  1 
ATOM   778  C  CD1 . LEU B 1 13 ? -9.300  -11.068 2.332   1.00 40.37 ? 13  LEU B CD1 1 
ATOM   779  C  CD2 . LEU B 1 13 ? -8.012  -8.951  2.222   1.00 40.26 ? 13  LEU B CD2 1 
ATOM   780  N  N   . GLU B 1 14 ? -11.951 -8.088  -1.513  1.00 48.94 ? 14  GLU B N   1 
ATOM   781  C  CA  . GLU B 1 14 ? -12.377 -8.019  -2.909  1.00 51.45 ? 14  GLU B CA  1 
ATOM   782  C  C   . GLU B 1 14 ? -12.368 -6.571  -3.401  1.00 50.78 ? 14  GLU B C   1 
ATOM   783  O  O   . GLU B 1 14 ? -12.262 -6.318  -4.604  1.00 51.92 ? 14  GLU B O   1 
ATOM   784  C  CB  . GLU B 1 14 ? -13.779 -8.631  -3.091  1.00 54.57 ? 14  GLU B CB  1 
ATOM   785  C  CG  . GLU B 1 14 ? -13.804 -10.173 -3.065  1.00 59.59 ? 14  GLU B CG  1 
ATOM   786  C  CD  . GLU B 1 14 ? -15.185 -10.778 -3.351  1.00 61.47 ? 14  GLU B CD  1 
ATOM   787  O  OE1 . GLU B 1 14 ? -15.707 -10.612 -4.480  1.00 62.13 ? 14  GLU B OE1 1 
ATOM   788  O  OE2 . GLU B 1 14 ? -15.746 -11.430 -2.437  1.00 62.04 ? 14  GLU B OE2 1 
ATOM   789  N  N   . GLU B 1 15 ? -12.480 -5.628  -2.470  1.00 49.10 ? 15  GLU B N   1 
ATOM   790  C  CA  . GLU B 1 15 ? -12.452 -4.209  -2.803  1.00 48.48 ? 15  GLU B CA  1 
ATOM   791  C  C   . GLU B 1 15 ? -11.000 -3.792  -3.094  1.00 46.78 ? 15  GLU B C   1 
ATOM   792  O  O   . GLU B 1 15 ? -10.737 -2.913  -3.917  1.00 45.24 ? 15  GLU B O   1 
ATOM   793  C  CB  . GLU B 1 15 ? -12.992 -3.376  -1.635  1.00 50.64 ? 15  GLU B CB  1 
ATOM   794  C  CG  . GLU B 1 15 ? -14.377 -3.775  -1.135  1.00 54.19 ? 15  GLU B CG  1 
ATOM   795  C  CD  . GLU B 1 15 ? -14.805 -2.991  0.115   1.00 56.54 ? 15  GLU B CD  1 
ATOM   796  O  OE1 . GLU B 1 15 ? -15.917 -3.242  0.633   1.00 56.98 ? 15  GLU B OE1 1 
ATOM   797  O  OE2 . GLU B 1 15 ? -14.031 -2.121  0.580   1.00 57.99 ? 15  GLU B OE2 1 
ATOM   798  N  N   . GLY B 1 16 ? -10.062 -4.430  -2.400  1.00 45.27 ? 16  GLY B N   1 
ATOM   799  C  CA  . GLY B 1 16 ? -8.658  -4.126  -2.597  1.00 42.14 ? 16  GLY B CA  1 
ATOM   800  C  C   . GLY B 1 16 ? -7.986  -3.358  -1.471  1.00 40.09 ? 16  GLY B C   1 
ATOM   801  O  O   . GLY B 1 16 ? -6.860  -2.887  -1.638  1.00 40.25 ? 16  GLY B O   1 
ATOM   802  N  N   . VAL B 1 17 ? -8.659  -3.233  -0.330  1.00 37.98 ? 17  VAL B N   1 
ATOM   803  C  CA  . VAL B 1 17 ? -8.106  -2.509  0.815   1.00 36.12 ? 17  VAL B CA  1 
ATOM   804  C  C   . VAL B 1 17 ? -6.660  -2.907  1.061   1.00 35.79 ? 17  VAL B C   1 
ATOM   805  O  O   . VAL B 1 17 ? -6.281  -4.055  0.825   1.00 34.99 ? 17  VAL B O   1 
ATOM   806  C  CB  . VAL B 1 17 ? -8.913  -2.777  2.113   1.00 36.04 ? 17  VAL B CB  1 
ATOM   807  C  CG1 . VAL B 1 17 ? -10.334 -2.251  1.961   1.00 36.27 ? 17  VAL B CG1 1 
ATOM   808  C  CG2 . VAL B 1 17 ? -8.915  -4.279  2.423   1.00 34.48 ? 17  VAL B CG2 1 
ATOM   809  N  N   . LEU B 1 18 ? -5.861  -1.956  1.533   1.00 33.51 ? 18  LEU B N   1 
ATOM   810  C  CA  . LEU B 1 18 ? -4.456  -2.211  1.808   1.00 33.84 ? 18  LEU B CA  1 
ATOM   811  C  C   . LEU B 1 18 ? -4.326  -2.770  3.220   1.00 34.50 ? 18  LEU B C   1 
ATOM   812  O  O   . LEU B 1 18 ? -4.622  -2.083  4.202   1.00 33.75 ? 18  LEU B O   1 
ATOM   813  C  CB  . LEU B 1 18 ? -3.651  -0.915  1.701   1.00 33.72 ? 18  LEU B CB  1 
ATOM   814  C  CG  . LEU B 1 18 ? -2.196  -0.963  1.219   1.00 35.27 ? 18  LEU B CG  1 
ATOM   815  C  CD1 . LEU B 1 18 ? -1.426  0.122   1.979   1.00 32.69 ? 18  LEU B CD1 1 
ATOM   816  C  CD2 . LEU B 1 18 ? -1.559  -2.343  1.436   1.00 33.11 ? 18  LEU B CD2 1 
ATOM   817  N  N   . VAL B 1 19 ? -3.881  -4.015  3.328   1.00 35.27 ? 19  VAL B N   1 
ATOM   818  C  CA  . VAL B 1 19 ? -3.729  -4.631  4.635   1.00 36.98 ? 19  VAL B CA  1 
ATOM   819  C  C   . VAL B 1 19 ? -2.381  -4.274  5.242   1.00 38.93 ? 19  VAL B C   1 
ATOM   820  O  O   . VAL B 1 19 ? -1.354  -4.290  4.567   1.00 39.17 ? 19  VAL B O   1 
ATOM   821  C  CB  . VAL B 1 19 ? -3.880  -6.167  4.560   1.00 36.45 ? 19  VAL B CB  1 
ATOM   822  C  CG1 . VAL B 1 19 ? -3.662  -6.787  5.934   1.00 35.64 ? 19  VAL B CG1 1 
ATOM   823  C  CG2 . VAL B 1 19 ? -5.267  -6.526  4.035   1.00 34.23 ? 19  VAL B CG2 1 
ATOM   824  N  N   . VAL B 1 20 ? -2.402  -3.948  6.528   1.00 40.56 ? 20  VAL B N   1 
ATOM   825  C  CA  . VAL B 1 20 ? -1.202  -3.565  7.255   1.00 41.69 ? 20  VAL B CA  1 
ATOM   826  C  C   . VAL B 1 20 ? -0.999  -4.397  8.534   1.00 42.43 ? 20  VAL B C   1 
ATOM   827  O  O   . VAL B 1 20 ? -1.828  -4.354  9.448   1.00 43.92 ? 20  VAL B O   1 
ATOM   828  C  CB  . VAL B 1 20 ? -1.265  -2.055  7.621   1.00 41.91 ? 20  VAL B CB  1 
ATOM   829  C  CG1 . VAL B 1 20 ? -0.096  -1.674  8.519   1.00 41.35 ? 20  VAL B CG1 1 
ATOM   830  C  CG2 . VAL B 1 20 ? -1.263  -1.211  6.342   1.00 42.75 ? 20  VAL B CG2 1 
ATOM   831  N  N   . ASP B 1 21 ? 0.102   -5.152  8.586   1.00 42.77 ? 21  ASP B N   1 
ATOM   832  C  CA  . ASP B 1 21 ? 0.438   -5.976  9.753   1.00 41.70 ? 21  ASP B CA  1 
ATOM   833  C  C   . ASP B 1 21 ? 1.239   -5.129  10.747  1.00 42.74 ? 21  ASP B C   1 
ATOM   834  O  O   . ASP B 1 21 ? 2.372   -4.739  10.475  1.00 40.90 ? 21  ASP B O   1 
ATOM   835  C  CB  . ASP B 1 21 ? 1.256   -7.212  9.334   1.00 39.45 ? 21  ASP B CB  1 
ATOM   836  C  CG  . ASP B 1 21 ? 1.714   -8.046  10.529  1.00 39.15 ? 21  ASP B CG  1 
ATOM   837  O  OD1 . ASP B 1 21 ? 1.149   -7.874  11.629  1.00 39.06 ? 21  ASP B OD1 1 
ATOM   838  O  OD2 . ASP B 1 21 ? 2.630   -8.881  10.377  1.00 37.21 ? 21  ASP B OD2 1 
ATOM   839  N  N   . VAL B 1 22 ? 0.637   -4.867  11.905  1.00 44.25 ? 22  VAL B N   1 
ATOM   840  C  CA  . VAL B 1 22 ? 1.251   -4.048  12.943  1.00 45.85 ? 22  VAL B CA  1 
ATOM   841  C  C   . VAL B 1 22 ? 2.035   -4.795  14.018  1.00 47.74 ? 22  VAL B C   1 
ATOM   842  O  O   . VAL B 1 22 ? 2.700   -4.179  14.852  1.00 47.19 ? 22  VAL B O   1 
ATOM   843  C  CB  . VAL B 1 22 ? 0.184   -3.188  13.626  1.00 45.39 ? 22  VAL B CB  1 
ATOM   844  C  CG1 . VAL B 1 22 ? -0.367  -2.175  12.632  1.00 46.89 ? 22  VAL B CG1 1 
ATOM   845  C  CG2 . VAL B 1 22 ? -0.942  -4.071  14.146  1.00 44.27 ? 22  VAL B CG2 1 
ATOM   846  N  N   . ARG B 1 23 ? 1.963   -6.117  13.999  1.00 51.14 ? 23  ARG B N   1 
ATOM   847  C  CA  . ARG B 1 23 ? 2.675   -6.914  14.984  1.00 55.67 ? 23  ARG B CA  1 
ATOM   848  C  C   . ARG B 1 23 ? 4.169   -6.644  14.888  1.00 57.66 ? 23  ARG B C   1 
ATOM   849  O  O   . ARG B 1 23 ? 4.705   -6.513  13.794  1.00 58.45 ? 23  ARG B O   1 
ATOM   850  C  CB  . ARG B 1 23 ? 2.405   -8.400  14.754  1.00 56.75 ? 23  ARG B CB  1 
ATOM   851  C  CG  . ARG B 1 23 ? 0.945   -8.796  14.890  1.00 59.67 ? 23  ARG B CG  1 
ATOM   852  C  CD  . ARG B 1 23 ? 0.728   -10.201 14.358  1.00 61.98 ? 23  ARG B CD  1 
ATOM   853  N  NE  . ARG B 1 23 ? 1.169   -10.315 12.970  1.00 62.95 ? 23  ARG B NE  1 
ATOM   854  C  CZ  . ARG B 1 23 ? 1.199   -11.454 12.285  1.00 64.30 ? 23  ARG B CZ  1 
ATOM   855  N  NH1 . ARG B 1 23 ? 0.814   -12.587 12.857  1.00 63.69 ? 23  ARG B NH1 1 
ATOM   856  N  NH2 . ARG B 1 23 ? 1.611   -11.455 11.025  1.00 65.20 ? 23  ARG B NH2 1 
ATOM   857  N  N   . PRO B 1 24 ? 4.857   -6.536  16.041  1.00 59.86 ? 24  PRO B N   1 
ATOM   858  C  CA  . PRO B 1 24 ? 6.304   -6.284  16.052  1.00 60.47 ? 24  PRO B CA  1 
ATOM   859  C  C   . PRO B 1 24 ? 7.092   -7.574  15.783  1.00 60.98 ? 24  PRO B C   1 
ATOM   860  O  O   . PRO B 1 24 ? 6.515   -8.665  15.757  1.00 60.70 ? 24  PRO B O   1 
ATOM   861  C  CB  . PRO B 1 24 ? 6.538   -5.729  17.454  1.00 61.54 ? 24  PRO B CB  1 
ATOM   862  C  CG  . PRO B 1 24 ? 5.519   -6.482  18.274  1.00 61.12 ? 24  PRO B CG  1 
ATOM   863  C  CD  . PRO B 1 24 ? 4.289   -6.407  17.399  1.00 60.87 ? 24  PRO B CD  1 
ATOM   864  N  N   . ALA B 1 25 ? 8.403   -7.449  15.582  1.00 61.62 ? 25  ALA B N   1 
ATOM   865  C  CA  . ALA B 1 25 ? 9.255   -8.610  15.317  1.00 61.53 ? 25  ALA B CA  1 
ATOM   866  C  C   . ALA B 1 25 ? 9.188   -9.685  16.414  1.00 61.42 ? 25  ALA B C   1 
ATOM   867  O  O   . ALA B 1 25 ? 8.812   -10.833 16.090  1.00 60.96 ? 25  ALA B O   1 
ATOM   868  C  CB  . ALA B 1 25 ? 10.698  -8.157  15.121  1.00 61.02 ? 25  ALA B CB  1 
ATOM   869  N  N   . SER B 1 29 ? 0.845   -16.277 17.317  1.00 71.30 ? 29  SER B N   1 
ATOM   870  C  CA  . SER B 1 29 ? 1.462   -15.747 16.070  1.00 71.83 ? 29  SER B CA  1 
ATOM   871  C  C   . SER B 1 29 ? 1.005   -16.537 14.847  1.00 71.96 ? 29  SER B C   1 
ATOM   872  O  O   . SER B 1 29 ? 1.724   -17.413 14.363  1.00 71.35 ? 29  SER B O   1 
ATOM   873  C  CB  . SER B 1 29 ? 2.987   -15.801 16.169  1.00 70.66 ? 29  SER B CB  1 
ATOM   874  O  OG  . SER B 1 29 ? 3.580   -15.296 14.986  1.00 70.33 ? 29  SER B OG  1 
ATOM   875  N  N   . THR B 1 30 ? -0.189  -16.212 14.353  1.00 72.22 ? 30  THR B N   1 
ATOM   876  C  CA  . THR B 1 30 ? -0.773  -16.877 13.186  1.00 72.79 ? 30  THR B CA  1 
ATOM   877  C  C   . THR B 1 30 ? -0.235  -16.321 11.857  1.00 72.97 ? 30  THR B C   1 
ATOM   878  O  O   . THR B 1 30 ? 0.218   -15.176 11.793  1.00 73.52 ? 30  THR B O   1 
ATOM   879  C  CB  . THR B 1 30 ? -2.305  -16.734 13.199  1.00 72.28 ? 30  THR B CB  1 
ATOM   880  O  OG1 . THR B 1 30 ? -2.649  -15.345 13.266  1.00 72.68 ? 30  THR B OG1 1 
ATOM   881  C  CG2 . THR B 1 30 ? -2.899  -17.455 14.405  1.00 72.21 ? 30  THR B CG2 1 
ATOM   882  N  N   . PRO B 1 31 ? -0.271  -17.133 10.780  1.00 72.86 ? 31  PRO B N   1 
ATOM   883  C  CA  . PRO B 1 31 ? 0.212   -16.722 9.453   1.00 71.97 ? 31  PRO B CA  1 
ATOM   884  C  C   . PRO B 1 31 ? -0.466  -15.445 8.965   1.00 70.32 ? 31  PRO B C   1 
ATOM   885  O  O   . PRO B 1 31 ? -1.549  -15.101 9.433   1.00 70.97 ? 31  PRO B O   1 
ATOM   886  C  CB  . PRO B 1 31 ? -0.135  -17.922 8.574   1.00 73.18 ? 31  PRO B CB  1 
ATOM   887  C  CG  . PRO B 1 31 ? -0.016  -19.073 9.526   1.00 73.21 ? 31  PRO B CG  1 
ATOM   888  C  CD  . PRO B 1 31 ? -0.713  -18.539 10.757  1.00 72.84 ? 31  PRO B CD  1 
ATOM   889  N  N   . LEU B 1 32 ? 0.171   -14.747 8.029   1.00 67.66 ? 32  LEU B N   1 
ATOM   890  C  CA  . LEU B 1 32 ? -0.393  -13.512 7.496   1.00 64.76 ? 32  LEU B CA  1 
ATOM   891  C  C   . LEU B 1 32 ? -1.080  -13.816 6.167   1.00 63.48 ? 32  LEU B C   1 
ATOM   892  O  O   . LEU B 1 32 ? -0.474  -13.684 5.102   1.00 63.16 ? 32  LEU B O   1 
ATOM   893  C  CB  . LEU B 1 32 ? 0.712   -12.478 7.291   1.00 63.32 ? 32  LEU B CB  1 
ATOM   894  C  CG  . LEU B 1 32 ? 0.287   -11.023 7.478   1.00 63.02 ? 32  LEU B CG  1 
ATOM   895  C  CD1 . LEU B 1 32 ? 1.431   -10.124 7.058   1.00 64.35 ? 32  LEU B CD1 1 
ATOM   896  C  CD2 . LEU B 1 32 ? -0.952  -10.720 6.658   1.00 63.92 ? 32  LEU B CD2 1 
ATOM   897  N  N   . PRO B 1 33 ? -2.365  -14.207 6.217   1.00 61.91 ? 33  PRO B N   1 
ATOM   898  C  CA  . PRO B 1 33 ? -3.157  -14.544 5.033   1.00 60.93 ? 33  PRO B CA  1 
ATOM   899  C  C   . PRO B 1 33 ? -3.550  -13.355 4.162   1.00 60.27 ? 33  PRO B C   1 
ATOM   900  O  O   . PRO B 1 33 ? -4.568  -13.401 3.465   1.00 61.51 ? 33  PRO B O   1 
ATOM   901  C  CB  . PRO B 1 33 ? -4.370  -15.234 5.640   1.00 61.43 ? 33  PRO B CB  1 
ATOM   902  C  CG  . PRO B 1 33 ? -4.608  -14.405 6.862   1.00 60.17 ? 33  PRO B CG  1 
ATOM   903  C  CD  . PRO B 1 33 ? -3.207  -14.260 7.428   1.00 60.99 ? 33  PRO B CD  1 
ATOM   904  N  N   . PHE B 1 34 ? -2.752  -12.293 4.197   1.00 58.06 ? 34  PHE B N   1 
ATOM   905  C  CA  . PHE B 1 34 ? -3.055  -11.106 3.402   1.00 56.05 ? 34  PHE B CA  1 
ATOM   906  C  C   . PHE B 1 34 ? -1.776  -10.535 2.820   1.00 55.08 ? 34  PHE B C   1 
ATOM   907  O  O   . PHE B 1 34 ? -0.730  -10.573 3.472   1.00 57.24 ? 34  PHE B O   1 
ATOM   908  C  CB  . PHE B 1 34 ? -3.708  -10.042 4.276   1.00 56.22 ? 34  PHE B CB  1 
ATOM   909  C  CG  . PHE B 1 34 ? -4.700  -10.591 5.258   1.00 56.48 ? 34  PHE B CG  1 
ATOM   910  C  CD1 . PHE B 1 34 ? -5.882  -11.180 4.822   1.00 56.00 ? 34  PHE B CD1 1 
ATOM   911  C  CD2 . PHE B 1 34 ? -4.446  -10.529 6.625   1.00 56.21 ? 34  PHE B CD2 1 
ATOM   912  C  CE1 . PHE B 1 34 ? -6.792  -11.701 5.731   1.00 56.88 ? 34  PHE B CE1 1 
ATOM   913  C  CE2 . PHE B 1 34 ? -5.348  -11.046 7.540   1.00 56.54 ? 34  PHE B CE2 1 
ATOM   914  C  CZ  . PHE B 1 34 ? -6.525  -11.634 7.095   1.00 57.28 ? 34  PHE B CZ  1 
ATOM   915  N  N   . ALA B 1 35 ? -1.856  -10.007 1.600   1.00 50.99 ? 35  ALA B N   1 
ATOM   916  C  CA  . ALA B 1 35 ? -0.688  -9.411  0.962   1.00 47.80 ? 35  ALA B CA  1 
ATOM   917  C  C   . ALA B 1 35 ? -0.419  -8.124  1.727   1.00 46.19 ? 35  ALA B C   1 
ATOM   918  O  O   . ALA B 1 35 ? -0.412  -7.040  1.153   1.00 47.22 ? 35  ALA B O   1 
ATOM   919  C  CB  . ALA B 1 35 ? -0.987  -9.108  -0.487  1.00 45.86 ? 35  ALA B CB  1 
ATOM   920  N  N   . ALA B 1 36 ? -0.186  -8.266  3.027   1.00 43.43 ? 36  ALA B N   1 
ATOM   921  C  CA  . ALA B 1 36 ? 0.031   -7.144  3.925   1.00 42.35 ? 36  ALA B CA  1 
ATOM   922  C  C   . ALA B 1 36 ? 1.287   -6.309  3.764   1.00 41.53 ? 36  ALA B C   1 
ATOM   923  O  O   . ALA B 1 36 ? 2.291   -6.744  3.203   1.00 39.56 ? 36  ALA B O   1 
ATOM   924  C  CB  . ALA B 1 36 ? -0.063  -7.631  5.366   1.00 41.81 ? 36  ALA B CB  1 
ATOM   925  N  N   . GLU B 1 37 ? 1.198   -5.091  4.286   1.00 41.75 ? 37  GLU B N   1 
ATOM   926  C  CA  . GLU B 1 37 ? 2.296   -4.148  4.275   1.00 43.24 ? 37  GLU B CA  1 
ATOM   927  C  C   . GLU B 1 37 ? 2.629   -3.955  5.745   1.00 45.55 ? 37  GLU B C   1 
ATOM   928  O  O   . GLU B 1 37 ? 1.830   -3.396  6.498   1.00 45.84 ? 37  GLU B O   1 
ATOM   929  C  CB  . GLU B 1 37 ? 1.858   -2.823  3.655   1.00 41.72 ? 37  GLU B CB  1 
ATOM   930  C  CG  . GLU B 1 37 ? 2.972   -1.796  3.540   1.00 41.13 ? 37  GLU B CG  1 
ATOM   931  C  CD  . GLU B 1 37 ? 2.530   -0.548  2.804   1.00 40.95 ? 37  GLU B CD  1 
ATOM   932  O  OE1 . GLU B 1 37 ? 1.994   -0.685  1.686   1.00 40.59 ? 37  GLU B OE1 1 
ATOM   933  O  OE2 . GLU B 1 37 ? 2.717   0.569   3.332   1.00 40.77 ? 37  GLU B OE2 1 
ATOM   934  N  N   . TRP B 1 38 ? 3.804   -4.426  6.155   1.00 47.46 ? 38  TRP B N   1 
ATOM   935  C  CA  . TRP B 1 38 ? 4.227   -4.322  7.549   1.00 49.61 ? 38  TRP B CA  1 
ATOM   936  C  C   . TRP B 1 38 ? 4.607   -2.907  7.976   1.00 48.57 ? 38  TRP B C   1 
ATOM   937  O  O   . TRP B 1 38 ? 5.549   -2.319  7.444   1.00 47.84 ? 38  TRP B O   1 
ATOM   938  C  CB  . TRP B 1 38 ? 5.405   -5.266  7.817   1.00 52.63 ? 38  TRP B CB  1 
ATOM   939  C  CG  . TRP B 1 38 ? 5.788   -5.321  9.261   1.00 56.67 ? 38  TRP B CG  1 
ATOM   940  C  CD1 . TRP B 1 38 ? 5.076   -5.894  10.280  1.00 56.96 ? 38  TRP B CD1 1 
ATOM   941  C  CD2 . TRP B 1 38 ? 6.943   -4.731  9.862   1.00 59.16 ? 38  TRP B CD2 1 
ATOM   942  N  NE1 . TRP B 1 38 ? 5.715   -5.693  11.475  1.00 57.00 ? 38  TRP B NE1 1 
ATOM   943  C  CE2 . TRP B 1 38 ? 6.867   -4.984  11.251  1.00 59.37 ? 38  TRP B CE2 1 
ATOM   944  C  CE3 . TRP B 1 38 ? 8.039   -4.011  9.362   1.00 60.61 ? 38  TRP B CE3 1 
ATOM   945  C  CZ2 . TRP B 1 38 ? 7.848   -4.544  12.152  1.00 61.32 ? 38  TRP B CZ2 1 
ATOM   946  C  CZ3 . TRP B 1 38 ? 9.016   -3.571  10.258  1.00 62.62 ? 38  TRP B CZ3 1 
ATOM   947  C  CH2 . TRP B 1 38 ? 8.913   -3.842  11.637  1.00 62.41 ? 38  TRP B CH2 1 
ATOM   948  N  N   . VAL B 1 39 ? 3.859   -2.377  8.945   1.00 49.06 ? 39  VAL B N   1 
ATOM   949  C  CA  . VAL B 1 39 ? 4.080   -1.034  9.495   1.00 48.22 ? 39  VAL B CA  1 
ATOM   950  C  C   . VAL B 1 39 ? 3.888   -1.103  11.014  1.00 48.56 ? 39  VAL B C   1 
ATOM   951  O  O   . VAL B 1 39 ? 2.761   -1.221  11.510  1.00 45.74 ? 39  VAL B O   1 
ATOM   952  C  CB  . VAL B 1 39 ? 3.077   0.010   8.918   1.00 46.67 ? 39  VAL B CB  1 
ATOM   953  C  CG1 . VAL B 1 39 ? 3.506   1.414   9.310   1.00 43.81 ? 39  VAL B CG1 1 
ATOM   954  C  CG2 . VAL B 1 39 ? 2.985   -0.118  7.405   1.00 44.32 ? 39  VAL B CG2 1 
ATOM   955  N  N   . PRO B 1 40 ? 4.992   -1.038  11.769  1.00 49.35 ? 40  PRO B N   1 
ATOM   956  C  CA  . PRO B 1 40 ? 4.975   -1.091  13.231  1.00 51.73 ? 40  PRO B CA  1 
ATOM   957  C  C   . PRO B 1 40 ? 4.039   -0.054  13.830  1.00 53.47 ? 40  PRO B C   1 
ATOM   958  O  O   . PRO B 1 40 ? 3.878   1.039   13.281  1.00 53.89 ? 40  PRO B O   1 
ATOM   959  C  CB  . PRO B 1 40 ? 6.427   -0.824  13.600  1.00 51.81 ? 40  PRO B CB  1 
ATOM   960  C  CG  . PRO B 1 40 ? 7.165   -1.397  12.453  1.00 50.80 ? 40  PRO B CG  1 
ATOM   961  C  CD  . PRO B 1 40 ? 6.369   -0.926  11.272  1.00 49.62 ? 40  PRO B CD  1 
ATOM   962  N  N   . LEU B 1 41 ? 3.429   -0.397  14.962  1.00 54.45 ? 41  LEU B N   1 
ATOM   963  C  CA  . LEU B 1 41 ? 2.507   0.512   15.644  1.00 54.99 ? 41  LEU B CA  1 
ATOM   964  C  C   . LEU B 1 41 ? 3.229   1.791   16.065  1.00 54.70 ? 41  LEU B C   1 
ATOM   965  O  O   . LEU B 1 41 ? 2.750   2.891   15.809  1.00 54.81 ? 41  LEU B O   1 
ATOM   966  C  CB  . LEU B 1 41 ? 1.901   -0.161  16.880  1.00 55.76 ? 41  LEU B CB  1 
ATOM   967  C  CG  . LEU B 1 41 ? 0.380   -0.045  17.028  1.00 57.82 ? 41  LEU B CG  1 
ATOM   968  C  CD1 . LEU B 1 41 ? -0.039  -0.610  18.380  1.00 58.53 ? 41  LEU B CD1 1 
ATOM   969  C  CD2 . LEU B 1 41 ? -0.062  1.410   16.894  1.00 57.24 ? 41  LEU B CD2 1 
ATOM   970  N  N   . GLU B 1 42 ? 4.380   1.643   16.710  1.00 54.95 ? 42  GLU B N   1 
ATOM   971  C  CA  . GLU B 1 42 ? 5.145   2.798   17.151  1.00 56.25 ? 42  GLU B CA  1 
ATOM   972  C  C   . GLU B 1 42 ? 5.454   3.712   15.972  1.00 55.71 ? 42  GLU B C   1 
ATOM   973  O  O   . GLU B 1 42 ? 5.480   4.934   16.106  1.00 55.54 ? 42  GLU B O   1 
ATOM   974  C  CB  . GLU B 1 42 ? 6.445   2.346   17.819  1.00 59.16 ? 42  GLU B CB  1 
ATOM   975  C  CG  . GLU B 1 42 ? 7.362   1.517   16.931  1.00 63.19 ? 42  GLU B CG  1 
ATOM   976  C  CD  . GLU B 1 42 ? 8.634   2.261   16.541  1.00 67.05 ? 42  GLU B CD  1 
ATOM   977  O  OE1 . GLU B 1 42 ? 9.389   2.680   17.449  1.00 68.41 ? 42  GLU B OE1 1 
ATOM   978  O  OE2 . GLU B 1 42 ? 8.880   2.426   15.324  1.00 68.90 ? 42  GLU B OE2 1 
ATOM   979  N  N   . LYS B 1 43 ? 5.680   3.107   14.811  1.00 54.99 ? 43  LYS B N   1 
ATOM   980  C  CA  . LYS B 1 43 ? 5.987   3.872   13.614  1.00 53.50 ? 43  LYS B CA  1 
ATOM   981  C  C   . LYS B 1 43 ? 4.758   4.661   13.177  1.00 52.92 ? 43  LYS B C   1 
ATOM   982  O  O   . LYS B 1 43 ? 4.875   5.682   12.503  1.00 53.66 ? 43  LYS B O   1 
ATOM   983  C  CB  . LYS B 1 43 ? 6.454   2.939   12.492  1.00 53.56 ? 43  LYS B CB  1 
ATOM   984  C  CG  . LYS B 1 43 ? 7.299   3.636   11.431  1.00 54.15 ? 43  LYS B CG  1 
ATOM   985  C  CD  . LYS B 1 43 ? 7.986   2.653   10.497  1.00 54.77 ? 43  LYS B CD  1 
ATOM   986  C  CE  . LYS B 1 43 ? 6.988   1.956   9.586   1.00 56.02 ? 43  LYS B CE  1 
ATOM   987  N  NZ  . LYS B 1 43 ? 7.653   1.111   8.554   1.00 55.20 ? 43  LYS B NZ  1 
ATOM   988  N  N   . ILE B 1 44 ? 3.581   4.188   13.569  1.00 51.39 ? 44  ILE B N   1 
ATOM   989  C  CA  . ILE B 1 44 ? 2.339   4.859   13.222  1.00 49.58 ? 44  ILE B CA  1 
ATOM   990  C  C   . ILE B 1 44 ? 1.951   5.883   14.275  1.00 50.00 ? 44  ILE B C   1 
ATOM   991  O  O   . ILE B 1 44 ? 1.335   6.899   13.960  1.00 49.74 ? 44  ILE B O   1 
ATOM   992  C  CB  . ILE B 1 44 ? 1.184   3.855   13.069  1.00 48.47 ? 44  ILE B CB  1 
ATOM   993  C  CG1 . ILE B 1 44 ? 1.428   2.974   11.844  1.00 49.02 ? 44  ILE B CG1 1 
ATOM   994  C  CG2 . ILE B 1 44 ? -0.135  4.593   12.934  1.00 48.65 ? 44  ILE B CG2 1 
ATOM   995  C  CD1 . ILE B 1 44 ? 0.320   1.982   11.564  1.00 50.03 ? 44  ILE B CD1 1 
ATOM   996  N  N   . GLN B 1 45 ? 2.317   5.616   15.526  1.00 51.40 ? 45  GLN B N   1 
ATOM   997  C  CA  . GLN B 1 45 ? 1.996   6.525   16.628  1.00 52.89 ? 45  GLN B CA  1 
ATOM   998  C  C   . GLN B 1 45 ? 2.751   7.838   16.433  1.00 53.30 ? 45  GLN B C   1 
ATOM   999  O  O   . GLN B 1 45 ? 2.304   8.905   16.874  1.00 55.16 ? 45  GLN B O   1 
ATOM   1000 C  CB  . GLN B 1 45 ? 2.385   5.907   17.984  1.00 54.23 ? 45  GLN B CB  1 
ATOM   1001 C  CG  . GLN B 1 45 ? 1.974   4.436   18.167  1.00 56.82 ? 45  GLN B CG  1 
ATOM   1002 C  CD  . GLN B 1 45 ? 1.957   3.980   19.627  1.00 56.92 ? 45  GLN B CD  1 
ATOM   1003 O  OE1 . GLN B 1 45 ? 1.090   4.384   20.402  1.00 58.04 ? 45  GLN B OE1 1 
ATOM   1004 N  NE2 . GLN B 1 45 ? 2.910   3.129   19.999  1.00 56.52 ? 45  GLN B NE2 1 
ATOM   1005 N  N   . LYS B 1 46 ? 3.890   7.751   15.755  1.00 52.31 ? 46  LYS B N   1 
ATOM   1006 C  CA  . LYS B 1 46 ? 4.734   8.909   15.493  1.00 50.99 ? 46  LYS B CA  1 
ATOM   1007 C  C   . LYS B 1 46 ? 4.374   9.565   14.162  1.00 50.71 ? 46  LYS B C   1 
ATOM   1008 O  O   . LYS B 1 46 ? 4.960   10.577  13.780  1.00 50.16 ? 46  LYS B O   1 
ATOM   1009 C  CB  . LYS B 1 46 ? 6.204   8.473   15.503  1.00 50.79 ? 46  LYS B CB  1 
ATOM   1010 C  CG  . LYS B 1 46 ? 6.630   7.805   16.809  1.00 50.45 ? 46  LYS B CG  1 
ATOM   1011 C  CD  . LYS B 1 46 ? 7.940   7.051   16.667  1.00 50.85 ? 46  LYS B CD  1 
ATOM   1012 C  CE  . LYS B 1 46 ? 8.289   6.306   17.947  1.00 51.61 ? 46  LYS B CE  1 
ATOM   1013 N  NZ  . LYS B 1 46 ? 9.482   5.423   17.777  1.00 53.29 ? 46  LYS B NZ  1 
ATOM   1014 N  N   . GLY B 1 47 ? 3.403   8.986   13.465  1.00 50.70 ? 47  GLY B N   1 
ATOM   1015 C  CA  . GLY B 1 47 ? 2.984   9.527   12.184  1.00 50.86 ? 47  GLY B CA  1 
ATOM   1016 C  C   . GLY B 1 47 ? 4.043   9.376   11.104  1.00 51.12 ? 47  GLY B C   1 
ATOM   1017 O  O   . GLY B 1 47 ? 3.864   9.832   9.971   1.00 49.60 ? 47  GLY B O   1 
ATOM   1018 N  N   . GLU B 1 48 ? 5.149   8.730   11.456  1.00 51.83 ? 48  GLU B N   1 
ATOM   1019 C  CA  . GLU B 1 48 ? 6.246   8.527   10.523  1.00 52.90 ? 48  GLU B CA  1 
ATOM   1020 C  C   . GLU B 1 48 ? 6.009   7.282   9.669   1.00 52.21 ? 48  GLU B C   1 
ATOM   1021 O  O   . GLU B 1 48 ? 6.916   6.495   9.400   1.00 51.89 ? 48  GLU B O   1 
ATOM   1022 C  CB  . GLU B 1 48 ? 7.575   8.428   11.285  1.00 56.25 ? 48  GLU B CB  1 
ATOM   1023 C  CG  . GLU B 1 48 ? 7.637   7.320   12.330  1.00 60.56 ? 48  GLU B CG  1 
ATOM   1024 C  CD  . GLU B 1 48 ? 8.912   7.365   13.165  1.00 63.90 ? 48  GLU B CD  1 
ATOM   1025 O  OE1 . GLU B 1 48 ? 9.155   6.404   13.934  1.00 66.22 ? 48  GLU B OE1 1 
ATOM   1026 O  OE2 . GLU B 1 48 ? 9.668   8.359   13.063  1.00 65.10 ? 48  GLU B OE2 1 
ATOM   1027 N  N   . HIS B 1 49 ? 4.763   7.109   9.254   1.00 51.14 ? 49  HIS B N   1 
ATOM   1028 C  CA  . HIS B 1 49 ? 4.385   5.990   8.410   1.00 50.03 ? 49  HIS B CA  1 
ATOM   1029 C  C   . HIS B 1 49 ? 4.174   6.606   7.028   1.00 51.23 ? 49  HIS B C   1 
ATOM   1030 O  O   . HIS B 1 49 ? 4.172   7.833   6.890   1.00 53.90 ? 49  HIS B O   1 
ATOM   1031 C  CB  . HIS B 1 49 ? 3.090   5.381   8.921   1.00 47.57 ? 49  HIS B CB  1 
ATOM   1032 C  CG  . HIS B 1 49 ? 1.923   6.305   8.821   1.00 47.83 ? 49  HIS B CG  1 
ATOM   1033 N  ND1 . HIS B 1 49 ? 1.164   6.425   7.678   1.00 47.91 ? 49  HIS B ND1 1 
ATOM   1034 C  CD2 . HIS B 1 49 ? 1.411   7.194   9.707   1.00 47.77 ? 49  HIS B CD2 1 
ATOM   1035 C  CE1 . HIS B 1 49 ? 0.234   7.345   7.860   1.00 48.39 ? 49  HIS B CE1 1 
ATOM   1036 N  NE2 . HIS B 1 49 ? 0.364   7.828   9.083   1.00 49.72 ? 49  HIS B NE2 1 
ATOM   1037 N  N   . GLY B 1 50 ? 3.992   5.782   6.003   1.00 48.55 ? 50  GLY B N   1 
ATOM   1038 C  CA  . GLY B 1 50 ? 3.805   6.350   4.682   1.00 44.98 ? 50  GLY B CA  1 
ATOM   1039 C  C   . GLY B 1 50 ? 2.610   5.782   3.962   1.00 42.53 ? 50  GLY B C   1 
ATOM   1040 O  O   . GLY B 1 50 ? 2.484   5.918   2.747   1.00 43.70 ? 50  GLY B O   1 
ATOM   1041 N  N   . LEU B 1 51 ? 1.724   5.155   4.718   1.00 39.06 ? 51  LEU B N   1 
ATOM   1042 C  CA  . LEU B 1 51 ? 0.540   4.539   4.143   1.00 36.65 ? 51  LEU B CA  1 
ATOM   1043 C  C   . LEU B 1 51 ? -0.214  5.499   3.238   1.00 34.98 ? 51  LEU B C   1 
ATOM   1044 O  O   . LEU B 1 51 ? -0.331  6.680   3.535   1.00 36.16 ? 51  LEU B O   1 
ATOM   1045 C  CB  . LEU B 1 51 ? -0.365  4.035   5.269   1.00 33.63 ? 51  LEU B CB  1 
ATOM   1046 C  CG  . LEU B 1 51 ? 0.306   3.036   6.219   1.00 31.75 ? 51  LEU B CG  1 
ATOM   1047 C  CD1 . LEU B 1 51 ? -0.511  2.890   7.497   1.00 32.17 ? 51  LEU B CD1 1 
ATOM   1048 C  CD2 . LEU B 1 51 ? 0.472   1.704   5.511   1.00 31.69 ? 51  LEU B CD2 1 
ATOM   1049 N  N   . PRO B 1 52 ? -0.710  5.005   2.100   1.00 33.65 ? 52  PRO B N   1 
ATOM   1050 C  CA  . PRO B 1 52 ? -1.459  5.848   1.167   1.00 34.76 ? 52  PRO B CA  1 
ATOM   1051 C  C   . PRO B 1 52 ? -2.801  6.306   1.742   1.00 34.91 ? 52  PRO B C   1 
ATOM   1052 O  O   . PRO B 1 52 ? -3.278  5.760   2.726   1.00 36.34 ? 52  PRO B O   1 
ATOM   1053 C  CB  . PRO B 1 52 ? -1.629  4.941   -0.057  1.00 33.53 ? 52  PRO B CB  1 
ATOM   1054 C  CG  . PRO B 1 52 ? -1.633  3.579   0.527   1.00 34.51 ? 52  PRO B CG  1 
ATOM   1055 C  CD  . PRO B 1 52 ? -0.521  3.656   1.542   1.00 34.00 ? 52  PRO B CD  1 
ATOM   1056 N  N   . ARG B 1 53 ? -3.397  7.313   1.112   1.00 35.73 ? 53  ARG B N   1 
ATOM   1057 C  CA  . ARG B 1 53 ? -4.680  7.860   1.528   1.00 35.37 ? 53  ARG B CA  1 
ATOM   1058 C  C   . ARG B 1 53 ? -5.822  7.051   0.959   1.00 34.31 ? 53  ARG B C   1 
ATOM   1059 O  O   . ARG B 1 53 ? -6.674  7.565   0.236   1.00 35.51 ? 53  ARG B O   1 
ATOM   1060 C  CB  . ARG B 1 53 ? -4.793  9.312   1.073   1.00 39.06 ? 53  ARG B CB  1 
ATOM   1061 C  CG  . ARG B 1 53 ? -4.013  10.266  1.944   1.00 44.79 ? 53  ARG B CG  1 
ATOM   1062 C  CD  . ARG B 1 53 ? -4.700  10.398  3.292   1.00 50.87 ? 53  ARG B CD  1 
ATOM   1063 N  NE  . ARG B 1 53 ? -3.865  11.062  4.282   1.00 54.94 ? 53  ARG B NE  1 
ATOM   1064 C  CZ  . ARG B 1 53 ? -4.330  11.913  5.187   1.00 56.20 ? 53  ARG B CZ  1 
ATOM   1065 N  NH1 . ARG B 1 53 ? -5.624  12.203  5.213   1.00 57.51 ? 53  ARG B NH1 1 
ATOM   1066 N  NH2 . ARG B 1 53 ? -3.503  12.467  6.068   1.00 58.54 ? 53  ARG B NH2 1 
ATOM   1067 N  N   . ARG B 1 54 ? -5.830  5.769   1.283   1.00 33.39 ? 54  ARG B N   1 
ATOM   1068 C  CA  . ARG B 1 54 ? -6.864  4.871   0.797   1.00 31.66 ? 54  ARG B CA  1 
ATOM   1069 C  C   . ARG B 1 54 ? -7.365  4.032   1.964   1.00 31.96 ? 54  ARG B C   1 
ATOM   1070 O  O   . ARG B 1 54 ? -6.686  3.918   2.993   1.00 33.04 ? 54  ARG B O   1 
ATOM   1071 C  CB  . ARG B 1 54 ? -6.296  3.966   -0.296  1.00 31.54 ? 54  ARG B CB  1 
ATOM   1072 C  CG  . ARG B 1 54 ? -5.037  3.182   0.099   1.00 30.49 ? 54  ARG B CG  1 
ATOM   1073 C  CD  . ARG B 1 54 ? -4.503  2.411   -1.095  1.00 30.81 ? 54  ARG B CD  1 
ATOM   1074 N  NE  . ARG B 1 54 ? -5.440  1.377   -1.537  1.00 31.44 ? 54  ARG B NE  1 
ATOM   1075 C  CZ  . ARG B 1 54 ? -5.414  0.805   -2.738  1.00 31.85 ? 54  ARG B CZ  1 
ATOM   1076 N  NH1 . ARG B 1 54 ? -4.500  1.165   -3.634  1.00 32.44 ? 54  ARG B NH1 1 
ATOM   1077 N  NH2 . ARG B 1 54 ? -6.297  -0.136  -3.045  1.00 31.81 ? 54  ARG B NH2 1 
ATOM   1078 N  N   . PRO B 1 55 ? -8.567  3.454   1.838   1.00 31.11 ? 55  PRO B N   1 
ATOM   1079 C  CA  . PRO B 1 55 ? -9.091  2.634   2.930   1.00 30.91 ? 55  PRO B CA  1 
ATOM   1080 C  C   . PRO B 1 55 ? -8.039  1.635   3.440   1.00 30.95 ? 55  PRO B C   1 
ATOM   1081 O  O   . PRO B 1 55 ? -7.408  0.911   2.664   1.00 30.39 ? 55  PRO B O   1 
ATOM   1082 C  CB  . PRO B 1 55 ? -10.299 1.965   2.287   1.00 31.39 ? 55  PRO B CB  1 
ATOM   1083 C  CG  . PRO B 1 55 ? -10.828 3.070   1.415   1.00 31.45 ? 55  PRO B CG  1 
ATOM   1084 C  CD  . PRO B 1 55 ? -9.559  3.584   0.757   1.00 31.72 ? 55  PRO B CD  1 
ATOM   1085 N  N   . LEU B 1 56 ? -7.847  1.608   4.751   1.00 29.21 ? 56  LEU B N   1 
ATOM   1086 C  CA  . LEU B 1 56 ? -6.877  0.707   5.339   1.00 28.89 ? 56  LEU B CA  1 
ATOM   1087 C  C   . LEU B 1 56 ? -7.557  -0.220  6.333   1.00 30.00 ? 56  LEU B C   1 
ATOM   1088 O  O   . LEU B 1 56 ? -8.502  0.165   7.016   1.00 29.51 ? 56  LEU B O   1 
ATOM   1089 C  CB  . LEU B 1 56 ? -5.779  1.497   6.062   1.00 28.48 ? 56  LEU B CB  1 
ATOM   1090 C  CG  . LEU B 1 56 ? -5.151  2.701   5.347   1.00 30.51 ? 56  LEU B CG  1 
ATOM   1091 C  CD1 . LEU B 1 56 ? -4.249  3.416   6.331   1.00 29.65 ? 56  LEU B CD1 1 
ATOM   1092 C  CD2 . LEU B 1 56 ? -4.364  2.269   4.106   1.00 28.58 ? 56  LEU B CD2 1 
ATOM   1093 N  N   . LEU B 1 57 ? -7.056  -1.445  6.401   1.00 31.45 ? 57  LEU B N   1 
ATOM   1094 C  CA  . LEU B 1 57 ? -7.544  -2.461  7.323   1.00 29.65 ? 57  LEU B CA  1 
ATOM   1095 C  C   . LEU B 1 57 ? -6.337  -2.930  8.122   1.00 29.66 ? 57  LEU B C   1 
ATOM   1096 O  O   . LEU B 1 57 ? -5.415  -3.544  7.581   1.00 26.54 ? 57  LEU B O   1 
ATOM   1097 C  CB  . LEU B 1 57 ? -8.158  -3.640  6.563   1.00 29.50 ? 57  LEU B CB  1 
ATOM   1098 C  CG  . LEU B 1 57 ? -8.411  -4.912  7.381   1.00 27.94 ? 57  LEU B CG  1 
ATOM   1099 C  CD1 . LEU B 1 57 ? -9.288  -4.604  8.575   1.00 28.22 ? 57  LEU B CD1 1 
ATOM   1100 C  CD2 . LEU B 1 57 ? -9.073  -5.948  6.492   1.00 30.31 ? 57  LEU B CD2 1 
ATOM   1101 N  N   . LEU B 1 58 ? -6.347  -2.620  9.412   1.00 30.26 ? 58  LEU B N   1 
ATOM   1102 C  CA  . LEU B 1 58 ? -5.252  -2.992  10.280  1.00 31.04 ? 58  LEU B CA  1 
ATOM   1103 C  C   . LEU B 1 58 ? -5.506  -4.384  10.865  1.00 32.14 ? 58  LEU B C   1 
ATOM   1104 O  O   . LEU B 1 58 ? -6.662  -4.794  11.055  1.00 31.38 ? 58  LEU B O   1 
ATOM   1105 C  CB  . LEU B 1 58 ? -5.111  -1.945  11.384  1.00 31.04 ? 58  LEU B CB  1 
ATOM   1106 C  CG  . LEU B 1 58 ? -5.232  -0.506  10.874  1.00 29.69 ? 58  LEU B CG  1 
ATOM   1107 C  CD1 . LEU B 1 58 ? -5.302  0.437   12.045  1.00 29.60 ? 58  LEU B CD1 1 
ATOM   1108 C  CD2 . LEU B 1 58 ? -4.063  -0.165  9.963   1.00 29.56 ? 58  LEU B CD2 1 
ATOM   1109 N  N   . VAL B 1 59 ? -4.424  -5.114  11.133  1.00 32.53 ? 59  VAL B N   1 
ATOM   1110 C  CA  . VAL B 1 59 ? -4.534  -6.460  11.674  1.00 33.71 ? 59  VAL B CA  1 
ATOM   1111 C  C   . VAL B 1 59 ? -3.349  -6.805  12.542  1.00 36.55 ? 59  VAL B C   1 
ATOM   1112 O  O   . VAL B 1 59 ? -2.240  -6.322  12.314  1.00 38.45 ? 59  VAL B O   1 
ATOM   1113 C  CB  . VAL B 1 59 ? -4.624  -7.533  10.542  1.00 34.59 ? 59  VAL B CB  1 
ATOM   1114 C  CG1 . VAL B 1 59 ? -5.895  -7.323  9.717   1.00 33.13 ? 59  VAL B CG1 1 
ATOM   1115 C  CG2 . VAL B 1 59 ? -3.386  -7.473  9.643   1.00 30.04 ? 59  VAL B CG2 1 
ATOM   1116 N  N   . CYS B 1 60 ? -3.594  -7.621  13.556  1.00 38.47 ? 60  CYS B N   1 
ATOM   1117 C  CA  . CYS B 1 60 ? -2.530  -8.067  14.441  1.00 42.03 ? 60  CYS B CA  1 
ATOM   1118 C  C   . CYS B 1 60 ? -2.973  -9.363  15.109  1.00 44.80 ? 60  CYS B C   1 
ATOM   1119 O  O   . CYS B 1 60 ? -3.994  -9.951  14.736  1.00 44.55 ? 60  CYS B O   1 
ATOM   1120 C  CB  . CYS B 1 60 ? -2.187  -7.002  15.496  1.00 40.49 ? 60  CYS B CB  1 
ATOM   1121 S  SG  . CYS B 1 60 ? -3.337  -6.854  16.871  1.00 38.29 ? 60  CYS B SG  1 
ATOM   1122 N  N   . GLU B 1 61 ? -2.207  -9.806  16.098  1.00 48.06 ? 61  GLU B N   1 
ATOM   1123 C  CA  . GLU B 1 61 ? -2.507  -11.046 16.798  1.00 50.29 ? 61  GLU B CA  1 
ATOM   1124 C  C   . GLU B 1 61 ? -3.918  -11.163 17.375  1.00 49.91 ? 61  GLU B C   1 
ATOM   1125 O  O   . GLU B 1 61 ? -4.755  -11.870 16.824  1.00 50.65 ? 61  GLU B O   1 
ATOM   1126 C  CB  . GLU B 1 61 ? -1.473  -11.268 17.898  1.00 52.98 ? 61  GLU B CB  1 
ATOM   1127 C  CG  . GLU B 1 61 ? -0.882  -12.658 17.863  1.00 55.89 ? 61  GLU B CG  1 
ATOM   1128 C  CD  . GLU B 1 61 ? -0.391  -13.038 16.475  1.00 58.26 ? 61  GLU B CD  1 
ATOM   1129 O  OE1 . GLU B 1 61 ? 0.696   -12.567 16.065  1.00 58.32 ? 61  GLU B OE1 1 
ATOM   1130 O  OE2 . GLU B 1 61 ? -1.108  -13.798 15.784  1.00 59.90 ? 61  GLU B OE2 1 
ATOM   1131 N  N   . LYS B 1 62 ? -4.188  -10.463 18.470  1.00 50.29 ? 62  LYS B N   1 
ATOM   1132 C  CA  . LYS B 1 62 ? -5.496  -10.539 19.116  1.00 49.78 ? 62  LYS B CA  1 
ATOM   1133 C  C   . LYS B 1 62 ? -6.479  -9.409  18.781  1.00 48.92 ? 62  LYS B C   1 
ATOM   1134 O  O   . LYS B 1 62 ? -7.598  -9.387  19.285  1.00 47.28 ? 62  LYS B O   1 
ATOM   1135 C  CB  . LYS B 1 62 ? -5.304  -10.625 20.637  1.00 51.52 ? 62  LYS B CB  1 
ATOM   1136 C  CG  . LYS B 1 62 ? -4.526  -11.861 21.112  1.00 52.44 ? 62  LYS B CG  1 
ATOM   1137 C  CD  . LYS B 1 62 ? -4.287  -11.827 22.621  1.00 54.21 ? 62  LYS B CD  1 
ATOM   1138 C  CE  . LYS B 1 62 ? -3.670  -13.126 23.134  1.00 54.50 ? 62  LYS B CE  1 
ATOM   1139 N  NZ  . LYS B 1 62 ? -2.316  -13.383 22.584  1.00 56.77 ? 62  LYS B NZ  1 
ATOM   1140 N  N   . GLY B 1 63 ? -6.066  -8.474  17.934  1.00 49.83 ? 63  GLY B N   1 
ATOM   1141 C  CA  . GLY B 1 63 ? -6.945  -7.369  17.573  1.00 49.58 ? 63  GLY B CA  1 
ATOM   1142 C  C   . GLY B 1 63 ? -6.807  -6.147  18.478  1.00 48.63 ? 63  GLY B C   1 
ATOM   1143 O  O   . GLY B 1 63 ? -7.540  -5.165  18.330  1.00 48.19 ? 63  GLY B O   1 
ATOM   1144 N  N   . LEU B 1 64 ? -5.854  -6.201  19.404  1.00 46.87 ? 64  LEU B N   1 
ATOM   1145 C  CA  . LEU B 1 64 ? -5.623  -5.111  20.346  1.00 45.87 ? 64  LEU B CA  1 
ATOM   1146 C  C   . LEU B 1 64 ? -4.833  -3.966  19.712  1.00 44.59 ? 64  LEU B C   1 
ATOM   1147 O  O   . LEU B 1 64 ? -5.323  -2.842  19.611  1.00 44.69 ? 64  LEU B O   1 
ATOM   1148 C  CB  . LEU B 1 64 ? -4.862  -5.638  21.573  1.00 46.64 ? 64  LEU B CB  1 
ATOM   1149 C  CG  . LEU B 1 64 ? -5.463  -6.818  22.354  1.00 47.58 ? 64  LEU B CG  1 
ATOM   1150 C  CD1 . LEU B 1 64 ? -4.375  -7.475  23.203  1.00 47.46 ? 64  LEU B CD1 1 
ATOM   1151 C  CD2 . LEU B 1 64 ? -6.639  -6.355  23.205  1.00 45.29 ? 64  LEU B CD2 1 
ATOM   1152 N  N   . LEU B 1 65 ? -3.606  -4.264  19.292  1.00 42.97 ? 65  LEU B N   1 
ATOM   1153 C  CA  . LEU B 1 65 ? -2.723  -3.276  18.685  1.00 40.54 ? 65  LEU B CA  1 
ATOM   1154 C  C   . LEU B 1 65 ? -3.360  -2.559  17.490  1.00 40.76 ? 65  LEU B C   1 
ATOM   1155 O  O   . LEU B 1 65 ? -3.366  -1.331  17.424  1.00 40.28 ? 65  LEU B O   1 
ATOM   1156 C  CB  . LEU B 1 65 ? -1.426  -3.954  18.252  1.00 38.30 ? 65  LEU B CB  1 
ATOM   1157 C  CG  . LEU B 1 65 ? -0.858  -4.955  19.265  1.00 38.30 ? 65  LEU B CG  1 
ATOM   1158 C  CD1 . LEU B 1 65 ? 0.534   -5.395  18.829  1.00 38.05 ? 65  LEU B CD1 1 
ATOM   1159 C  CD2 . LEU B 1 65 ? -0.804  -4.325  20.643  1.00 39.01 ? 65  LEU B CD2 1 
ATOM   1160 N  N   . SER B 1 66 ? -3.900  -3.328  16.551  1.00 40.23 ? 66  SER B N   1 
ATOM   1161 C  CA  . SER B 1 66 ? -4.524  -2.765  15.362  1.00 39.06 ? 66  SER B CA  1 
ATOM   1162 C  C   . SER B 1 66 ? -5.655  -1.791  15.675  1.00 40.09 ? 66  SER B C   1 
ATOM   1163 O  O   . SER B 1 66 ? -6.003  -0.940  14.850  1.00 40.34 ? 66  SER B O   1 
ATOM   1164 C  CB  . SER B 1 66 ? -5.061  -3.892  14.481  1.00 39.06 ? 66  SER B CB  1 
ATOM   1165 O  OG  . SER B 1 66 ? -5.963  -4.721  15.196  1.00 36.30 ? 66  SER B OG  1 
ATOM   1166 N  N   . GLN B 1 67 ? -6.228  -1.910  16.870  1.00 40.77 ? 67  GLN B N   1 
ATOM   1167 C  CA  . GLN B 1 67 ? -7.346  -1.061  17.269  1.00 39.80 ? 67  GLN B CA  1 
ATOM   1168 C  C   . GLN B 1 67 ? -6.885  0.342   17.654  1.00 39.30 ? 67  GLN B C   1 
ATOM   1169 O  O   . GLN B 1 67 ? -7.647  1.313   17.551  1.00 38.99 ? 67  GLN B O   1 
ATOM   1170 C  CB  . GLN B 1 67 ? -8.091  -1.727  18.427  1.00 41.02 ? 67  GLN B CB  1 
ATOM   1171 C  CG  . GLN B 1 67 ? -9.511  -1.227  18.637  1.00 42.11 ? 67  GLN B CG  1 
ATOM   1172 C  CD  . GLN B 1 67 ? -10.393 -2.234  19.372  1.00 39.92 ? 67  GLN B CD  1 
ATOM   1173 O  OE1 . GLN B 1 67 ? -11.553 -1.954  19.652  1.00 41.00 ? 67  GLN B OE1 1 
ATOM   1174 N  NE2 . GLN B 1 67 ? -9.844  -3.409  19.676  1.00 35.91 ? 67  GLN B NE2 1 
ATOM   1175 N  N   . VAL B 1 68 ? -5.628  0.437   18.077  1.00 38.52 ? 68  VAL B N   1 
ATOM   1176 C  CA  . VAL B 1 68 ? -5.020  1.705   18.467  1.00 37.94 ? 68  VAL B CA  1 
ATOM   1177 C  C   . VAL B 1 68 ? -4.555  2.466   17.230  1.00 38.73 ? 68  VAL B C   1 
ATOM   1178 O  O   . VAL B 1 68 ? -4.942  3.617   17.017  1.00 38.70 ? 68  VAL B O   1 
ATOM   1179 C  CB  . VAL B 1 68 ? -3.804  1.474   19.372  1.00 37.30 ? 68  VAL B CB  1 
ATOM   1180 C  CG1 . VAL B 1 68 ? -3.130  2.799   19.671  1.00 38.49 ? 68  VAL B CG1 1 
ATOM   1181 C  CG2 . VAL B 1 68 ? -4.237  0.782   20.654  1.00 37.49 ? 68  VAL B CG2 1 
ATOM   1182 N  N   . ALA B 1 69 ? -3.720  1.813   16.422  1.00 39.04 ? 69  ALA B N   1 
ATOM   1183 C  CA  . ALA B 1 69 ? -3.195  2.415   15.205  1.00 37.68 ? 69  ALA B CA  1 
ATOM   1184 C  C   . ALA B 1 69 ? -4.355  2.936   14.382  1.00 38.48 ? 69  ALA B C   1 
ATOM   1185 O  O   . ALA B 1 69 ? -4.206  3.903   13.643  1.00 39.39 ? 69  ALA B O   1 
ATOM   1186 C  CB  . ALA B 1 69 ? -2.401  1.399   14.414  1.00 35.45 ? 69  ALA B CB  1 
ATOM   1187 N  N   . ALA B 1 70 ? -5.511  2.295   14.512  1.00 39.07 ? 70  ALA B N   1 
ATOM   1188 C  CA  . ALA B 1 70 ? -6.695  2.725   13.779  1.00 40.82 ? 70  ALA B CA  1 
ATOM   1189 C  C   . ALA B 1 70 ? -7.094  4.107   14.267  1.00 41.89 ? 70  ALA B C   1 
ATOM   1190 O  O   . ALA B 1 70 ? -7.313  5.016   13.468  1.00 42.12 ? 70  ALA B O   1 
ATOM   1191 C  CB  . ALA B 1 70 ? -7.842  1.741   13.987  1.00 40.46 ? 70  ALA B CB  1 
ATOM   1192 N  N   . LEU B 1 71 ? -7.181  4.261   15.584  1.00 43.98 ? 71  LEU B N   1 
ATOM   1193 C  CA  . LEU B 1 71 ? -7.547  5.543   16.177  1.00 45.30 ? 71  LEU B CA  1 
ATOM   1194 C  C   . LEU B 1 71 ? -6.556  6.608   15.713  1.00 44.95 ? 71  LEU B C   1 
ATOM   1195 O  O   . LEU B 1 71 ? -6.943  7.709   15.334  1.00 43.55 ? 71  LEU B O   1 
ATOM   1196 C  CB  . LEU B 1 71 ? -7.537  5.438   17.708  1.00 47.42 ? 71  LEU B CB  1 
ATOM   1197 C  CG  . LEU B 1 71 ? -8.155  6.612   18.487  1.00 49.74 ? 71  LEU B CG  1 
ATOM   1198 C  CD1 . LEU B 1 71 ? -9.664  6.686   18.206  1.00 48.32 ? 71  LEU B CD1 1 
ATOM   1199 C  CD2 . LEU B 1 71 ? -7.891  6.435   19.985  1.00 48.89 ? 71  LEU B CD2 1 
ATOM   1200 N  N   . TYR B 1 72 ? -5.274  6.257   15.746  1.00 45.16 ? 72  TYR B N   1 
ATOM   1201 C  CA  . TYR B 1 72 ? -4.207  7.155   15.314  1.00 46.02 ? 72  TYR B CA  1 
ATOM   1202 C  C   . TYR B 1 72 ? -4.419  7.582   13.861  1.00 45.91 ? 72  TYR B C   1 
ATOM   1203 O  O   . TYR B 1 72 ? -4.636  8.763   13.574  1.00 45.28 ? 72  TYR B O   1 
ATOM   1204 C  CB  . TYR B 1 72 ? -2.845  6.460   15.455  1.00 46.57 ? 72  TYR B CB  1 
ATOM   1205 C  CG  . TYR B 1 72 ? -2.178  6.658   16.793  1.00 48.88 ? 72  TYR B CG  1 
ATOM   1206 C  CD1 . TYR B 1 72 ? -1.516  7.849   17.089  1.00 51.67 ? 72  TYR B CD1 1 
ATOM   1207 C  CD2 . TYR B 1 72 ? -2.214  5.667   17.768  1.00 50.67 ? 72  TYR B CD2 1 
ATOM   1208 C  CE1 . TYR B 1 72 ? -0.904  8.051   18.334  1.00 54.74 ? 72  TYR B CE1 1 
ATOM   1209 C  CE2 . TYR B 1 72 ? -1.607  5.854   19.020  1.00 53.80 ? 72  TYR B CE2 1 
ATOM   1210 C  CZ  . TYR B 1 72 ? -0.954  7.049   19.300  1.00 55.48 ? 72  TYR B CZ  1 
ATOM   1211 O  OH  . TYR B 1 72 ? -0.357  7.250   20.537  1.00 54.66 ? 72  TYR B OH  1 
ATOM   1212 N  N   . LEU B 1 73 ? -4.360  6.606   12.956  1.00 45.46 ? 73  LEU B N   1 
ATOM   1213 C  CA  . LEU B 1 73 ? -4.531  6.847   11.531  1.00 45.02 ? 73  LEU B CA  1 
ATOM   1214 C  C   . LEU B 1 73 ? -5.868  7.523   11.217  1.00 46.79 ? 73  LEU B C   1 
ATOM   1215 O  O   . LEU B 1 73 ? -5.963  8.300   10.267  1.00 48.62 ? 73  LEU B O   1 
ATOM   1216 C  CB  . LEU B 1 73 ? -4.399  5.528   10.761  1.00 39.92 ? 73  LEU B CB  1 
ATOM   1217 C  CG  . LEU B 1 73 ? -3.009  4.881   10.836  1.00 37.38 ? 73  LEU B CG  1 
ATOM   1218 C  CD1 . LEU B 1 73 ? -3.078  3.407   10.467  1.00 33.38 ? 73  LEU B CD1 1 
ATOM   1219 C  CD2 . LEU B 1 73 ? -2.062  5.621   9.918   1.00 32.99 ? 73  LEU B CD2 1 
ATOM   1220 N  N   . GLU B 1 74 ? -6.894  7.244   12.014  1.00 47.66 ? 74  GLU B N   1 
ATOM   1221 C  CA  . GLU B 1 74 ? -8.207  7.860   11.807  1.00 48.84 ? 74  GLU B CA  1 
ATOM   1222 C  C   . GLU B 1 74 ? -8.132  9.370   12.021  1.00 48.47 ? 74  GLU B C   1 
ATOM   1223 O  O   . GLU B 1 74 ? -8.853  10.142  11.383  1.00 47.17 ? 74  GLU B O   1 
ATOM   1224 C  CB  . GLU B 1 74 ? -9.224  7.273   12.787  1.00 51.37 ? 74  GLU B CB  1 
ATOM   1225 C  CG  . GLU B 1 74 ? -9.886  5.984   12.328  1.00 53.57 ? 74  GLU B CG  1 
ATOM   1226 C  CD  . GLU B 1 74 ? -11.291 6.222   11.810  1.00 55.83 ? 74  GLU B CD  1 
ATOM   1227 O  OE1 . GLU B 1 74 ? -12.065 6.905   12.524  1.00 55.75 ? 74  GLU B OE1 1 
ATOM   1228 O  OE2 . GLU B 1 74 ? -11.626 5.719   10.709  1.00 54.78 ? 74  GLU B OE2 1 
ATOM   1229 N  N   . ALA B 1 75 ? -7.252  9.773   12.932  1.00 48.03 ? 75  ALA B N   1 
ATOM   1230 C  CA  . ALA B 1 75 ? -7.067  11.177  13.265  1.00 49.12 ? 75  ALA B CA  1 
ATOM   1231 C  C   . ALA B 1 75 ? -6.486  11.943  12.094  1.00 49.35 ? 75  ALA B C   1 
ATOM   1232 O  O   . ALA B 1 75 ? -6.790  13.121  11.894  1.00 50.53 ? 75  ALA B O   1 
ATOM   1233 C  CB  . ALA B 1 75 ? -6.150  11.308  14.470  1.00 48.52 ? 75  ALA B CB  1 
ATOM   1234 N  N   . GLU B 1 76 ? -5.650  11.262  11.318  1.00 48.85 ? 76  GLU B N   1 
ATOM   1235 C  CA  . GLU B 1 76 ? -5.005  11.876  10.168  1.00 47.51 ? 76  GLU B CA  1 
ATOM   1236 C  C   . GLU B 1 76 ? -5.866  11.840  8.918   1.00 46.64 ? 76  GLU B C   1 
ATOM   1237 O  O   . GLU B 1 76 ? -5.352  11.933  7.812   1.00 49.15 ? 76  GLU B O   1 
ATOM   1238 C  CB  . GLU B 1 76 ? -3.669  11.192  9.894   1.00 46.02 ? 76  GLU B CB  1 
ATOM   1239 C  CG  . GLU B 1 76 ? -2.655  11.412  10.989  1.00 46.65 ? 76  GLU B CG  1 
ATOM   1240 C  CD  . GLU B 1 76 ? -1.446  10.518  10.845  1.00 48.63 ? 76  GLU B CD  1 
ATOM   1241 O  OE1 . GLU B 1 76 ? -0.802  10.554  9.771   1.00 47.78 ? 76  GLU B OE1 1 
ATOM   1242 O  OE2 . GLU B 1 76 ? -1.136  9.778   11.810  1.00 49.98 ? 76  GLU B OE2 1 
ATOM   1243 N  N   . GLY B 1 77 ? -7.175  11.711  9.093   1.00 45.64 ? 77  GLY B N   1 
ATOM   1244 C  CA  . GLY B 1 77 ? -8.057  11.683  7.944   1.00 43.78 ? 77  GLY B CA  1 
ATOM   1245 C  C   . GLY B 1 77 ? -8.024  10.384  7.166   1.00 42.58 ? 77  GLY B C   1 
ATOM   1246 O  O   . GLY B 1 77 ? -8.329  10.367  5.969   1.00 41.52 ? 77  GLY B O   1 
ATOM   1247 N  N   . TYR B 1 78 ? -7.650  9.297   7.841   1.00 42.46 ? 78  TYR B N   1 
ATOM   1248 C  CA  . TYR B 1 78 ? -7.594  7.962   7.229   1.00 41.90 ? 78  TYR B CA  1 
ATOM   1249 C  C   . TYR B 1 78 ? -8.832  7.139   7.576   1.00 40.82 ? 78  TYR B C   1 
ATOM   1250 O  O   . TYR B 1 78 ? -9.415  7.297   8.645   1.00 40.42 ? 78  TYR B O   1 
ATOM   1251 C  CB  . TYR B 1 78 ? -6.358  7.192   7.716   1.00 40.14 ? 78  TYR B CB  1 
ATOM   1252 C  CG  . TYR B 1 78 ? -5.050  7.577   7.063   1.00 37.74 ? 78  TYR B CG  1 
ATOM   1253 C  CD1 . TYR B 1 78 ? -4.698  7.077   5.810   1.00 36.63 ? 78  TYR B CD1 1 
ATOM   1254 C  CD2 . TYR B 1 78 ? -4.155  8.429   7.706   1.00 36.24 ? 78  TYR B CD2 1 
ATOM   1255 C  CE1 . TYR B 1 78 ? -3.482  7.415   5.219   1.00 36.55 ? 78  TYR B CE1 1 
ATOM   1256 C  CE2 . TYR B 1 78 ? -2.936  8.773   7.119   1.00 35.11 ? 78  TYR B CE2 1 
ATOM   1257 C  CZ  . TYR B 1 78 ? -2.607  8.265   5.883   1.00 35.60 ? 78  TYR B CZ  1 
ATOM   1258 O  OH  . TYR B 1 78 ? -1.409  8.613   5.308   1.00 33.86 ? 78  TYR B OH  1 
ATOM   1259 N  N   . GLU B 1 79 ? -9.232  6.268   6.660   1.00 42.25 ? 79  GLU B N   1 
ATOM   1260 C  CA  . GLU B 1 79 ? -10.366 5.393   6.904   1.00 44.53 ? 79  GLU B CA  1 
ATOM   1261 C  C   . GLU B 1 79 ? -9.772  4.049   7.292   1.00 44.56 ? 79  GLU B C   1 
ATOM   1262 O  O   . GLU B 1 79 ? -9.721  3.135   6.474   1.00 46.37 ? 79  GLU B O   1 
ATOM   1263 C  CB  . GLU B 1 79 ? -11.219 5.220   5.645   1.00 46.63 ? 79  GLU B CB  1 
ATOM   1264 C  CG  . GLU B 1 79 ? -12.409 4.286   5.836   1.00 49.25 ? 79  GLU B CG  1 
ATOM   1265 C  CD  . GLU B 1 79 ? -13.036 3.840   4.522   1.00 52.82 ? 79  GLU B CD  1 
ATOM   1266 O  OE1 . GLU B 1 79 ? -13.463 4.710   3.729   1.00 56.01 ? 79  GLU B OE1 1 
ATOM   1267 O  OE2 . GLU B 1 79 ? -13.109 2.614   4.279   1.00 54.28 ? 79  GLU B OE2 1 
ATOM   1268 N  N   . ALA B 1 80 ? -9.311  3.935   8.535   1.00 44.13 ? 80  ALA B N   1 
ATOM   1269 C  CA  . ALA B 1 80 ? -8.697  2.700   9.013   1.00 43.67 ? 80  ALA B CA  1 
ATOM   1270 C  C   . ALA B 1 80 ? -9.626  1.860   9.879   1.00 44.25 ? 80  ALA B C   1 
ATOM   1271 O  O   . ALA B 1 80 ? -10.172 2.335   10.872  1.00 46.27 ? 80  ALA B O   1 
ATOM   1272 C  CB  . ALA B 1 80 ? -7.432  3.019   9.784   1.00 42.22 ? 80  ALA B CB  1 
HETATM 1273 N  N   . MSE B 1 81 ? -9.791  0.601   9.494   1.00 44.21 ? 81  MSE B N   1 
HETATM 1274 C  CA  . MSE B 1 81 ? -10.638 -0.330  10.220  1.00 43.59 ? 81  MSE B CA  1 
HETATM 1275 C  C   . MSE B 1 81 ? -9.743  -1.364  10.873  1.00 43.36 ? 81  MSE B C   1 
HETATM 1276 O  O   . MSE B 1 81 ? -8.545  -1.385  10.629  1.00 43.32 ? 81  MSE B O   1 
HETATM 1277 C  CB  . MSE B 1 81 ? -11.619 -0.991  9.255   1.00 45.03 ? 81  MSE B CB  1 
HETATM 1278 C  CG  . MSE B 1 81 ? -10.964 -1.589  8.016   1.00 45.97 ? 81  MSE B CG  1 
HETATM 1279 SE SE  . MSE B 1 81 ? -12.098 -1.436  6.437   1.00 50.58 ? 81  MSE B SE  1 
HETATM 1280 C  CE  . MSE B 1 81 ? -11.423 0.252   5.725   1.00 46.03 ? 81  MSE B CE  1 
ATOM   1281 N  N   . SER B 1 82 ? -10.323 -2.225  11.700  1.00 44.43 ? 82  SER B N   1 
ATOM   1282 C  CA  . SER B 1 82 ? -9.549  -3.245  12.395  1.00 44.99 ? 82  SER B CA  1 
ATOM   1283 C  C   . SER B 1 82 ? -10.172 -4.633  12.262  1.00 46.05 ? 82  SER B C   1 
ATOM   1284 O  O   . SER B 1 82 ? -11.380 -4.779  12.394  1.00 46.60 ? 82  SER B O   1 
ATOM   1285 C  CB  . SER B 1 82 ? -9.434  -2.863  13.877  1.00 45.10 ? 82  SER B CB  1 
ATOM   1286 O  OG  . SER B 1 82 ? -9.037  -3.957  14.689  1.00 43.57 ? 82  SER B OG  1 
ATOM   1287 N  N   . LEU B 1 83 ? -9.354  -5.646  11.985  1.00 46.61 ? 83  LEU B N   1 
ATOM   1288 C  CA  . LEU B 1 83 ? -9.863  -7.010  11.883  1.00 46.93 ? 83  LEU B CA  1 
ATOM   1289 C  C   . LEU B 1 83 ? -10.189 -7.441  13.300  1.00 49.02 ? 83  LEU B C   1 
ATOM   1290 O  O   . LEU B 1 83 ? -9.278  -7.668  14.102  1.00 49.68 ? 83  LEU B O   1 
ATOM   1291 C  CB  . LEU B 1 83 ? -8.807  -7.959  11.315  1.00 45.20 ? 83  LEU B CB  1 
ATOM   1292 C  CG  . LEU B 1 83 ? -9.129  -9.457  11.384  1.00 43.32 ? 83  LEU B CG  1 
ATOM   1293 C  CD1 . LEU B 1 83 ? -10.317 -9.790  10.514  1.00 40.18 ? 83  LEU B CD1 1 
ATOM   1294 C  CD2 . LEU B 1 83 ? -7.925  -10.240 10.930  1.00 44.40 ? 83  LEU B CD2 1 
ATOM   1295 N  N   . GLU B 1 84 ? -11.478 -7.547  13.611  1.00 50.88 ? 84  GLU B N   1 
ATOM   1296 C  CA  . GLU B 1 84 ? -11.913 -7.944  14.949  1.00 53.07 ? 84  GLU B CA  1 
ATOM   1297 C  C   . GLU B 1 84 ? -11.448 -9.357  15.309  1.00 52.23 ? 84  GLU B C   1 
ATOM   1298 O  O   . GLU B 1 84 ? -11.517 -10.277 14.489  1.00 52.30 ? 84  GLU B O   1 
ATOM   1299 C  CB  . GLU B 1 84 ? -13.439 -7.843  15.052  1.00 55.96 ? 84  GLU B CB  1 
ATOM   1300 C  CG  . GLU B 1 84 ? -14.009 -8.178  16.432  1.00 60.09 ? 84  GLU B CG  1 
ATOM   1301 C  CD  . GLU B 1 84 ? -15.472 -7.769  16.573  1.00 63.31 ? 84  GLU B CD  1 
ATOM   1302 O  OE1 . GLU B 1 84 ? -16.254 -8.017  15.621  1.00 65.85 ? 84  GLU B OE1 1 
ATOM   1303 O  OE2 . GLU B 1 84 ? -15.842 -7.213  17.634  1.00 63.56 ? 84  GLU B OE2 1 
ATOM   1304 N  N   . GLY B 1 85 ? -10.968 -9.513  16.539  1.00 49.80 ? 85  GLY B N   1 
ATOM   1305 C  CA  . GLY B 1 85 ? -10.490 -10.803 16.985  1.00 49.01 ? 85  GLY B CA  1 
ATOM   1306 C  C   . GLY B 1 85 ? -9.032  -10.990 16.614  1.00 49.17 ? 85  GLY B C   1 
ATOM   1307 O  O   . GLY B 1 85 ? -8.366  -11.911 17.090  1.00 48.60 ? 85  GLY B O   1 
ATOM   1308 N  N   . GLY B 1 86 ? -8.532  -10.099 15.764  1.00 49.54 ? 86  GLY B N   1 
ATOM   1309 C  CA  . GLY B 1 86 ? -7.151  -10.179 15.332  1.00 48.64 ? 86  GLY B CA  1 
ATOM   1310 C  C   . GLY B 1 86 ? -7.014  -11.278 14.306  1.00 49.33 ? 86  GLY B C   1 
ATOM   1311 O  O   . GLY B 1 86 ? -7.996  -11.654 13.652  1.00 48.21 ? 86  GLY B O   1 
ATOM   1312 N  N   . LEU B 1 87 ? -5.799  -11.795 14.167  1.00 49.77 ? 87  LEU B N   1 
ATOM   1313 C  CA  . LEU B 1 87 ? -5.523  -12.865 13.215  1.00 51.49 ? 87  LEU B CA  1 
ATOM   1314 C  C   . LEU B 1 87 ? -5.874  -14.238 13.802  1.00 52.74 ? 87  LEU B C   1 
ATOM   1315 O  O   . LEU B 1 87 ? -6.538  -15.045 13.148  1.00 53.76 ? 87  LEU B O   1 
ATOM   1316 C  CB  . LEU B 1 87 ? -4.045  -12.825 12.783  1.00 49.77 ? 87  LEU B CB  1 
ATOM   1317 C  CG  . LEU B 1 87 ? -3.594  -11.657 11.891  1.00 48.24 ? 87  LEU B CG  1 
ATOM   1318 C  CD1 . LEU B 1 87 ? -2.083  -11.662 11.736  1.00 47.81 ? 87  LEU B CD1 1 
ATOM   1319 C  CD2 . LEU B 1 87 ? -4.261  -11.759 10.531  1.00 46.36 ? 87  LEU B CD2 1 
ATOM   1320 N  N   . GLN B 1 88 ? -5.441  -14.494 15.035  1.00 53.35 ? 88  GLN B N   1 
ATOM   1321 C  CA  . GLN B 1 88 ? -5.710  -15.767 15.704  1.00 54.18 ? 88  GLN B CA  1 
ATOM   1322 C  C   . GLN B 1 88 ? -7.190  -16.155 15.667  1.00 54.04 ? 88  GLN B C   1 
ATOM   1323 O  O   . GLN B 1 88 ? -7.528  -17.340 15.621  1.00 54.09 ? 88  GLN B O   1 
ATOM   1324 C  CB  . GLN B 1 88 ? -5.227  -15.705 17.157  1.00 55.34 ? 88  GLN B CB  1 
ATOM   1325 C  CG  . GLN B 1 88 ? -3.707  -15.758 17.319  1.00 58.24 ? 88  GLN B CG  1 
ATOM   1326 C  CD  . GLN B 1 88 ? -3.250  -15.525 18.753  1.00 59.79 ? 88  GLN B CD  1 
ATOM   1327 O  OE1 . GLN B 1 88 ? -2.094  -15.786 19.102  1.00 61.23 ? 88  GLN B OE1 1 
ATOM   1328 N  NE2 . GLN B 1 88 ? -4.153  -15.024 19.591  1.00 60.83 ? 88  GLN B NE2 1 
ATOM   1329 N  N   . ALA B 1 89 ? -8.061  -15.149 15.678  1.00 52.96 ? 89  ALA B N   1 
ATOM   1330 C  CA  . ALA B 1 89 ? -9.500  -15.371 15.655  1.00 53.33 ? 89  ALA B CA  1 
ATOM   1331 C  C   . ALA B 1 89 ? -10.069 -15.264 14.252  1.00 53.98 ? 89  ALA B C   1 
ATOM   1332 O  O   . ALA B 1 89 ? -10.034 -14.143 13.709  1.00 55.26 ? 89  ALA B O   1 
ATOM   1333 C  CB  . ALA B 1 89 ? -10.192 -14.366 16.563  1.00 54.11 ? 89  ALA B CB  1 
HETATM 1334 O  O   . HOH C 2 .  ? 2.703   -3.397  -22.261 1.00 27.48 ? 95  HOH A O   1 
HETATM 1335 O  O   . HOH C 2 .  ? 7.517   -1.435  -16.799 1.00 31.25 ? 96  HOH A O   1 
HETATM 1336 O  O   . HOH C 2 .  ? -5.988  2.743   -6.655  1.00 35.26 ? 97  HOH A O   1 
HETATM 1337 O  O   . HOH C 2 .  ? -2.874  -4.061  -6.033  1.00 15.70 ? 98  HOH A O   1 
HETATM 1338 O  O   . HOH C 2 .  ? -2.917  3.356   -4.165  1.00 22.69 ? 99  HOH A O   1 
HETATM 1339 O  O   . HOH C 2 .  ? 2.504   11.058  -2.229  1.00 37.87 ? 100 HOH A O   1 
HETATM 1340 O  O   . HOH C 2 .  ? -5.828  6.847   -5.666  1.00 60.59 ? 101 HOH A O   1 
HETATM 1341 O  O   . HOH C 2 .  ? -1.337  8.628   -0.717  1.00 25.67 ? 102 HOH A O   1 
HETATM 1342 O  O   . HOH C 2 .  ? 2.496   -8.990  1.359   1.00 50.48 ? 103 HOH A O   1 
HETATM 1343 O  O   . HOH C 2 .  ? 5.494   6.331   -14.893 1.00 29.37 ? 104 HOH A O   1 
HETATM 1344 O  O   . HOH C 2 .  ? 7.861   -11.190 -11.592 1.00 34.22 ? 105 HOH A O   1 
HETATM 1345 O  O   . HOH C 2 .  ? 7.584   5.381   -20.097 1.00 47.69 ? 106 HOH A O   1 
HETATM 1346 O  O   . HOH C 2 .  ? 4.454   18.805  -20.023 1.00 32.01 ? 107 HOH A O   1 
HETATM 1347 O  O   . HOH C 2 .  ? -9.189  -1.487  -19.110 1.00 41.92 ? 108 HOH A O   1 
HETATM 1348 O  O   . HOH C 2 .  ? -6.282  -5.464  -16.280 1.00 48.64 ? 109 HOH A O   1 
HETATM 1349 O  O   . HOH C 2 .  ? 20.104  17.327  -3.499  1.00 48.55 ? 110 HOH A O   1 
HETATM 1350 O  O   . HOH C 2 .  ? 19.225  7.590   1.067   1.00 43.33 ? 111 HOH A O   1 
HETATM 1351 O  O   . HOH C 2 .  ? 12.494  9.362   3.126   1.00 41.91 ? 112 HOH A O   1 
HETATM 1352 O  O   . HOH C 2 .  ? 6.045   12.246  -21.461 1.00 33.74 ? 113 HOH A O   1 
HETATM 1353 O  O   . HOH C 2 .  ? 7.836   1.036   1.606   1.00 35.34 ? 114 HOH A O   1 
HETATM 1354 O  O   . HOH C 2 .  ? -9.816  -4.483  -18.478 1.00 60.23 ? 115 HOH A O   1 
HETATM 1355 O  O   . HOH C 2 .  ? -11.205 -5.229  -15.523 1.00 38.67 ? 116 HOH A O   1 
HETATM 1356 O  O   . HOH C 2 .  ? -13.832 -7.835  -13.234 1.00 54.56 ? 117 HOH A O   1 
HETATM 1357 O  O   . HOH C 2 .  ? -1.023  11.320  -3.769  1.00 36.70 ? 118 HOH A O   1 
HETATM 1358 O  O   . HOH C 2 .  ? 20.971  3.655   -4.288  1.00 75.37 ? 119 HOH A O   1 
HETATM 1359 O  O   . HOH C 2 .  ? 25.210  5.904   -4.216  1.00 58.88 ? 120 HOH A O   1 
HETATM 1360 O  O   . HOH C 2 .  ? 8.365   -13.552 5.010   1.00 32.76 ? 121 HOH A O   1 
HETATM 1361 O  O   . HOH C 2 .  ? 10.988  10.429  -15.111 1.00 38.84 ? 122 HOH A O   1 
HETATM 1362 O  O   . HOH C 2 .  ? 1.656   6.995   -22.888 1.00 47.94 ? 123 HOH A O   1 
HETATM 1363 O  O   . HOH C 2 .  ? -3.456  13.877  -22.292 1.00 65.40 ? 124 HOH A O   1 
HETATM 1364 O  O   . HOH C 2 .  ? -1.863  -8.416  -18.744 1.00 43.46 ? 125 HOH A O   1 
HETATM 1365 O  O   . HOH C 2 .  ? -7.215  3.690   -3.667  1.00 37.92 ? 126 HOH A O   1 
HETATM 1366 O  O   . HOH C 2 .  ? 3.468   15.483  -6.327  1.00 34.35 ? 127 HOH A O   1 
HETATM 1367 O  O   . HOH C 2 .  ? 11.094  17.097  6.663   1.00 46.53 ? 128 HOH A O   1 
HETATM 1368 O  O   . HOH C 2 .  ? 17.686  -6.304  -5.219  1.00 47.72 ? 129 HOH A O   1 
HETATM 1369 O  O   . HOH C 2 .  ? 17.229  -5.264  3.192   1.00 44.92 ? 130 HOH A O   1 
HETATM 1370 O  O   . HOH C 2 .  ? 12.145  -2.910  4.775   1.00 50.95 ? 131 HOH A O   1 
HETATM 1371 O  O   . HOH C 2 .  ? 6.560   -9.227  1.174   1.00 32.72 ? 132 HOH A O   1 
HETATM 1372 O  O   . HOH C 2 .  ? 0.303   -10.769 -7.463  1.00 41.09 ? 133 HOH A O   1 
HETATM 1373 O  O   . HOH C 2 .  ? 1.048   8.159   -25.800 1.00 53.37 ? 134 HOH A O   1 
HETATM 1374 O  O   . HOH C 2 .  ? 2.748   18.236  -15.942 1.00 35.97 ? 135 HOH A O   1 
HETATM 1375 O  O   . HOH C 2 .  ? 2.588   20.713  -20.906 1.00 32.39 ? 136 HOH A O   1 
HETATM 1376 O  O   . HOH C 2 .  ? -3.603  15.957  -24.287 1.00 49.96 ? 137 HOH A O   1 
HETATM 1377 O  O   . HOH C 2 .  ? 0.597   9.700   1.262   1.00 51.94 ? 138 HOH A O   1 
HETATM 1378 O  O   . HOH C 2 .  ? 0.054   17.508  -20.722 1.00 34.50 ? 139 HOH A O   1 
HETATM 1379 O  O   . HOH C 2 .  ? 10.758  13.546  -10.924 1.00 38.60 ? 140 HOH A O   1 
HETATM 1380 O  O   . HOH C 2 .  ? 6.347   18.370  -3.700  1.00 48.58 ? 141 HOH A O   1 
HETATM 1381 O  O   . HOH C 2 .  ? 9.884   18.430  -3.408  1.00 54.13 ? 142 HOH A O   1 
HETATM 1382 O  O   . HOH C 2 .  ? -4.167  -4.799  -10.593 1.00 49.08 ? 143 HOH A O   1 
HETATM 1383 O  O   . HOH C 2 .  ? 13.021  -15.215 -8.465  1.00 44.21 ? 144 HOH A O   1 
HETATM 1384 O  O   . HOH C 2 .  ? 7.410   -15.782 -13.858 1.00 45.55 ? 145 HOH A O   1 
HETATM 1385 O  O   . HOH C 2 .  ? 15.427  -17.662 -0.066  1.00 41.68 ? 146 HOH A O   1 
HETATM 1386 O  O   . HOH C 2 .  ? 6.485   20.707  -19.179 1.00 45.00 ? 147 HOH A O   1 
HETATM 1387 O  O   . HOH C 2 .  ? 9.292   4.993   2.150   1.00 48.41 ? 148 HOH A O   1 
HETATM 1388 O  O   . HOH C 2 .  ? 8.466   -13.060 -16.293 1.00 37.16 ? 149 HOH A O   1 
HETATM 1389 O  O   . HOH C 2 .  ? 2.017   16.230  -17.118 1.00 40.50 ? 150 HOH A O   1 
HETATM 1390 O  O   . HOH C 2 .  ? -1.600  16.434  -4.530  1.00 46.52 ? 151 HOH A O   1 
HETATM 1391 O  O   . HOH C 2 .  ? 25.753  19.553  -9.123  1.00 38.30 ? 152 HOH A O   1 
HETATM 1392 O  O   . HOH C 2 .  ? 21.172  17.898  -8.763  1.00 37.57 ? 153 HOH A O   1 
HETATM 1393 O  O   . HOH C 2 .  ? 5.945   -13.429 -15.058 1.00 71.49 ? 154 HOH A O   1 
HETATM 1394 O  O   . HOH C 2 .  ? 16.180  16.624  -5.880  1.00 45.13 ? 155 HOH A O   1 
HETATM 1395 O  O   . HOH C 2 .  ? -17.567 -6.952  -16.217 1.00 49.50 ? 156 HOH A O   1 
HETATM 1396 O  O   . HOH C 2 .  ? 10.718  -12.838 2.030   1.00 55.70 ? 157 HOH A O   1 
HETATM 1397 O  O   . HOH C 2 .  ? 17.615  -11.818 -2.899  1.00 47.31 ? 158 HOH A O   1 
HETATM 1398 O  O   . HOH C 2 .  ? 13.835  -20.550 -3.810  1.00 67.27 ? 159 HOH A O   1 
HETATM 1399 O  O   . HOH C 2 .  ? -11.920 1.415   -19.149 1.00 60.28 ? 160 HOH A O   1 
HETATM 1400 O  O   . HOH C 2 .  ? -15.998 -3.181  -15.177 1.00 72.56 ? 161 HOH A O   1 
HETATM 1401 O  O   . HOH C 2 .  ? -17.351 -9.144  -13.524 1.00 55.46 ? 162 HOH A O   1 
HETATM 1402 O  O   . HOH C 2 .  ? 12.665  -11.501 -1.878  1.00 46.80 ? 163 HOH A O   1 
HETATM 1403 O  O   . HOH C 2 .  ? 17.959  -17.217 -4.543  1.00 50.11 ? 164 HOH A O   1 
HETATM 1404 O  O   . HOH C 2 .  ? -5.326  -6.406  -20.684 1.00 44.48 ? 165 HOH A O   1 
HETATM 1405 O  O   . HOH C 2 .  ? 16.090  13.570  -3.421  1.00 47.83 ? 166 HOH A O   1 
HETATM 1406 O  O   . HOH C 2 .  ? 15.243  24.720  -12.001 1.00 47.05 ? 167 HOH A O   1 
HETATM 1407 O  O   . HOH C 2 .  ? 19.823  -5.763  -6.970  1.00 47.38 ? 168 HOH A O   1 
HETATM 1408 O  O   . HOH C 2 .  ? 10.775  -16.211 -16.459 1.00 53.77 ? 169 HOH A O   1 
HETATM 1409 O  O   . HOH C 2 .  ? 9.974   22.952  -8.265  1.00 59.49 ? 170 HOH A O   1 
HETATM 1410 O  O   . HOH C 2 .  ? 1.499   17.468  1.051   1.00 59.20 ? 171 HOH A O   1 
HETATM 1411 O  O   . HOH D 2 .  ? -7.219  -6.520  -0.600  1.00 26.25 ? 95  HOH B O   1 
HETATM 1412 O  O   . HOH D 2 .  ? -13.773 -3.484  21.383  1.00 31.24 ? 96  HOH B O   1 
HETATM 1413 O  O   . HOH D 2 .  ? -11.155 -7.019  18.189  1.00 47.73 ? 97  HOH B O   1 
HETATM 1414 O  O   . HOH D 2 .  ? -6.982  0.168   0.298   1.00 61.28 ? 98  HOH B O   1 
HETATM 1415 O  O   . HOH D 2 .  ? -2.850  -5.465  1.322   1.00 27.66 ? 99  HOH B O   1 
HETATM 1416 O  O   . HOH D 2 .  ? 4.764   -11.643 17.040  1.00 26.79 ? 100 HOH B O   1 
HETATM 1417 O  O   . HOH D 2 .  ? 4.326   -8.720  5.515   1.00 54.12 ? 101 HOH B O   1 
HETATM 1418 O  O   . HOH D 2 .  ? -8.564  6.924   -1.939  1.00 49.23 ? 102 HOH B O   1 
HETATM 1419 O  O   . HOH D 2 .  ? -8.368  6.846   3.553   1.00 23.01 ? 103 HOH B O   1 
HETATM 1420 O  O   . HOH D 2 .  ? -6.451  -7.020  14.224  1.00 47.61 ? 104 HOH B O   1 
HETATM 1421 O  O   . HOH D 2 .  ? -5.235  -7.609  0.269   1.00 23.60 ? 105 HOH B O   1 
HETATM 1422 O  O   . HOH D 2 .  ? 5.109   -10.319 12.366  1.00 40.56 ? 106 HOH B O   1 
HETATM 1423 O  O   . HOH D 2 .  ? 0.455   -12.695 0.978   1.00 54.77 ? 107 HOH B O   1 
HETATM 1424 O  O   . HOH D 2 .  ? -9.201  14.581  9.972   1.00 36.46 ? 108 HOH B O   1 
HETATM 1425 O  O   . HOH D 2 .  ? -2.711  -8.010  19.481  1.00 37.51 ? 109 HOH B O   1 
HETATM 1426 O  O   . HOH D 2 .  ? 1.137   -17.691 5.121   1.00 41.31 ? 110 HOH B O   1 
HETATM 1427 O  O   . HOH D 2 .  ? -4.418  -10.971 -0.562  1.00 44.37 ? 111 HOH B O   1 
HETATM 1428 O  O   . HOH D 2 .  ? -12.970 11.763  3.443   1.00 35.72 ? 112 HOH B O   1 
HETATM 1429 O  O   . HOH D 2 .  ? 0.647   -20.289 5.592   1.00 49.52 ? 113 HOH B O   1 
HETATM 1430 O  O   . HOH D 2 .  ? -2.076  -20.094 5.802   1.00 33.99 ? 114 HOH B O   1 
HETATM 1431 O  O   . HOH D 2 .  ? 4.407   12.616  11.532  1.00 40.58 ? 115 HOH B O   1 
HETATM 1432 O  O   . HOH D 2 .  ? 3.632   15.064  14.862  1.00 53.82 ? 116 HOH B O   1 
HETATM 1433 O  O   . HOH D 2 .  ? -5.834  15.651  11.133  1.00 48.05 ? 117 HOH B O   1 
HETATM 1434 O  O   . HOH D 2 .  ? -6.548  -15.225 20.828  1.00 46.38 ? 118 HOH B O   1 
HETATM 1435 O  O   . HOH D 2 .  ? -9.576  -23.888 15.208  1.00 39.55 ? 119 HOH B O   1 
HETATM 1436 O  O   . HOH D 2 .  ? 7.077   8.536   6.110   1.00 36.95 ? 120 HOH B O   1 
HETATM 1437 O  O   . HOH D 2 .  ? -10.340 -13.962 9.773   1.00 26.96 ? 121 HOH B O   1 
HETATM 1438 O  O   . HOH D 2 .  ? -18.169 -8.879  -2.863  1.00 33.28 ? 122 HOH B O   1 
HETATM 1439 O  O   . HOH D 2 .  ? -18.788 -6.409  -7.982  1.00 49.52 ? 123 HOH B O   1 
HETATM 1440 O  O   . HOH D 2 .  ? 10.092  -1.238  9.212   1.00 36.28 ? 124 HOH B O   1 
HETATM 1441 O  O   . HOH D 2 .  ? -0.829  -8.933  20.848  1.00 46.56 ? 125 HOH B O   1 
HETATM 1442 O  O   . HOH D 2 .  ? 0.822   -12.160 21.347  1.00 37.43 ? 126 HOH B O   1 
HETATM 1443 O  O   . HOH D 2 .  ? -10.701 10.098  5.165   1.00 38.32 ? 127 HOH B O   1 
HETATM 1444 O  O   . HOH D 2 .  ? -19.954 1.348   4.733   1.00 47.98 ? 128 HOH B O   1 
HETATM 1445 O  O   . HOH D 2 .  ? -9.974  -20.228 14.629  1.00 33.71 ? 129 HOH B O   1 
HETATM 1446 O  O   . HOH D 2 .  ? 0.544   12.241  14.185  1.00 37.77 ? 130 HOH B O   1 
HETATM 1447 O  O   . HOH D 2 .  ? -9.579  16.887  11.901  1.00 48.52 ? 131 HOH B O   1 
HETATM 1448 O  O   . HOH D 2 .  ? -7.863  21.019  12.130  1.00 49.74 ? 132 HOH B O   1 
HETATM 1449 O  O   . HOH D 2 .  ? -11.986 9.355   7.427   1.00 33.50 ? 133 HOH B O   1 
HETATM 1450 O  O   . HOH D 2 .  ? 6.280   -8.236  21.559  1.00 41.19 ? 134 HOH B O   1 
HETATM 1451 O  O   . HOH D 2 .  ? -7.053  -19.883 14.266  1.00 61.90 ? 135 HOH B O   1 
HETATM 1452 O  O   . HOH D 2 .  ? -4.314  -19.328 18.045  1.00 30.46 ? 136 HOH B O   1 
HETATM 1453 O  O   . HOH D 2 .  ? -1.448  -19.134 19.212  1.00 61.17 ? 137 HOH B O   1 
HETATM 1454 O  O   . HOH D 2 .  ? -4.301  -22.103 20.090  1.00 63.63 ? 138 HOH B O   1 
HETATM 1455 O  O   . HOH D 2 .  ? 11.225  11.687  12.968  1.00 54.99 ? 139 HOH B O   1 
HETATM 1456 O  O   . HOH D 2 .  ? -2.192  14.340  14.383  1.00 48.71 ? 140 HOH B O   1 
HETATM 1457 O  O   . HOH D 2 .  ? 3.644   -19.196 22.173  1.00 63.88 ? 141 HOH B O   1 
HETATM 1458 O  O   . HOH D 2 .  ? 11.981  6.094   14.453  1.00 40.56 ? 142 HOH B O   1 
HETATM 1459 O  O   . HOH D 2 .  ? -2.100  14.833  10.660  1.00 54.33 ? 143 HOH B O   1 
HETATM 1460 O  O   . HOH D 2 .  ? -15.759 10.928  5.898   1.00 48.96 ? 144 HOH B O   1 
HETATM 1461 O  O   . HOH D 2 .  ? -10.213 12.640  5.411   1.00 63.45 ? 145 HOH B O   1 
HETATM 1462 O  O   . HOH D 2 .  ? 5.915   -15.551 22.717  1.00 51.82 ? 146 HOH B O   1 
HETATM 1463 O  O   . HOH D 2 .  ? -19.030 3.070   18.954  1.00 60.00 ? 147 HOH B O   1 
HETATM 1464 O  O   . HOH D 2 .  ? 9.378   5.219   7.103   1.00 49.71 ? 148 HOH B O   1 
HETATM 1465 O  O   . HOH D 2 .  ? -7.716  -14.036 9.780   1.00 49.38 ? 149 HOH B O   1 
# 
